data_7U6L
#
_entry.id   7U6L
#
_cell.length_a   143.990
_cell.length_b   50.340
_cell.length_c   150.890
_cell.angle_alpha   90.000
_cell.angle_beta   107.900
_cell.angle_gamma   90.000
#
_symmetry.space_group_name_H-M   'P 1 21 1'
#
loop_
_entity.id
_entity.type
_entity.pdbx_description
1 polymer 'Amine oxidase'
2 non-polymer 'FLAVIN-ADENINE DINUCLEOTIDE'
3 water water
#
_entity_poly.entity_id   1
_entity_poly.type   'polypeptide(L)'
_entity_poly.pdbx_seq_one_letter_code
;SAVKTNVGPSRAGVGYDVIVIGGGFAGVTAAREASRSGLKTLILEGRSRLGGRTFTSKLQNQKVELGGTWVHWTQPNVWT
EIMHYGLEVEETVGLANPETVIWVTEDNVKRAPAAEAFEIFGSACNEYYKEARNIYPRPFEPFFERKKLQHVDGLSAADY
LEKLPLTREQKDMMDSWLSGNGHNYPETIAYSEIMRWFALSNFNMPTMFDSIARYKIKTGTHSLLEAIMADGNSEVKLST
PVTKVNQDKDKVTVTTEDGVFTASAVIVAVPINTLHDIEYSPKLSAAKVDMGSQRHAGAGVKGYIRVKQNVGNVMTYAPA
RNKLTPFTSVFTDHVDESGTLLIAFSADPKLIDINDIKAVEKALQPLLPGVEVTASYGYDWNLDPFSKGTWCTYRPNQTT
RYLTELQKREGRLFFAGSDMANGWRGFIDGAIENGREVGHQVATYLKRENDNA
;
_entity_poly.pdbx_strand_id   A,B,C,D
#
loop_
_chem_comp.id
_chem_comp.type
_chem_comp.name
_chem_comp.formula
FAD non-polymer 'FLAVIN-ADENINE DINUCLEOTIDE' 'C27 H33 N9 O15 P2'
#
# COMPACT_ATOMS: atom_id res chain seq x y z
N VAL A 14 24.15 -18.93 -11.75
CA VAL A 14 25.58 -19.25 -11.80
C VAL A 14 26.09 -19.21 -13.23
N GLY A 15 27.31 -18.69 -13.39
CA GLY A 15 27.91 -18.63 -14.72
C GLY A 15 28.55 -19.92 -15.16
N TYR A 16 29.01 -20.72 -14.22
CA TYR A 16 29.70 -21.96 -14.54
C TYR A 16 29.21 -23.08 -13.63
N ASP A 17 29.33 -24.32 -14.13
CA ASP A 17 29.13 -25.47 -13.27
C ASP A 17 30.32 -25.66 -12.34
N VAL A 18 31.53 -25.57 -12.89
CA VAL A 18 32.77 -25.83 -12.16
C VAL A 18 33.76 -24.71 -12.46
N ILE A 19 34.34 -24.15 -11.39
CA ILE A 19 35.51 -23.29 -11.51
C ILE A 19 36.68 -23.99 -10.84
N VAL A 20 37.80 -24.08 -11.55
CA VAL A 20 39.03 -24.70 -11.07
C VAL A 20 40.05 -23.59 -10.82
N ILE A 21 40.45 -23.42 -9.57
CA ILE A 21 41.51 -22.48 -9.21
C ILE A 21 42.84 -23.22 -9.23
N GLY A 22 43.68 -22.92 -10.22
CA GLY A 22 44.99 -23.53 -10.37
C GLY A 22 45.16 -24.36 -11.63
N GLY A 23 46.11 -23.99 -12.48
CA GLY A 23 46.33 -24.69 -13.72
C GLY A 23 47.58 -25.52 -13.76
N GLY A 24 47.89 -26.20 -12.67
CA GLY A 24 48.87 -27.25 -12.66
C GLY A 24 48.25 -28.53 -13.19
N PHE A 25 49.01 -29.61 -13.11
CA PHE A 25 48.49 -30.88 -13.62
C PHE A 25 47.22 -31.30 -12.88
N ALA A 26 47.16 -31.05 -11.57
CA ALA A 26 45.94 -31.39 -10.83
C ALA A 26 44.73 -30.62 -11.37
N GLY A 27 44.84 -29.30 -11.47
CA GLY A 27 43.72 -28.51 -11.94
C GLY A 27 43.37 -28.80 -13.38
N VAL A 28 44.37 -29.03 -14.23
CA VAL A 28 44.10 -29.32 -15.64
C VAL A 28 43.42 -30.68 -15.79
N THR A 29 43.88 -31.68 -15.05
CA THR A 29 43.27 -33.01 -15.11
C THR A 29 41.83 -32.96 -14.58
N ALA A 30 41.61 -32.25 -13.48
CA ALA A 30 40.25 -32.08 -12.96
C ALA A 30 39.37 -31.35 -13.97
N ALA A 31 39.89 -30.32 -14.63
CA ALA A 31 39.11 -29.59 -15.62
C ALA A 31 38.76 -30.48 -16.81
N ARG A 32 39.68 -31.36 -17.22
CA ARG A 32 39.36 -32.30 -18.29
C ARG A 32 38.25 -33.25 -17.86
N GLU A 33 38.39 -33.84 -16.68
CA GLU A 33 37.34 -34.72 -16.16
C GLU A 33 35.99 -34.02 -16.16
N ALA A 34 35.95 -32.78 -15.64
CA ALA A 34 34.68 -32.08 -15.47
C ALA A 34 34.08 -31.69 -16.83
N SER A 35 34.89 -31.07 -17.69
CA SER A 35 34.37 -30.63 -18.98
C SER A 35 33.96 -31.80 -19.86
N ARG A 36 34.71 -32.91 -19.82
CA ARG A 36 34.34 -34.06 -20.64
C ARG A 36 33.08 -34.76 -20.12
N SER A 37 32.67 -34.51 -18.89
CA SER A 37 31.42 -35.00 -18.36
C SER A 37 30.26 -34.07 -18.69
N GLY A 38 30.49 -33.05 -19.51
CA GLY A 38 29.45 -32.14 -19.95
C GLY A 38 29.30 -30.88 -19.14
N LEU A 39 30.14 -30.64 -18.13
CA LEU A 39 29.99 -29.47 -17.29
C LEU A 39 30.73 -28.26 -17.84
N LYS A 40 30.11 -27.08 -17.70
CA LYS A 40 30.72 -25.83 -18.15
C LYS A 40 31.77 -25.40 -17.13
N THR A 41 33.03 -25.42 -17.54
CA THR A 41 34.17 -25.31 -16.63
C THR A 41 35.06 -24.13 -17.02
N LEU A 42 35.53 -23.43 -15.99
CA LEU A 42 36.48 -22.33 -16.16
C LEU A 42 37.72 -22.59 -15.31
N ILE A 43 38.90 -22.41 -15.89
CA ILE A 43 40.16 -22.45 -15.15
C ILE A 43 40.60 -21.03 -14.90
N LEU A 44 40.89 -20.72 -13.63
CA LEU A 44 41.49 -19.45 -13.22
C LEU A 44 42.91 -19.75 -12.79
N GLU A 45 43.88 -19.14 -13.47
CA GLU A 45 45.28 -19.41 -13.22
C GLU A 45 46.02 -18.11 -12.88
N GLY A 46 46.76 -18.12 -11.77
CA GLY A 46 47.40 -16.91 -11.31
C GLY A 46 48.58 -16.50 -12.16
N ARG A 47 49.41 -17.47 -12.55
CA ARG A 47 50.56 -17.17 -13.41
C ARG A 47 50.09 -16.84 -14.83
N SER A 48 51.02 -16.36 -15.63
CA SER A 48 50.77 -16.12 -17.05
C SER A 48 50.94 -17.37 -17.91
N ARG A 49 50.95 -18.54 -17.29
CA ARG A 49 51.15 -19.79 -18.00
C ARG A 49 50.42 -20.88 -17.23
N LEU A 50 50.15 -21.99 -17.92
CA LEU A 50 49.71 -23.20 -17.27
C LEU A 50 50.93 -24.05 -16.93
N GLY A 51 50.74 -25.02 -16.03
CA GLY A 51 51.76 -25.99 -15.66
C GLY A 51 52.17 -25.93 -14.21
N GLY A 52 52.05 -24.77 -13.58
CA GLY A 52 52.36 -24.64 -12.16
C GLY A 52 53.80 -25.00 -11.84
N ARG A 53 53.97 -26.05 -11.02
CA ARG A 53 55.31 -26.48 -10.64
C ARG A 53 55.97 -27.37 -11.69
N THR A 54 55.37 -27.53 -12.87
CA THR A 54 56.09 -27.98 -14.05
C THR A 54 56.18 -26.80 -15.00
N PHE A 55 57.36 -26.60 -15.58
CA PHE A 55 57.62 -25.41 -16.38
C PHE A 55 58.65 -25.80 -17.42
N THR A 56 58.21 -26.02 -18.65
CA THR A 56 59.11 -26.32 -19.76
C THR A 56 59.51 -25.01 -20.41
N SER A 57 60.80 -24.73 -20.47
CA SER A 57 61.31 -23.48 -21.05
C SER A 57 62.50 -23.85 -21.93
N LYS A 58 63.22 -22.81 -22.39
CA LYS A 58 64.41 -23.01 -23.21
C LYS A 58 65.58 -22.27 -22.60
N LEU A 59 66.72 -22.94 -22.51
CA LEU A 59 67.97 -22.34 -22.05
C LEU A 59 68.97 -22.45 -23.18
N GLN A 60 69.23 -21.34 -23.85
CA GLN A 60 70.19 -21.31 -24.96
C GLN A 60 69.58 -21.92 -26.23
N LYS A 63 65.34 -26.42 -24.92
CA LYS A 63 64.19 -26.83 -24.11
C LYS A 63 64.65 -27.61 -22.88
N VAL A 64 64.32 -27.08 -21.70
CA VAL A 64 64.71 -27.66 -20.42
C VAL A 64 63.51 -27.60 -19.48
N GLU A 65 63.51 -28.49 -18.48
CA GLU A 65 62.44 -28.54 -17.47
C GLU A 65 62.91 -27.78 -16.23
N LEU A 66 62.27 -26.66 -15.94
CA LEU A 66 62.65 -25.89 -14.76
C LEU A 66 62.02 -26.40 -13.49
N GLY A 67 61.09 -27.36 -13.58
CA GLY A 67 60.50 -27.94 -12.39
C GLY A 67 60.38 -29.45 -12.49
N GLY A 68 59.17 -29.96 -12.26
CA GLY A 68 58.92 -31.39 -12.33
C GLY A 68 59.39 -31.99 -13.63
N THR A 69 60.04 -33.14 -13.56
CA THR A 69 60.72 -33.68 -14.73
C THR A 69 60.50 -35.18 -14.95
N TRP A 70 60.77 -35.99 -13.93
CA TRP A 70 60.94 -37.42 -14.13
C TRP A 70 59.67 -38.20 -13.83
N VAL A 71 59.48 -39.26 -14.59
CA VAL A 71 58.28 -40.11 -14.56
C VAL A 71 58.74 -41.55 -14.74
N HIS A 72 57.83 -42.48 -14.46
CA HIS A 72 58.14 -43.90 -14.58
C HIS A 72 56.83 -44.67 -14.66
N TRP A 73 56.90 -45.92 -15.14
CA TRP A 73 55.67 -46.69 -15.21
C TRP A 73 55.26 -47.30 -13.88
N THR A 74 56.03 -47.10 -12.80
CA THR A 74 55.50 -47.37 -11.46
C THR A 74 54.50 -46.31 -11.02
N GLN A 75 54.24 -45.31 -11.84
CA GLN A 75 53.32 -44.23 -11.52
C GLN A 75 52.11 -44.35 -12.43
N PRO A 76 51.02 -44.95 -11.97
CA PRO A 76 49.95 -45.35 -12.90
C PRO A 76 49.37 -44.22 -13.73
N ASN A 77 49.10 -43.07 -13.13
CA ASN A 77 48.37 -42.02 -13.85
C ASN A 77 49.26 -41.36 -14.91
N VAL A 78 50.46 -40.90 -14.55
CA VAL A 78 51.26 -40.18 -15.53
C VAL A 78 51.65 -41.10 -16.68
N TRP A 79 51.95 -42.37 -16.37
CA TRP A 79 52.25 -43.31 -17.45
C TRP A 79 51.02 -43.59 -18.30
N THR A 80 49.86 -43.77 -17.66
CA THR A 80 48.62 -43.94 -18.41
C THR A 80 48.46 -42.80 -19.41
N GLU A 81 48.67 -41.56 -18.96
CA GLU A 81 48.45 -40.42 -19.85
C GLU A 81 49.50 -40.36 -20.95
N ILE A 82 50.76 -40.62 -20.61
CA ILE A 82 51.83 -40.63 -21.62
C ILE A 82 51.47 -41.59 -22.75
N MET A 83 51.07 -42.80 -22.40
CA MET A 83 50.71 -43.75 -23.45
C MET A 83 49.43 -43.33 -24.16
N HIS A 84 48.47 -42.80 -23.39
CA HIS A 84 47.23 -42.27 -23.95
C HIS A 84 47.50 -41.35 -25.13
N TYR A 85 48.52 -40.51 -25.03
CA TYR A 85 48.77 -39.50 -26.05
C TYR A 85 49.98 -39.81 -26.94
N GLY A 86 50.56 -41.00 -26.83
CA GLY A 86 51.65 -41.36 -27.72
C GLY A 86 52.92 -40.57 -27.52
N LEU A 87 53.18 -40.12 -26.31
CA LEU A 87 54.43 -39.43 -26.02
C LEU A 87 55.54 -40.45 -25.79
N GLU A 88 56.79 -39.96 -25.83
CA GLU A 88 57.97 -40.79 -25.71
C GLU A 88 58.86 -40.26 -24.59
N VAL A 89 59.75 -41.11 -24.09
CA VAL A 89 60.63 -40.73 -23.00
C VAL A 89 62.09 -40.92 -23.39
N GLU A 90 62.94 -40.09 -22.79
CA GLU A 90 64.39 -40.16 -22.81
C GLU A 90 64.91 -40.47 -21.41
N GLU A 91 66.24 -40.60 -21.29
CA GLU A 91 66.90 -41.04 -20.07
C GLU A 91 67.86 -39.99 -19.53
N THR A 92 67.80 -39.77 -18.22
CA THR A 92 68.88 -39.17 -17.46
C THR A 92 69.81 -40.28 -16.97
N VAL A 93 71.12 -40.10 -17.15
CA VAL A 93 72.03 -41.23 -16.97
C VAL A 93 72.62 -41.31 -15.55
N GLY A 94 72.77 -40.17 -14.87
CA GLY A 94 73.66 -40.12 -13.72
C GLY A 94 73.20 -40.92 -12.51
N LEU A 95 71.91 -40.82 -12.15
CA LEU A 95 71.47 -41.42 -10.90
C LEU A 95 71.26 -42.92 -11.02
N ALA A 96 70.63 -43.36 -12.11
CA ALA A 96 70.27 -44.76 -12.23
C ALA A 96 71.42 -45.64 -12.68
N ASN A 97 72.37 -45.10 -13.45
CA ASN A 97 73.47 -45.90 -13.99
C ASN A 97 74.76 -45.09 -14.03
N PRO A 98 75.27 -44.67 -12.88
CA PRO A 98 76.54 -43.95 -12.85
C PRO A 98 77.72 -44.91 -13.02
N GLU A 99 78.83 -44.33 -13.43
CA GLU A 99 80.11 -45.05 -13.46
C GLU A 99 80.91 -44.85 -12.18
N THR A 100 80.92 -43.63 -11.65
CA THR A 100 81.64 -43.31 -10.43
C THR A 100 80.69 -42.69 -9.40
N VAL A 101 80.88 -43.09 -8.14
CA VAL A 101 80.12 -42.53 -7.04
C VAL A 101 81.10 -41.79 -6.13
N ILE A 102 80.75 -40.54 -5.83
CA ILE A 102 81.51 -39.68 -4.94
C ILE A 102 80.64 -39.40 -3.73
N TRP A 103 81.21 -39.48 -2.53
CA TRP A 103 80.42 -39.22 -1.35
C TRP A 103 81.26 -38.58 -0.26
N VAL A 104 80.61 -37.78 0.56
CA VAL A 104 81.26 -37.02 1.62
C VAL A 104 80.87 -37.66 2.95
N THR A 105 81.88 -38.11 3.70
CA THR A 105 81.64 -38.65 5.03
C THR A 105 82.65 -38.05 5.99
N GLU A 106 82.15 -37.54 7.11
CA GLU A 106 83.01 -36.91 8.12
C GLU A 106 83.91 -35.85 7.47
N ASP A 107 83.31 -35.07 6.56
CA ASP A 107 83.97 -33.95 5.89
C ASP A 107 85.19 -34.38 5.08
N ASN A 108 85.27 -35.66 4.71
CA ASN A 108 86.24 -36.14 3.75
C ASN A 108 85.50 -36.63 2.50
N VAL A 109 86.18 -36.60 1.37
CA VAL A 109 85.58 -36.97 0.09
C VAL A 109 86.16 -38.31 -0.36
N LYS A 110 85.26 -39.27 -0.59
CA LYS A 110 85.63 -40.58 -1.11
C LYS A 110 85.02 -40.77 -2.50
N ARG A 111 85.69 -41.56 -3.32
CA ARG A 111 85.24 -41.86 -4.66
C ARG A 111 85.51 -43.32 -4.96
N ALA A 112 84.58 -43.98 -5.65
CA ALA A 112 84.74 -45.40 -5.90
C ALA A 112 83.87 -45.81 -7.08
N PRO A 113 84.18 -46.94 -7.71
CA PRO A 113 83.29 -47.49 -8.74
C PRO A 113 81.88 -47.69 -8.19
N ALA A 114 80.89 -47.36 -9.02
CA ALA A 114 79.50 -47.34 -8.57
C ALA A 114 79.13 -48.61 -7.80
N ALA A 115 79.56 -49.78 -8.26
CA ALA A 115 79.23 -51.02 -7.57
C ALA A 115 79.78 -51.03 -6.16
N GLU A 116 81.01 -50.55 -6.00
CA GLU A 116 81.66 -50.53 -4.70
C GLU A 116 80.93 -49.59 -3.74
N ALA A 117 80.60 -48.38 -4.19
CA ALA A 117 79.85 -47.45 -3.36
C ALA A 117 78.47 -48.00 -3.02
N PHE A 118 77.81 -48.63 -4.00
CA PHE A 118 76.46 -49.10 -3.76
C PHE A 118 76.44 -50.31 -2.83
N GLU A 119 77.55 -51.03 -2.67
CA GLU A 119 77.59 -51.99 -1.57
C GLU A 119 77.26 -51.30 -0.24
N ILE A 120 78.02 -50.25 0.08
CA ILE A 120 77.81 -49.50 1.32
C ILE A 120 76.40 -48.94 1.38
N PHE A 121 76.02 -48.18 0.35
CA PHE A 121 74.75 -47.47 0.38
C PHE A 121 73.58 -48.45 0.44
N GLY A 122 73.68 -49.59 -0.24
CA GLY A 122 72.60 -50.54 -0.25
C GLY A 122 72.48 -51.31 1.05
N SER A 123 73.60 -51.61 1.71
CA SER A 123 73.47 -52.17 3.04
C SER A 123 72.78 -51.18 3.98
N ALA A 124 73.19 -49.92 3.92
CA ALA A 124 72.52 -48.89 4.71
C ALA A 124 71.03 -48.87 4.40
N CYS A 125 70.66 -48.95 3.11
CA CYS A 125 69.25 -48.93 2.73
C CYS A 125 68.52 -50.13 3.28
N ASN A 126 69.12 -51.32 3.19
CA ASN A 126 68.50 -52.51 3.76
C ASN A 126 68.15 -52.27 5.21
N GLU A 127 69.02 -51.56 5.93
CA GLU A 127 68.68 -51.28 7.31
C GLU A 127 67.55 -50.24 7.40
N TYR A 128 67.64 -49.18 6.60
CA TYR A 128 66.74 -48.03 6.79
C TYR A 128 65.31 -48.33 6.35
N TYR A 129 65.12 -49.23 5.38
CA TYR A 129 63.81 -49.49 4.82
C TYR A 129 63.18 -50.78 5.34
N LYS A 130 63.76 -51.40 6.37
CA LYS A 130 63.30 -52.72 6.77
C LYS A 130 61.83 -52.76 7.15
N GLU A 131 61.22 -51.62 7.53
CA GLU A 131 59.84 -51.63 7.98
C GLU A 131 58.85 -51.10 6.94
N ALA A 132 59.33 -50.74 5.75
CA ALA A 132 58.43 -50.19 4.73
C ALA A 132 57.26 -51.14 4.43
N ARG A 133 57.53 -52.44 4.30
CA ARG A 133 56.46 -53.37 3.96
C ARG A 133 55.41 -53.43 5.06
N ASN A 134 55.83 -53.26 6.31
CA ASN A 134 54.88 -53.34 7.42
C ASN A 134 54.03 -52.07 7.51
N ILE A 135 54.58 -50.94 7.09
CA ILE A 135 53.88 -49.66 7.23
C ILE A 135 52.97 -49.38 6.05
N TYR A 136 53.46 -49.60 4.82
CA TYR A 136 52.72 -49.29 3.60
C TYR A 136 52.63 -50.49 2.68
N PRO A 137 51.97 -51.56 3.12
CA PRO A 137 51.76 -52.72 2.23
C PRO A 137 51.02 -52.36 0.95
N ARG A 138 50.11 -51.38 1.02
CA ARG A 138 49.36 -50.89 -0.13
C ARG A 138 49.68 -49.41 -0.27
N PRO A 139 50.70 -49.04 -1.04
CA PRO A 139 51.16 -47.64 -1.03
C PRO A 139 50.10 -46.66 -1.51
N PHE A 140 49.10 -47.10 -2.28
CA PHE A 140 48.04 -46.23 -2.74
C PHE A 140 46.85 -46.18 -1.77
N GLU A 141 46.95 -46.87 -0.63
CA GLU A 141 45.93 -46.88 0.41
C GLU A 141 46.62 -46.43 1.69
N PRO A 142 46.81 -45.12 1.88
CA PRO A 142 47.69 -44.66 2.96
C PRO A 142 47.37 -45.23 4.33
N PHE A 143 46.09 -45.39 4.68
CA PHE A 143 45.73 -45.74 6.03
C PHE A 143 45.29 -47.20 6.17
N PHE A 144 45.69 -48.05 5.22
CA PHE A 144 45.49 -49.49 5.34
C PHE A 144 46.03 -50.01 6.67
N GLU A 145 47.19 -49.52 7.09
CA GLU A 145 47.75 -49.87 8.39
C GLU A 145 47.76 -48.64 9.29
N ARG A 146 46.59 -48.08 9.57
CA ARG A 146 46.52 -46.82 10.32
C ARG A 146 47.31 -46.90 11.61
N LYS A 147 47.11 -47.96 12.41
CA LYS A 147 47.80 -48.03 13.69
C LYS A 147 49.32 -48.08 13.51
N LYS A 148 49.79 -48.97 12.62
CA LYS A 148 51.23 -49.11 12.43
C LYS A 148 51.85 -47.81 11.94
N LEU A 149 51.14 -47.08 11.08
CA LEU A 149 51.66 -45.81 10.58
C LEU A 149 51.63 -44.74 11.66
N GLN A 150 50.54 -44.68 12.43
CA GLN A 150 50.45 -43.71 13.51
C GLN A 150 51.57 -43.89 14.52
N HIS A 151 51.97 -45.15 14.77
CA HIS A 151 53.01 -45.35 15.77
C HIS A 151 54.34 -44.72 15.35
N VAL A 152 54.61 -44.62 14.04
CA VAL A 152 55.89 -44.14 13.58
C VAL A 152 55.84 -42.73 13.01
N ASP A 153 54.65 -42.18 12.77
CA ASP A 153 54.55 -40.93 12.02
C ASP A 153 55.20 -39.75 12.75
N GLY A 154 55.48 -39.89 14.04
CA GLY A 154 56.16 -38.81 14.74
C GLY A 154 57.64 -38.72 14.50
N LEU A 155 58.21 -39.68 13.78
CA LEU A 155 59.65 -39.76 13.55
C LEU A 155 60.06 -38.93 12.34
N SER A 156 61.14 -38.19 12.48
CA SER A 156 61.82 -37.57 11.36
C SER A 156 62.75 -38.60 10.71
N ALA A 157 63.19 -38.30 9.48
CA ALA A 157 64.15 -39.20 8.84
C ALA A 157 65.42 -39.32 9.68
N ALA A 158 65.84 -38.23 10.32
CA ALA A 158 67.04 -38.26 11.15
C ALA A 158 66.80 -39.04 12.44
N ASP A 159 65.66 -38.80 13.09
CA ASP A 159 65.32 -39.56 14.29
C ASP A 159 65.48 -41.05 14.05
N TYR A 160 64.91 -41.55 12.95
CA TYR A 160 65.00 -42.98 12.65
C TYR A 160 66.43 -43.37 12.32
N LEU A 161 67.11 -42.58 11.49
CA LEU A 161 68.48 -42.93 11.10
C LEU A 161 69.34 -43.18 12.32
N GLU A 162 69.23 -42.31 13.33
CA GLU A 162 70.13 -42.43 14.47
C GLU A 162 69.84 -43.66 15.32
N LYS A 163 68.67 -44.27 15.16
CA LYS A 163 68.40 -45.51 15.89
C LYS A 163 69.03 -46.72 15.22
N LEU A 164 69.67 -46.54 14.01
CA LEU A 164 70.07 -47.71 13.22
C LEU A 164 71.52 -48.12 13.51
N PRO A 165 71.83 -49.41 13.32
CA PRO A 165 73.19 -49.94 13.51
C PRO A 165 74.07 -49.80 12.27
N LEU A 166 74.46 -48.58 11.95
CA LEU A 166 75.24 -48.30 10.75
C LEU A 166 76.50 -47.53 11.11
N THR A 167 77.52 -47.67 10.26
CA THR A 167 78.70 -46.84 10.44
C THR A 167 78.34 -45.38 10.13
N ARG A 168 79.18 -44.47 10.60
CA ARG A 168 78.90 -43.05 10.32
C ARG A 168 78.85 -42.80 8.81
N GLU A 169 79.68 -43.52 8.05
CA GLU A 169 79.67 -43.36 6.59
C GLU A 169 78.32 -43.72 6.00
N GLN A 170 77.77 -44.86 6.42
CA GLN A 170 76.44 -45.26 5.97
C GLN A 170 75.39 -44.22 6.34
N LYS A 171 75.47 -43.70 7.57
CA LYS A 171 74.53 -42.67 8.01
C LYS A 171 74.66 -41.41 7.16
N ASP A 172 75.89 -41.08 6.74
CA ASP A 172 76.10 -39.87 5.95
C ASP A 172 75.53 -40.02 4.54
N MET A 173 75.72 -41.20 3.94
CA MET A 173 75.10 -41.46 2.64
C MET A 173 73.58 -41.44 2.75
N MET A 174 73.03 -42.07 3.78
CA MET A 174 71.59 -42.03 3.97
C MET A 174 71.11 -40.60 4.19
N ASP A 175 71.86 -39.80 4.95
CA ASP A 175 71.51 -38.39 5.14
C ASP A 175 71.42 -37.68 3.79
N SER A 176 72.45 -37.83 2.97
CA SER A 176 72.39 -37.26 1.63
C SER A 176 71.12 -37.67 0.91
N TRP A 177 70.83 -38.97 0.92
CA TRP A 177 69.67 -39.49 0.18
C TRP A 177 68.35 -38.96 0.74
N LEU A 178 68.16 -39.01 2.05
CA LEU A 178 66.90 -38.58 2.65
C LEU A 178 66.69 -37.08 2.47
N SER A 179 67.75 -36.29 2.64
CA SER A 179 67.66 -34.86 2.41
C SER A 179 67.32 -34.56 0.95
N GLY A 180 67.87 -35.36 0.04
CA GLY A 180 67.48 -35.23 -1.36
C GLY A 180 66.01 -35.51 -1.57
N ASN A 181 65.50 -36.57 -0.93
CA ASN A 181 64.10 -36.94 -1.12
C ASN A 181 63.17 -35.85 -0.59
N GLY A 182 63.40 -35.41 0.65
CA GLY A 182 62.54 -34.42 1.25
C GLY A 182 62.80 -32.99 0.80
N HIS A 183 63.96 -32.74 0.20
CA HIS A 183 64.37 -31.39 -0.21
C HIS A 183 64.43 -30.46 0.99
N ASN A 184 65.07 -30.94 2.06
CA ASN A 184 65.23 -30.19 3.30
C ASN A 184 66.18 -30.97 4.19
N TYR A 185 66.50 -30.40 5.35
CA TYR A 185 67.31 -31.13 6.31
C TYR A 185 66.53 -32.33 6.84
N PRO A 186 67.22 -33.43 7.15
CA PRO A 186 66.53 -34.69 7.43
C PRO A 186 65.64 -34.66 8.66
N GLU A 187 65.87 -33.73 9.59
CA GLU A 187 65.03 -33.67 10.78
C GLU A 187 63.70 -32.99 10.54
N THR A 188 63.51 -32.37 9.37
CA THR A 188 62.23 -31.79 9.00
C THR A 188 61.36 -32.74 8.17
N ILE A 189 61.93 -33.82 7.66
CA ILE A 189 61.25 -34.72 6.75
C ILE A 189 60.71 -35.90 7.55
N ALA A 190 59.49 -36.32 7.25
CA ALA A 190 58.89 -37.44 7.95
C ALA A 190 59.50 -38.76 7.49
N TYR A 191 59.91 -39.59 8.45
CA TYR A 191 60.40 -40.93 8.15
C TYR A 191 59.37 -41.75 7.39
N SER A 192 58.09 -41.62 7.75
CA SER A 192 57.05 -42.38 7.08
C SER A 192 56.97 -42.03 5.61
N GLU A 193 57.30 -40.78 5.24
CA GLU A 193 57.30 -40.39 3.83
C GLU A 193 58.43 -41.10 3.06
N ILE A 194 59.60 -41.24 3.68
CA ILE A 194 60.68 -42.03 3.09
C ILE A 194 60.21 -43.46 2.85
N MET A 195 59.55 -44.05 3.85
CA MET A 195 59.00 -45.39 3.67
C MET A 195 58.00 -45.41 2.51
N ARG A 196 57.19 -44.36 2.39
CA ARG A 196 56.19 -44.30 1.32
C ARG A 196 56.85 -44.36 -0.05
N TRP A 197 57.90 -43.57 -0.26
CA TRP A 197 58.61 -43.65 -1.54
C TRP A 197 59.07 -45.08 -1.82
N PHE A 198 59.75 -45.69 -0.83
CA PHE A 198 60.22 -47.06 -1.02
C PHE A 198 59.09 -48.00 -1.41
N ALA A 199 57.94 -47.91 -0.73
CA ALA A 199 56.83 -48.82 -1.01
C ALA A 199 56.23 -48.57 -2.37
N LEU A 200 56.19 -47.30 -2.79
CA LEU A 200 55.71 -46.98 -4.13
C LEU A 200 56.62 -47.53 -5.20
N SER A 201 57.91 -47.74 -4.88
CA SER A 201 58.86 -48.31 -5.82
C SER A 201 58.93 -49.83 -5.75
N ASN A 202 57.89 -50.48 -5.24
CA ASN A 202 57.86 -51.94 -5.12
C ASN A 202 58.99 -52.45 -4.22
N PHE A 203 59.25 -51.73 -3.13
CA PHE A 203 60.18 -52.17 -2.10
C PHE A 203 61.50 -52.63 -2.72
N ASN A 204 61.99 -51.85 -3.69
CA ASN A 204 63.19 -52.19 -4.41
C ASN A 204 63.98 -50.94 -4.73
N MET A 205 65.26 -50.93 -4.35
CA MET A 205 66.10 -49.75 -4.48
C MET A 205 66.36 -49.42 -5.94
N PRO A 206 66.67 -50.41 -6.77
CA PRO A 206 66.83 -50.11 -8.21
C PRO A 206 65.57 -49.54 -8.84
N THR A 207 64.41 -50.09 -8.51
CA THR A 207 63.16 -49.54 -9.01
C THR A 207 62.94 -48.12 -8.50
N MET A 208 63.38 -47.83 -7.28
CA MET A 208 63.28 -46.47 -6.76
C MET A 208 64.14 -45.51 -7.57
N PHE A 209 65.40 -45.89 -7.82
CA PHE A 209 66.26 -45.04 -8.65
C PHE A 209 65.65 -44.82 -10.01
N ASP A 210 65.10 -45.87 -10.62
CA ASP A 210 64.50 -45.71 -11.94
C ASP A 210 63.26 -44.84 -11.88
N SER A 211 62.52 -44.87 -10.76
CA SER A 211 61.28 -44.11 -10.69
C SER A 211 61.52 -42.62 -10.47
N ILE A 212 62.55 -42.25 -9.70
CA ILE A 212 62.65 -40.86 -9.29
C ILE A 212 63.57 -39.99 -10.16
N ALA A 213 64.50 -40.57 -10.92
CA ALA A 213 65.34 -39.70 -11.73
C ALA A 213 65.96 -40.40 -12.93
N ARG A 214 65.15 -40.78 -13.91
CA ARG A 214 65.71 -41.46 -15.07
C ARG A 214 64.99 -41.12 -16.37
N TYR A 215 63.68 -41.30 -16.40
CA TYR A 215 62.91 -41.13 -17.63
C TYR A 215 62.17 -39.79 -17.60
N LYS A 216 62.27 -39.05 -18.71
CA LYS A 216 61.63 -37.76 -18.87
C LYS A 216 60.96 -37.70 -20.23
N ILE A 217 59.86 -36.97 -20.33
CA ILE A 217 59.11 -36.93 -21.57
C ILE A 217 59.93 -36.25 -22.66
N LYS A 218 60.15 -36.96 -23.77
CA LYS A 218 60.97 -36.43 -24.85
C LYS A 218 60.54 -35.04 -25.27
N THR A 219 59.23 -34.80 -25.36
CA THR A 219 58.71 -33.52 -25.83
C THR A 219 58.38 -32.54 -24.71
N GLY A 220 58.77 -32.86 -23.49
CA GLY A 220 58.56 -31.98 -22.34
C GLY A 220 57.22 -32.18 -21.67
N THR A 221 57.20 -31.92 -20.37
CA THR A 221 55.97 -32.04 -19.60
C THR A 221 54.86 -31.17 -20.17
N HIS A 222 55.21 -30.01 -20.73
CA HIS A 222 54.22 -29.11 -21.32
C HIS A 222 53.46 -29.78 -22.46
N SER A 223 54.10 -30.68 -23.21
CA SER A 223 53.40 -31.37 -24.28
C SER A 223 52.29 -32.26 -23.72
N LEU A 224 52.57 -32.96 -22.62
CA LEU A 224 51.54 -33.76 -21.96
C LEU A 224 50.43 -32.88 -21.39
N LEU A 225 50.82 -31.82 -20.68
CA LEU A 225 49.83 -30.89 -20.14
C LEU A 225 48.90 -30.39 -21.25
N GLU A 226 49.47 -30.06 -22.41
CA GLU A 226 48.69 -29.53 -23.52
C GLU A 226 47.79 -30.59 -24.12
N ALA A 227 48.28 -31.83 -24.23
CA ALA A 227 47.42 -32.90 -24.73
C ALA A 227 46.20 -33.08 -23.84
N ILE A 228 46.41 -33.06 -22.52
CA ILE A 228 45.29 -33.17 -21.60
C ILE A 228 44.33 -31.99 -21.77
N MET A 229 44.87 -30.77 -21.86
CA MET A 229 43.99 -29.60 -22.03
C MET A 229 43.18 -29.70 -23.31
N ALA A 230 43.83 -30.07 -24.41
CA ALA A 230 43.14 -30.19 -25.69
C ALA A 230 42.08 -31.29 -25.62
N ASP A 231 42.29 -32.30 -24.78
CA ASP A 231 41.31 -33.35 -24.62
C ASP A 231 40.06 -32.87 -23.89
N GLY A 232 40.14 -31.73 -23.21
CA GLY A 232 39.03 -31.17 -22.48
C GLY A 232 38.35 -30.04 -23.23
N ASN A 233 37.40 -29.40 -22.54
CA ASN A 233 36.62 -28.31 -23.13
C ASN A 233 36.37 -27.24 -22.08
N SER A 234 37.44 -26.72 -21.48
CA SER A 234 37.35 -25.74 -20.40
C SER A 234 37.85 -24.39 -20.87
N GLU A 235 37.19 -23.34 -20.39
CA GLU A 235 37.71 -21.98 -20.54
C GLU A 235 38.92 -21.78 -19.64
N VAL A 236 39.82 -20.88 -20.06
CA VAL A 236 41.04 -20.62 -19.32
C VAL A 236 41.29 -19.12 -19.27
N LYS A 237 41.54 -18.60 -18.07
CA LYS A 237 41.98 -17.22 -17.88
C LYS A 237 43.30 -17.24 -17.13
N LEU A 238 44.39 -16.90 -17.84
CA LEU A 238 45.70 -16.77 -17.24
C LEU A 238 45.88 -15.37 -16.64
N SER A 239 46.94 -15.19 -15.87
CA SER A 239 47.25 -13.89 -15.27
C SER A 239 46.05 -13.35 -14.48
N THR A 240 45.31 -14.27 -13.84
CA THR A 240 44.08 -13.92 -13.12
C THR A 240 44.13 -14.53 -11.73
N PRO A 241 44.91 -13.94 -10.82
CA PRO A 241 45.00 -14.50 -9.46
C PRO A 241 43.67 -14.41 -8.73
N VAL A 242 43.30 -15.50 -8.06
CA VAL A 242 42.10 -15.52 -7.24
C VAL A 242 42.45 -14.94 -5.87
N THR A 243 41.55 -14.13 -5.33
CA THR A 243 41.75 -13.45 -4.05
C THR A 243 40.75 -13.85 -2.98
N LYS A 244 39.50 -14.09 -3.36
CA LYS A 244 38.48 -14.42 -2.38
C LYS A 244 37.59 -15.52 -2.93
N VAL A 245 37.16 -16.40 -2.05
CA VAL A 245 36.19 -17.44 -2.35
C VAL A 245 35.09 -17.35 -1.31
N ASN A 246 33.87 -17.12 -1.76
CA ASN A 246 32.70 -17.02 -0.91
C ASN A 246 31.73 -18.12 -1.33
N GLN A 247 31.19 -18.82 -0.34
CA GLN A 247 30.35 -19.98 -0.57
C GLN A 247 29.00 -19.77 0.10
N ASP A 248 27.92 -20.05 -0.64
CA ASP A 248 26.60 -20.11 -0.02
C ASP A 248 25.94 -21.45 -0.33
N LYS A 249 24.66 -21.59 0.00
CA LYS A 249 23.99 -22.88 -0.19
C LYS A 249 23.82 -23.25 -1.65
N ASP A 250 23.92 -22.27 -2.56
CA ASP A 250 23.62 -22.46 -3.97
C ASP A 250 24.85 -22.37 -4.87
N LYS A 251 25.83 -21.55 -4.50
CA LYS A 251 26.92 -21.22 -5.40
C LYS A 251 28.16 -20.85 -4.61
N VAL A 252 29.25 -20.72 -5.36
CA VAL A 252 30.51 -20.17 -4.91
C VAL A 252 30.80 -18.94 -5.76
N THR A 253 31.19 -17.85 -5.10
CA THR A 253 31.61 -16.63 -5.78
C THR A 253 33.13 -16.52 -5.63
N VAL A 254 33.82 -16.56 -6.76
CA VAL A 254 35.27 -16.47 -6.82
C VAL A 254 35.63 -15.08 -7.32
N THR A 255 36.29 -14.31 -6.47
CA THR A 255 36.71 -12.96 -6.81
C THR A 255 38.17 -12.98 -7.22
N THR A 256 38.49 -12.27 -8.30
CA THR A 256 39.84 -12.19 -8.82
C THR A 256 40.22 -10.72 -9.00
N GLU A 257 41.48 -10.49 -9.35
CA GLU A 257 41.89 -9.14 -9.70
C GLU A 257 41.22 -8.65 -10.98
N ASP A 258 40.73 -9.56 -11.82
CA ASP A 258 40.15 -9.20 -13.11
C ASP A 258 38.79 -9.89 -13.30
N GLY A 259 37.87 -9.64 -12.39
CA GLY A 259 36.50 -10.08 -12.51
C GLY A 259 36.06 -10.97 -11.37
N VAL A 260 34.75 -11.18 -11.32
CA VAL A 260 34.09 -12.03 -10.34
C VAL A 260 33.28 -13.08 -11.09
N PHE A 261 33.39 -14.33 -10.66
CA PHE A 261 32.72 -15.44 -11.34
C PHE A 261 31.98 -16.29 -10.34
N THR A 262 30.91 -16.95 -10.80
CA THR A 262 30.12 -17.81 -9.93
C THR A 262 30.01 -19.19 -10.52
N ALA A 263 30.00 -20.19 -9.64
CA ALA A 263 29.92 -21.57 -10.10
C ALA A 263 29.20 -22.41 -9.05
N SER A 264 28.67 -23.55 -9.50
CA SER A 264 28.00 -24.47 -8.58
C SER A 264 29.01 -25.20 -7.70
N ALA A 265 30.21 -25.42 -8.21
CA ALA A 265 31.25 -26.10 -7.45
C ALA A 265 32.60 -25.55 -7.87
N VAL A 266 33.51 -25.48 -6.92
CA VAL A 266 34.84 -24.95 -7.15
C VAL A 266 35.86 -25.97 -6.67
N ILE A 267 36.83 -26.26 -7.52
CA ILE A 267 37.95 -27.14 -7.22
C ILE A 267 39.15 -26.27 -6.91
N VAL A 268 39.53 -26.23 -5.64
CA VAL A 268 40.72 -25.50 -5.22
C VAL A 268 41.93 -26.38 -5.48
N ALA A 269 42.69 -26.06 -6.52
CA ALA A 269 43.86 -26.87 -6.87
C ALA A 269 45.14 -26.06 -6.80
N VAL A 270 45.38 -25.42 -5.65
CA VAL A 270 46.56 -24.58 -5.42
C VAL A 270 47.53 -25.30 -4.49
N PRO A 271 48.81 -24.91 -4.44
CA PRO A 271 49.73 -25.57 -3.49
C PRO A 271 49.27 -25.32 -2.06
N ILE A 272 49.34 -26.38 -1.23
CA ILE A 272 48.88 -26.25 0.15
C ILE A 272 49.62 -25.12 0.86
N ASN A 273 50.91 -24.95 0.53
CA ASN A 273 51.72 -23.89 1.11
C ASN A 273 51.18 -22.50 0.82
N THR A 274 50.26 -22.38 -0.14
CA THR A 274 49.65 -21.09 -0.48
C THR A 274 48.24 -20.92 0.06
N LEU A 275 47.75 -21.87 0.87
CA LEU A 275 46.33 -21.83 1.23
C LEU A 275 45.95 -20.50 1.89
N HIS A 276 46.83 -19.96 2.74
CA HIS A 276 46.54 -18.70 3.44
C HIS A 276 46.27 -17.55 2.48
N ASP A 277 46.71 -17.67 1.23
CA ASP A 277 46.73 -16.54 0.31
C ASP A 277 45.36 -16.19 -0.29
N ILE A 278 44.33 -16.98 -0.04
CA ILE A 278 42.97 -16.65 -0.47
C ILE A 278 42.08 -16.47 0.75
N GLU A 279 41.14 -15.52 0.68
CA GLU A 279 40.21 -15.29 1.78
C GLU A 279 38.98 -16.15 1.54
N TYR A 280 38.70 -17.06 2.46
CA TYR A 280 37.61 -18.02 2.35
C TYR A 280 36.49 -17.66 3.32
N SER A 281 35.25 -17.63 2.83
CA SER A 281 34.09 -17.45 3.69
C SER A 281 33.05 -18.49 3.32
N PRO A 282 32.73 -19.43 4.21
CA PRO A 282 33.29 -19.62 5.56
C PRO A 282 34.78 -19.91 5.54
N LYS A 283 35.47 -19.71 6.66
CA LYS A 283 36.89 -20.02 6.72
C LYS A 283 37.08 -21.51 6.53
N LEU A 284 38.27 -21.89 6.05
CA LEU A 284 38.51 -23.31 5.81
C LEU A 284 38.75 -24.03 7.13
N SER A 285 38.66 -25.36 7.07
CA SER A 285 38.82 -26.17 8.27
C SER A 285 40.24 -26.07 8.81
N ALA A 286 40.40 -26.51 10.06
CA ALA A 286 41.67 -26.35 10.75
C ALA A 286 42.80 -27.11 10.07
N ALA A 287 42.50 -28.18 9.32
CA ALA A 287 43.57 -28.93 8.67
C ALA A 287 44.25 -28.08 7.59
N LYS A 288 43.44 -27.45 6.73
CA LYS A 288 44.00 -26.56 5.72
C LYS A 288 44.78 -25.43 6.37
N VAL A 289 44.25 -24.88 7.47
CA VAL A 289 44.91 -23.76 8.14
C VAL A 289 46.26 -24.22 8.71
N ASP A 290 46.27 -25.38 9.37
CA ASP A 290 47.49 -25.89 9.97
C ASP A 290 48.56 -26.18 8.93
N MET A 291 48.17 -26.79 7.81
CA MET A 291 49.18 -27.09 6.77
C MET A 291 49.61 -25.83 6.03
N GLY A 292 48.71 -24.86 5.83
CA GLY A 292 49.12 -23.59 5.26
C GLY A 292 50.08 -22.86 6.18
N SER A 293 50.00 -23.12 7.48
CA SER A 293 50.95 -22.55 8.41
C SER A 293 52.28 -23.28 8.42
N GLN A 294 52.24 -24.62 8.59
CA GLN A 294 53.48 -25.38 8.73
C GLN A 294 54.15 -25.67 7.39
N ARG A 295 53.37 -25.85 6.33
CA ARG A 295 53.89 -26.21 5.02
C ARG A 295 54.44 -27.63 5.00
N HIS A 296 54.51 -28.24 3.83
CA HIS A 296 55.29 -29.47 3.69
C HIS A 296 56.77 -29.14 3.77
N ALA A 297 57.61 -30.16 3.66
CA ALA A 297 59.04 -30.00 3.87
C ALA A 297 59.81 -29.52 2.64
N GLY A 298 59.21 -29.57 1.46
CA GLY A 298 59.94 -29.25 0.23
C GLY A 298 60.33 -27.79 0.10
N ALA A 299 61.61 -27.48 0.28
CA ALA A 299 62.02 -26.08 0.36
C ALA A 299 63.48 -25.85 -0.08
N GLY A 300 64.00 -26.68 -0.95
CA GLY A 300 65.42 -26.67 -1.31
C GLY A 300 65.71 -26.03 -2.65
N VAL A 301 66.90 -26.34 -3.15
CA VAL A 301 67.40 -25.86 -4.43
C VAL A 301 67.51 -27.03 -5.39
N LYS A 302 67.10 -26.80 -6.64
CA LYS A 302 67.39 -27.66 -7.78
C LYS A 302 67.94 -26.79 -8.89
N GLY A 303 68.98 -27.25 -9.54
CA GLY A 303 69.61 -26.46 -10.59
C GLY A 303 70.29 -27.31 -11.64
N TYR A 304 70.49 -26.68 -12.80
CA TYR A 304 71.24 -27.25 -13.91
C TYR A 304 72.59 -26.54 -14.02
N ILE A 305 73.66 -27.33 -14.16
CA ILE A 305 75.02 -26.80 -14.28
C ILE A 305 75.66 -27.40 -15.52
N ARG A 306 76.18 -26.55 -16.40
CA ARG A 306 76.97 -26.98 -17.54
C ARG A 306 78.44 -26.80 -17.18
N VAL A 307 79.19 -27.90 -17.24
CA VAL A 307 80.63 -27.95 -16.97
C VAL A 307 81.38 -28.27 -18.24
N LYS A 308 82.52 -27.60 -18.43
CA LYS A 308 83.33 -27.77 -19.64
C LYS A 308 83.86 -29.20 -19.79
N GLN A 309 84.26 -29.83 -18.68
CA GLN A 309 84.96 -31.10 -18.77
C GLN A 309 83.99 -32.25 -19.00
N ASN A 310 84.52 -33.35 -19.53
CA ASN A 310 83.76 -34.58 -19.71
C ASN A 310 84.02 -35.43 -18.47
N VAL A 311 83.10 -35.34 -17.50
CA VAL A 311 83.30 -36.02 -16.22
C VAL A 311 82.68 -37.41 -16.20
N GLY A 312 82.10 -37.87 -17.30
CA GLY A 312 81.45 -39.16 -17.29
C GLY A 312 80.15 -39.12 -16.50
N ASN A 313 79.66 -40.31 -16.18
CA ASN A 313 78.40 -40.47 -15.45
C ASN A 313 78.71 -40.61 -13.97
N VAL A 314 78.55 -39.50 -13.24
CA VAL A 314 78.87 -39.43 -11.81
C VAL A 314 77.61 -39.29 -10.99
N MET A 315 77.68 -39.74 -9.75
CA MET A 315 76.64 -39.51 -8.75
C MET A 315 77.31 -39.14 -7.45
N THR A 316 76.86 -38.06 -6.81
CA THR A 316 77.49 -37.63 -5.56
C THR A 316 76.48 -37.64 -4.42
N TYR A 317 77.00 -37.84 -3.21
CA TYR A 317 76.24 -37.88 -1.97
C TYR A 317 76.95 -36.98 -0.97
N ALA A 318 76.22 -36.05 -0.36
CA ALA A 318 76.77 -35.28 0.75
C ALA A 318 75.66 -35.01 1.76
N PRO A 319 75.96 -35.06 3.06
CA PRO A 319 74.94 -34.77 4.06
C PRO A 319 74.44 -33.32 3.92
N ALA A 320 73.17 -33.13 4.28
CA ALA A 320 72.59 -31.79 4.17
C ALA A 320 73.45 -30.76 4.87
N ARG A 321 74.02 -31.14 6.01
CA ARG A 321 74.94 -30.29 6.77
C ARG A 321 76.34 -30.91 6.68
N ASN A 322 77.22 -30.29 5.91
CA ASN A 322 78.61 -30.69 5.86
C ASN A 322 79.46 -29.46 5.59
N LYS A 323 80.75 -29.57 5.91
CA LYS A 323 81.62 -28.42 5.80
C LYS A 323 82.22 -28.25 4.41
N LEU A 324 81.89 -29.12 3.46
CA LEU A 324 82.57 -29.10 2.16
C LEU A 324 81.73 -28.55 1.02
N THR A 325 80.46 -28.90 0.91
CA THR A 325 79.68 -28.54 -0.25
C THR A 325 78.23 -28.31 0.17
N PRO A 326 77.52 -27.37 -0.47
CA PRO A 326 76.10 -27.18 -0.18
C PRO A 326 75.18 -28.20 -0.82
N PHE A 327 75.69 -28.99 -1.76
CA PHE A 327 74.86 -29.88 -2.56
C PHE A 327 74.75 -31.24 -1.90
N THR A 328 73.51 -31.68 -1.69
CA THR A 328 73.29 -33.03 -1.18
C THR A 328 73.55 -34.08 -2.26
N SER A 329 73.34 -33.74 -3.52
CA SER A 329 73.73 -34.62 -4.61
C SER A 329 73.85 -33.83 -5.91
N VAL A 330 74.81 -34.25 -6.73
CA VAL A 330 74.98 -33.79 -8.10
C VAL A 330 75.12 -35.04 -8.97
N PHE A 331 74.50 -35.06 -10.14
CA PHE A 331 74.70 -36.19 -11.02
C PHE A 331 74.60 -35.80 -12.49
N THR A 332 75.21 -36.63 -13.34
CA THR A 332 75.22 -36.41 -14.78
C THR A 332 73.82 -36.57 -15.35
N ASP A 333 73.37 -35.54 -16.09
CA ASP A 333 72.20 -35.72 -16.93
C ASP A 333 72.59 -36.33 -18.28
N HIS A 334 73.52 -35.68 -18.96
CA HIS A 334 74.06 -36.19 -20.22
C HIS A 334 75.39 -35.50 -20.51
N VAL A 335 76.15 -36.10 -21.42
CA VAL A 335 77.46 -35.59 -21.82
C VAL A 335 77.46 -35.41 -23.33
N ASP A 336 77.73 -34.17 -23.76
CA ASP A 336 77.80 -33.91 -25.18
C ASP A 336 79.05 -33.10 -25.52
N GLU A 337 79.12 -32.54 -26.73
CA GLU A 337 80.35 -31.87 -27.14
C GLU A 337 80.71 -30.71 -26.21
N SER A 338 79.71 -30.01 -25.68
CA SER A 338 79.94 -28.89 -24.79
C SER A 338 80.28 -29.30 -23.37
N GLY A 339 80.48 -30.59 -23.11
CA GLY A 339 80.82 -31.02 -21.78
C GLY A 339 79.72 -31.79 -21.10
N THR A 340 79.62 -31.65 -19.79
CA THR A 340 78.67 -32.41 -18.99
C THR A 340 77.60 -31.51 -18.42
N LEU A 341 76.34 -31.92 -18.57
CA LEU A 341 75.24 -31.27 -17.88
C LEU A 341 74.94 -32.02 -16.59
N LEU A 342 74.97 -31.31 -15.46
CA LEU A 342 74.70 -31.88 -14.16
C LEU A 342 73.41 -31.30 -13.60
N ILE A 343 72.73 -32.11 -12.80
CA ILE A 343 71.58 -31.69 -12.02
C ILE A 343 72.04 -31.66 -10.57
N ALA A 344 71.71 -30.59 -9.85
CA ALA A 344 72.21 -30.41 -8.50
C ALA A 344 71.07 -30.09 -7.54
N PHE A 345 71.14 -30.66 -6.34
CA PHE A 345 70.15 -30.45 -5.30
C PHE A 345 70.84 -29.99 -4.04
N SER A 346 70.22 -29.05 -3.34
CA SER A 346 70.67 -28.60 -2.02
C SER A 346 69.45 -28.50 -1.12
N ALA A 347 69.66 -28.73 0.18
CA ALA A 347 68.52 -28.73 1.09
C ALA A 347 68.08 -27.32 1.50
N ASP A 348 68.87 -26.29 1.22
CA ASP A 348 68.60 -24.96 1.76
C ASP A 348 69.18 -23.86 0.87
N PRO A 349 68.34 -23.01 0.28
CA PRO A 349 68.85 -21.93 -0.57
C PRO A 349 69.78 -20.98 0.17
N LYS A 350 69.74 -20.97 1.51
CA LYS A 350 70.70 -20.15 2.24
C LYS A 350 72.13 -20.65 2.05
N LEU A 351 72.29 -21.85 1.53
CA LEU A 351 73.61 -22.46 1.36
C LEU A 351 74.28 -22.12 0.04
N ILE A 352 73.51 -21.82 -1.00
CA ILE A 352 74.09 -21.61 -2.31
C ILE A 352 73.12 -20.86 -3.22
N ASP A 353 73.62 -19.84 -3.92
CA ASP A 353 72.86 -19.14 -4.95
C ASP A 353 73.09 -19.89 -6.26
N ILE A 354 72.13 -20.75 -6.61
CA ILE A 354 72.27 -21.63 -7.76
C ILE A 354 72.42 -20.87 -9.07
N ASN A 355 72.21 -19.56 -9.06
CA ASN A 355 72.32 -18.75 -10.27
C ASN A 355 73.59 -17.93 -10.31
N ASP A 356 74.44 -18.06 -9.30
CA ASP A 356 75.74 -17.40 -9.25
C ASP A 356 76.78 -18.43 -9.74
N ILE A 357 77.28 -18.22 -10.96
CA ILE A 357 78.13 -19.23 -11.60
C ILE A 357 79.38 -19.48 -10.78
N LYS A 358 80.02 -18.41 -10.27
CA LYS A 358 81.24 -18.60 -9.50
C LYS A 358 80.96 -19.30 -8.17
N ALA A 359 79.83 -18.98 -7.53
CA ALA A 359 79.49 -19.66 -6.29
C ALA A 359 79.27 -21.16 -6.51
N VAL A 360 78.55 -21.50 -7.58
CA VAL A 360 78.30 -22.91 -7.87
C VAL A 360 79.59 -23.62 -8.21
N GLU A 361 80.45 -23.00 -9.02
CA GLU A 361 81.73 -23.62 -9.32
C GLU A 361 82.52 -23.91 -8.05
N LYS A 362 82.62 -22.92 -7.15
CA LYS A 362 83.30 -23.16 -5.88
C LYS A 362 82.67 -24.33 -5.13
N ALA A 363 81.34 -24.37 -5.08
CA ALA A 363 80.66 -25.43 -4.34
C ALA A 363 80.92 -26.81 -4.95
N LEU A 364 81.24 -26.87 -6.24
CA LEU A 364 81.51 -28.15 -6.90
C LEU A 364 82.92 -28.67 -6.68
N GLN A 365 83.86 -27.80 -6.30
CA GLN A 365 85.26 -28.19 -6.27
C GLN A 365 85.56 -29.43 -5.44
N PRO A 366 85.01 -29.60 -4.23
CA PRO A 366 85.36 -30.79 -3.44
C PRO A 366 84.82 -32.08 -4.03
N LEU A 367 83.73 -32.03 -4.80
CA LEU A 367 83.19 -33.24 -5.41
C LEU A 367 83.82 -33.53 -6.76
N LEU A 368 84.10 -32.51 -7.57
CA LEU A 368 84.69 -32.67 -8.88
C LEU A 368 85.82 -31.66 -8.98
N PRO A 369 86.97 -31.95 -8.34
CA PRO A 369 88.06 -30.96 -8.31
C PRO A 369 88.48 -30.58 -9.71
N GLY A 370 88.40 -29.28 -10.00
CA GLY A 370 88.86 -28.73 -11.26
C GLY A 370 87.79 -28.39 -12.27
N VAL A 371 86.51 -28.74 -12.01
CA VAL A 371 85.49 -28.52 -13.03
C VAL A 371 85.31 -27.03 -13.26
N GLU A 372 85.13 -26.66 -14.53
CA GLU A 372 84.89 -25.28 -14.91
C GLU A 372 83.42 -25.13 -15.28
N VAL A 373 82.69 -24.31 -14.51
CA VAL A 373 81.27 -24.14 -14.73
C VAL A 373 81.07 -23.17 -15.89
N THR A 374 80.43 -23.66 -16.95
CA THR A 374 80.08 -22.80 -18.07
C THR A 374 78.76 -22.10 -17.83
N ALA A 375 77.84 -22.75 -17.11
CA ALA A 375 76.55 -22.11 -16.89
C ALA A 375 75.86 -22.78 -15.72
N SER A 376 74.95 -22.03 -15.10
CA SER A 376 74.27 -22.51 -13.91
C SER A 376 72.95 -21.77 -13.78
N TYR A 377 71.85 -22.52 -13.68
CA TYR A 377 70.54 -21.89 -13.52
C TYR A 377 69.62 -22.75 -12.66
N GLY A 378 68.87 -22.10 -11.79
CA GLY A 378 67.83 -22.76 -11.04
C GLY A 378 66.66 -21.83 -10.75
N TYR A 379 65.45 -22.29 -11.07
CA TYR A 379 64.27 -21.48 -10.81
C TYR A 379 63.97 -21.45 -9.31
N ASP A 380 63.62 -20.25 -8.80
CA ASP A 380 63.39 -20.07 -7.37
C ASP A 380 61.91 -20.32 -7.06
N TRP A 381 61.60 -21.61 -6.86
CA TRP A 381 60.25 -22.02 -6.49
C TRP A 381 59.88 -21.58 -5.08
N ASN A 382 60.89 -21.29 -4.25
CA ASN A 382 60.61 -20.92 -2.86
C ASN A 382 60.04 -19.52 -2.74
N LEU A 383 60.51 -18.61 -3.56
CA LEU A 383 60.06 -17.22 -3.53
C LEU A 383 59.01 -16.90 -4.59
N ASP A 384 58.75 -17.83 -5.51
CA ASP A 384 57.60 -17.64 -6.40
C ASP A 384 56.34 -17.70 -5.54
N PRO A 385 55.61 -16.59 -5.45
CA PRO A 385 54.44 -16.55 -4.55
C PRO A 385 53.41 -17.63 -4.85
N PHE A 386 53.41 -18.21 -6.05
CA PHE A 386 52.42 -19.20 -6.43
C PHE A 386 52.83 -20.62 -6.09
N SER A 387 53.98 -20.81 -5.48
CA SER A 387 54.37 -22.13 -4.96
C SER A 387 54.85 -22.08 -3.53
N LYS A 388 55.69 -21.10 -3.17
CA LYS A 388 56.23 -20.98 -1.81
C LYS A 388 56.87 -22.30 -1.36
N GLY A 389 57.63 -22.91 -2.24
CA GLY A 389 58.25 -24.18 -1.95
C GLY A 389 58.34 -25.05 -3.20
N THR A 390 58.90 -26.24 -3.01
CA THR A 390 59.12 -27.18 -4.11
C THR A 390 58.10 -28.32 -4.08
N TRP A 391 58.52 -29.56 -4.30
CA TRP A 391 57.59 -30.68 -4.30
C TRP A 391 57.22 -31.08 -2.88
N CYS A 392 56.02 -31.63 -2.71
CA CYS A 392 55.46 -31.86 -1.37
C CYS A 392 55.93 -33.17 -0.77
N THR A 393 56.60 -33.09 0.37
CA THR A 393 56.86 -34.21 1.27
C THR A 393 56.47 -33.78 2.68
N TYR A 394 55.65 -34.57 3.35
CA TYR A 394 55.10 -34.13 4.62
C TYR A 394 56.18 -34.13 5.71
N ARG A 395 56.02 -33.22 6.65
CA ARG A 395 56.80 -33.23 7.88
C ARG A 395 56.24 -34.28 8.82
N PRO A 396 56.96 -34.61 9.89
CA PRO A 396 56.44 -35.60 10.83
C PRO A 396 55.05 -35.19 11.31
N ASN A 397 54.20 -36.20 11.52
CA ASN A 397 52.85 -36.02 12.06
C ASN A 397 51.85 -35.55 11.02
N GLN A 398 52.33 -35.03 9.88
CA GLN A 398 51.42 -34.36 8.96
C GLN A 398 50.52 -35.34 8.23
N THR A 399 51.07 -36.48 7.79
CA THR A 399 50.25 -37.49 7.11
C THR A 399 49.05 -37.87 7.98
N THR A 400 49.33 -38.45 9.14
CA THR A 400 48.28 -38.99 10.00
C THR A 400 47.40 -37.89 10.58
N ARG A 401 47.92 -36.66 10.70
CA ARG A 401 47.09 -35.61 11.27
C ARG A 401 46.16 -35.00 10.25
N TYR A 402 46.63 -34.84 9.02
CA TYR A 402 45.99 -33.90 8.10
C TYR A 402 45.58 -34.47 6.75
N LEU A 403 46.15 -35.58 6.26
CA LEU A 403 45.88 -35.97 4.87
C LEU A 403 44.38 -36.04 4.59
N THR A 404 43.65 -36.81 5.41
CA THR A 404 42.23 -36.99 5.20
C THR A 404 41.49 -35.66 5.28
N GLU A 405 41.84 -34.84 6.26
CA GLU A 405 41.21 -33.53 6.46
C GLU A 405 41.50 -32.59 5.29
N LEU A 406 42.70 -32.70 4.73
CA LEU A 406 43.09 -31.91 3.56
C LEU A 406 42.25 -32.27 2.35
N GLN A 407 42.05 -33.57 2.13
CA GLN A 407 41.28 -33.98 0.96
C GLN A 407 39.80 -33.61 1.06
N LYS A 408 39.28 -33.44 2.28
CA LYS A 408 37.83 -33.33 2.47
C LYS A 408 37.26 -32.14 1.73
N ARG A 409 36.16 -32.35 1.02
CA ARG A 409 35.42 -31.23 0.48
C ARG A 409 34.72 -30.47 1.60
N GLU A 410 34.58 -29.16 1.43
CA GLU A 410 33.93 -28.30 2.42
C GLU A 410 32.83 -27.53 1.70
N GLY A 411 31.60 -27.97 1.88
CA GLY A 411 30.47 -27.42 1.19
C GLY A 411 30.56 -27.70 -0.30
N ARG A 412 30.54 -26.64 -1.11
CA ARG A 412 30.75 -26.74 -2.54
C ARG A 412 32.21 -26.54 -2.94
N LEU A 413 33.13 -26.51 -1.98
CA LEU A 413 34.54 -26.36 -2.25
C LEU A 413 35.18 -27.73 -2.24
N PHE A 414 35.90 -28.06 -3.31
CA PHE A 414 36.66 -29.29 -3.41
C PHE A 414 38.16 -28.97 -3.46
N PHE A 415 38.98 -29.94 -3.08
CA PHE A 415 40.41 -29.72 -2.94
C PHE A 415 41.18 -30.81 -3.66
N ALA A 416 42.29 -30.42 -4.29
CA ALA A 416 43.03 -31.34 -5.16
C ALA A 416 44.48 -30.90 -5.24
N GLY A 417 45.34 -31.87 -5.57
CA GLY A 417 46.74 -31.62 -5.83
C GLY A 417 47.59 -32.81 -5.42
N SER A 418 48.78 -32.90 -6.03
CA SER A 418 49.75 -33.88 -5.56
C SER A 418 50.06 -33.67 -4.08
N ASP A 419 49.98 -32.43 -3.59
CA ASP A 419 50.27 -32.15 -2.18
C ASP A 419 49.34 -32.91 -1.24
N MET A 420 48.28 -33.52 -1.77
CA MET A 420 47.34 -34.30 -0.97
C MET A 420 46.95 -35.59 -1.69
N ALA A 421 47.82 -36.08 -2.58
CA ALA A 421 47.54 -37.31 -3.28
C ALA A 421 47.75 -38.50 -2.35
N ASN A 422 47.09 -39.61 -2.69
CA ASN A 422 47.21 -40.82 -1.88
C ASN A 422 48.51 -41.56 -2.15
N GLY A 423 48.89 -41.68 -3.41
CA GLY A 423 50.04 -42.47 -3.78
C GLY A 423 51.29 -41.63 -3.92
N TRP A 424 51.65 -41.33 -5.17
CA TRP A 424 52.84 -40.52 -5.44
C TRP A 424 52.57 -39.05 -5.11
N ARG A 425 52.22 -38.78 -3.86
CA ARG A 425 52.16 -37.41 -3.39
C ARG A 425 53.54 -36.78 -3.50
N GLY A 426 53.60 -35.58 -4.09
CA GLY A 426 54.86 -34.92 -4.37
C GLY A 426 55.33 -35.05 -5.80
N PHE A 427 54.68 -35.88 -6.62
CA PHE A 427 55.10 -36.12 -7.99
C PHE A 427 54.01 -35.62 -8.95
N ILE A 428 54.37 -35.57 -10.23
CA ILE A 428 53.38 -35.25 -11.26
C ILE A 428 52.24 -36.27 -11.23
N ASP A 429 52.59 -37.54 -11.14
CA ASP A 429 51.60 -38.61 -11.07
C ASP A 429 50.57 -38.33 -9.98
N GLY A 430 51.02 -37.81 -8.84
CA GLY A 430 50.08 -37.50 -7.77
C GLY A 430 49.09 -36.43 -8.16
N ALA A 431 49.56 -35.40 -8.88
CA ALA A 431 48.64 -34.36 -9.35
C ALA A 431 47.59 -34.97 -10.27
N ILE A 432 48.02 -35.77 -11.25
CA ILE A 432 47.07 -36.32 -12.20
C ILE A 432 46.07 -37.25 -11.49
N GLU A 433 46.56 -38.12 -10.60
CA GLU A 433 45.68 -39.04 -9.88
C GLU A 433 44.64 -38.27 -9.06
N ASN A 434 45.11 -37.32 -8.24
CA ASN A 434 44.19 -36.58 -7.38
C ASN A 434 43.22 -35.74 -8.18
N GLY A 435 43.70 -35.07 -9.25
CA GLY A 435 42.82 -34.28 -10.07
C GLY A 435 41.76 -35.10 -10.76
N ARG A 436 42.13 -36.28 -11.27
CA ARG A 436 41.13 -37.14 -11.90
C ARG A 436 40.05 -37.56 -10.91
N GLU A 437 40.45 -38.07 -9.74
CA GLU A 437 39.45 -38.50 -8.76
C GLU A 437 38.58 -37.34 -8.31
N VAL A 438 39.18 -36.18 -8.04
CA VAL A 438 38.41 -35.06 -7.52
C VAL A 438 37.47 -34.52 -8.59
N GLY A 439 37.92 -34.47 -9.85
CA GLY A 439 37.02 -34.06 -10.90
C GLY A 439 35.84 -35.00 -11.05
N HIS A 440 36.11 -36.32 -10.94
CA HIS A 440 34.99 -37.25 -10.99
C HIS A 440 34.03 -37.04 -9.82
N GLN A 441 34.57 -36.79 -8.63
CA GLN A 441 33.69 -36.53 -7.48
C GLN A 441 32.85 -35.29 -7.70
N VAL A 442 33.45 -34.24 -8.26
CA VAL A 442 32.71 -33.00 -8.49
C VAL A 442 31.60 -33.23 -9.50
N ALA A 443 31.90 -33.96 -10.58
CA ALA A 443 30.85 -34.25 -11.56
C ALA A 443 29.73 -35.08 -10.94
N THR A 444 30.08 -36.07 -10.13
CA THR A 444 29.06 -36.88 -9.45
C THR A 444 28.21 -36.01 -8.53
N TYR A 445 28.85 -35.15 -7.74
CA TYR A 445 28.13 -34.25 -6.85
C TYR A 445 27.13 -33.42 -7.62
N LEU A 446 27.55 -32.88 -8.76
CA LEU A 446 26.64 -32.02 -9.53
C LEU A 446 25.50 -32.83 -10.14
N LYS A 447 25.79 -34.07 -10.57
CA LYS A 447 24.72 -34.93 -11.09
C LYS A 447 23.70 -35.26 -10.00
N ARG A 448 24.17 -35.48 -8.78
CA ARG A 448 23.27 -35.78 -7.67
C ARG A 448 22.26 -34.66 -7.43
N GLU A 449 22.65 -33.41 -7.63
CA GLU A 449 21.77 -32.27 -7.33
C GLU A 449 20.58 -32.14 -8.27
N VAL B 14 -29.06 -5.08 27.10
CA VAL B 14 -28.76 -4.03 26.14
C VAL B 14 -29.26 -4.41 24.76
N GLY B 15 -29.80 -3.41 24.04
CA GLY B 15 -30.29 -3.65 22.69
C GLY B 15 -29.19 -3.66 21.66
N TYR B 16 -28.10 -2.93 21.91
CA TYR B 16 -27.01 -2.80 20.96
C TYR B 16 -25.70 -3.00 21.69
N ASP B 17 -24.68 -3.43 20.94
CA ASP B 17 -23.33 -3.43 21.49
C ASP B 17 -22.80 -2.00 21.54
N VAL B 18 -22.97 -1.27 20.44
CA VAL B 18 -22.43 0.08 20.29
C VAL B 18 -23.51 0.98 19.72
N ILE B 19 -23.70 2.13 20.35
CA ILE B 19 -24.47 3.22 19.75
C ILE B 19 -23.52 4.37 19.45
N VAL B 20 -23.57 4.88 18.23
CA VAL B 20 -22.78 6.02 17.78
C VAL B 20 -23.73 7.20 17.64
N ILE B 21 -23.55 8.22 18.45
CA ILE B 21 -24.32 9.46 18.35
C ILE B 21 -23.57 10.39 17.41
N GLY B 22 -24.13 10.63 16.23
CA GLY B 22 -23.52 11.52 15.26
C GLY B 22 -23.10 10.84 13.98
N GLY B 23 -23.64 11.28 12.85
CA GLY B 23 -23.34 10.64 11.57
C GLY B 23 -22.48 11.45 10.64
N GLY B 24 -21.45 12.11 11.18
CA GLY B 24 -20.40 12.67 10.36
C GLY B 24 -19.37 11.62 10.01
N PHE B 25 -18.27 12.08 9.40
CA PHE B 25 -17.21 11.16 9.02
C PHE B 25 -16.65 10.45 10.25
N ALA B 26 -16.53 11.15 11.38
CA ALA B 26 -16.05 10.50 12.59
C ALA B 26 -16.95 9.34 12.99
N GLY B 27 -18.25 9.62 13.14
CA GLY B 27 -19.18 8.58 13.54
C GLY B 27 -19.30 7.46 12.51
N VAL B 28 -19.28 7.81 11.22
CA VAL B 28 -19.38 6.79 10.18
C VAL B 28 -18.15 5.89 10.19
N THR B 29 -16.97 6.48 10.34
CA THR B 29 -15.76 5.67 10.42
C THR B 29 -15.77 4.78 11.66
N ALA B 30 -16.16 5.33 12.80
CA ALA B 30 -16.25 4.53 14.02
C ALA B 30 -17.26 3.41 13.88
N ALA B 31 -18.43 3.70 13.31
CA ALA B 31 -19.46 2.67 13.15
C ALA B 31 -19.01 1.58 12.20
N ARG B 32 -18.26 1.93 11.16
CA ARG B 32 -17.71 0.88 10.31
C ARG B 32 -16.73 0.01 11.09
N GLU B 33 -15.81 0.64 11.82
CA GLU B 33 -14.86 -0.13 12.63
C GLU B 33 -15.60 -1.12 13.55
N ALA B 34 -16.61 -0.62 14.26
CA ALA B 34 -17.31 -1.42 15.26
C ALA B 34 -18.12 -2.54 14.61
N SER B 35 -18.95 -2.20 13.63
CA SER B 35 -19.80 -3.21 13.00
C SER B 35 -18.96 -4.26 12.29
N ARG B 36 -17.87 -3.85 11.64
CA ARG B 36 -16.99 -4.80 10.98
C ARG B 36 -16.18 -5.63 11.97
N SER B 37 -16.09 -5.21 13.23
CA SER B 37 -15.51 -6.06 14.25
C SER B 37 -16.51 -7.05 14.81
N GLY B 38 -17.70 -7.13 14.23
CA GLY B 38 -18.72 -8.07 14.64
C GLY B 38 -19.70 -7.52 15.67
N LEU B 39 -19.55 -6.26 16.06
CA LEU B 39 -20.41 -5.68 17.08
C LEU B 39 -21.65 -5.09 16.46
N LYS B 40 -22.78 -5.26 17.15
CA LYS B 40 -24.06 -4.74 16.68
C LYS B 40 -24.12 -3.24 16.96
N THR B 41 -24.16 -2.45 15.90
CA THR B 41 -23.94 -1.02 15.98
C THR B 41 -25.15 -0.27 15.42
N LEU B 42 -25.54 0.79 16.13
CA LEU B 42 -26.62 1.65 15.70
C LEU B 42 -26.09 3.08 15.65
N ILE B 43 -26.34 3.78 14.54
CA ILE B 43 -25.99 5.19 14.41
C ILE B 43 -27.26 6.01 14.63
N LEU B 44 -27.20 6.96 15.55
CA LEU B 44 -28.27 7.91 15.76
C LEU B 44 -27.80 9.27 15.25
N GLU B 45 -28.51 9.82 14.28
CA GLU B 45 -28.13 11.07 13.64
C GLU B 45 -29.29 12.06 13.73
N GLY B 46 -29.01 13.26 14.23
CA GLY B 46 -30.06 14.24 14.47
C GLY B 46 -30.61 14.85 13.20
N ARG B 47 -29.74 15.18 12.25
CA ARG B 47 -30.19 15.72 10.99
C ARG B 47 -30.89 14.63 10.18
N SER B 48 -31.58 15.05 9.11
CA SER B 48 -32.23 14.09 8.23
C SER B 48 -31.28 13.51 7.18
N ARG B 49 -29.97 13.62 7.39
CA ARG B 49 -28.97 13.09 6.49
C ARG B 49 -27.70 12.80 7.26
N LEU B 50 -26.83 11.98 6.67
CA LEU B 50 -25.48 11.81 7.18
C LEU B 50 -24.55 12.82 6.51
N GLY B 51 -23.37 12.98 7.10
CA GLY B 51 -22.32 13.84 6.56
C GLY B 51 -21.91 14.97 7.49
N GLY B 52 -22.81 15.41 8.35
CA GLY B 52 -22.45 16.44 9.31
C GLY B 52 -21.99 17.70 8.63
N ARG B 53 -20.75 18.11 8.91
CA ARG B 53 -20.20 19.30 8.30
C ARG B 53 -19.66 19.07 6.89
N THR B 54 -19.88 17.89 6.30
CA THR B 54 -19.78 17.72 4.87
C THR B 54 -21.18 17.52 4.32
N PHE B 55 -21.49 18.19 3.22
CA PHE B 55 -22.85 18.20 2.68
C PHE B 55 -22.74 18.40 1.18
N THR B 56 -22.90 17.31 0.43
CA THR B 56 -22.91 17.38 -1.02
C THR B 56 -24.34 17.56 -1.51
N SER B 57 -24.58 18.61 -2.28
CA SER B 57 -25.89 18.89 -2.84
C SER B 57 -25.71 19.32 -4.30
N LYS B 58 -26.79 19.82 -4.91
CA LYS B 58 -26.73 20.36 -6.26
C LYS B 58 -27.28 21.78 -6.20
N LEU B 59 -26.54 22.73 -6.76
CA LEU B 59 -26.97 24.13 -6.84
C LEU B 59 -26.97 24.55 -8.30
N GLN B 60 -28.17 24.69 -8.87
CA GLN B 60 -28.33 24.91 -10.32
C GLN B 60 -27.88 23.68 -11.11
N ASN B 61 -28.01 22.50 -10.52
CA ASN B 61 -27.44 21.27 -11.06
C ASN B 61 -25.93 21.31 -10.91
N LYS B 63 -23.61 19.65 -8.74
CA LYS B 63 -23.00 19.07 -7.56
C LYS B 63 -22.05 20.05 -6.88
N VAL B 64 -22.35 20.36 -5.62
CA VAL B 64 -21.60 21.36 -4.86
C VAL B 64 -21.34 20.82 -3.46
N GLU B 65 -20.25 21.30 -2.85
CA GLU B 65 -19.90 20.95 -1.47
C GLU B 65 -20.29 22.12 -0.58
N LEU B 66 -21.31 21.90 0.26
CA LEU B 66 -21.79 22.97 1.14
C LEU B 66 -20.96 23.10 2.41
N GLY B 67 -20.07 22.16 2.69
CA GLY B 67 -19.20 22.21 3.83
C GLY B 67 -17.79 21.77 3.47
N GLY B 68 -17.26 20.78 4.16
CA GLY B 68 -15.93 20.26 3.89
C GLY B 68 -15.74 19.80 2.46
N THR B 69 -14.60 20.15 1.85
CA THR B 69 -14.38 19.93 0.42
C THR B 69 -13.00 19.37 0.09
N TRP B 70 -11.94 20.00 0.58
CA TRP B 70 -10.61 19.76 0.05
C TRP B 70 -9.85 18.72 0.85
N VAL B 71 -9.05 17.93 0.13
CA VAL B 71 -8.30 16.81 0.69
C VAL B 71 -6.95 16.77 -0.01
N HIS B 72 -6.02 16.01 0.57
CA HIS B 72 -4.70 15.89 -0.03
C HIS B 72 -4.02 14.65 0.52
N TRP B 73 -3.00 14.19 -0.20
CA TRP B 73 -2.28 13.00 0.23
C TRP B 73 -1.29 13.28 1.35
N THR B 74 -1.20 14.52 1.83
CA THR B 74 -0.58 14.75 3.13
C THR B 74 -1.50 14.36 4.28
N GLN B 75 -2.71 13.90 3.98
CA GLN B 75 -3.70 13.55 5.00
C GLN B 75 -3.89 12.05 4.99
N PRO B 76 -3.23 11.31 5.88
CA PRO B 76 -3.13 9.85 5.71
C PRO B 76 -4.47 9.15 5.66
N ASN B 77 -5.41 9.49 6.53
CA ASN B 77 -6.65 8.72 6.63
C ASN B 77 -7.55 8.95 5.42
N VAL B 78 -7.85 10.22 5.12
CA VAL B 78 -8.78 10.49 4.03
C VAL B 78 -8.19 10.03 2.69
N TRP B 79 -6.89 10.24 2.49
CA TRP B 79 -6.27 9.77 1.26
C TRP B 79 -6.27 8.24 1.20
N THR B 80 -5.96 7.58 2.32
CA THR B 80 -6.06 6.14 2.37
C THR B 80 -7.44 5.68 1.92
N GLU B 81 -8.50 6.34 2.42
CA GLU B 81 -9.85 5.92 2.08
C GLU B 81 -10.16 6.20 0.61
N ILE B 82 -9.77 7.38 0.11
CA ILE B 82 -9.96 7.69 -1.30
C ILE B 82 -9.37 6.57 -2.15
N MET B 83 -8.14 6.15 -1.81
CA MET B 83 -7.52 5.08 -2.58
C MET B 83 -8.22 3.75 -2.37
N HIS B 84 -8.59 3.44 -1.12
CA HIS B 84 -9.27 2.19 -0.78
C HIS B 84 -10.45 1.93 -1.70
N TYR B 85 -11.22 2.98 -2.03
CA TYR B 85 -12.45 2.83 -2.80
C TYR B 85 -12.31 3.29 -4.24
N GLY B 86 -11.10 3.60 -4.68
CA GLY B 86 -10.89 3.97 -6.07
C GLY B 86 -11.53 5.27 -6.49
N LEU B 87 -11.66 6.22 -5.57
CA LEU B 87 -12.23 7.52 -5.91
C LEU B 87 -11.16 8.41 -6.53
N GLU B 88 -11.60 9.51 -7.15
CA GLU B 88 -10.70 10.40 -7.88
C GLU B 88 -10.85 11.84 -7.45
N VAL B 89 -9.85 12.65 -7.81
CA VAL B 89 -9.80 14.05 -7.42
C VAL B 89 -9.70 14.95 -8.65
N GLU B 90 -10.29 16.14 -8.53
CA GLU B 90 -10.16 17.29 -9.41
C GLU B 90 -9.45 18.41 -8.67
N GLU B 91 -9.21 19.51 -9.39
CA GLU B 91 -8.42 20.62 -8.88
C GLU B 91 -9.23 21.90 -8.80
N THR B 92 -9.16 22.55 -7.65
CA THR B 92 -9.50 23.96 -7.50
C THR B 92 -8.25 24.76 -7.83
N VAL B 93 -8.39 25.76 -8.70
CA VAL B 93 -7.21 26.41 -9.29
C VAL B 93 -6.80 27.66 -8.53
N GLY B 94 -7.75 28.33 -7.89
CA GLY B 94 -7.54 29.72 -7.50
C GLY B 94 -6.46 29.91 -6.43
N LEU B 95 -6.48 29.10 -5.37
CA LEU B 95 -5.63 29.39 -4.24
C LEU B 95 -4.18 28.96 -4.48
N ALA B 96 -3.98 27.74 -4.99
CA ALA B 96 -2.62 27.21 -5.10
C ALA B 96 -1.90 27.69 -6.36
N ASN B 97 -2.62 28.03 -7.43
CA ASN B 97 -1.98 28.42 -8.69
C ASN B 97 -2.76 29.55 -9.37
N PRO B 98 -2.84 30.71 -8.72
CA PRO B 98 -3.53 31.85 -9.34
C PRO B 98 -2.65 32.56 -10.36
N GLU B 99 -3.32 33.32 -11.24
CA GLU B 99 -2.62 34.23 -12.14
C GLU B 99 -2.44 35.60 -11.51
N THR B 100 -3.48 36.13 -10.87
CA THR B 100 -3.43 37.46 -10.27
C THR B 100 -3.70 37.38 -8.78
N VAL B 101 -2.95 38.17 -8.01
CA VAL B 101 -3.17 38.31 -6.58
C VAL B 101 -3.61 39.73 -6.29
N ILE B 102 -4.73 39.84 -5.57
CA ILE B 102 -5.28 41.11 -5.12
C ILE B 102 -5.19 41.10 -3.60
N TRP B 103 -4.72 42.20 -3.03
CA TRP B 103 -4.62 42.22 -1.58
C TRP B 103 -4.86 43.62 -1.03
N VAL B 104 -5.39 43.65 0.19
CA VAL B 104 -5.77 44.88 0.87
C VAL B 104 -4.75 45.11 1.96
N THR B 105 -4.09 46.26 1.93
CA THR B 105 -3.16 46.63 2.98
C THR B 105 -3.50 48.03 3.44
N GLU B 106 -3.56 48.22 4.75
CA GLU B 106 -4.05 49.47 5.31
C GLU B 106 -5.45 49.68 4.73
N ASP B 107 -5.62 50.67 3.86
CA ASP B 107 -6.91 50.89 3.21
C ASP B 107 -6.76 51.00 1.70
N ASN B 108 -5.72 50.43 1.13
CA ASN B 108 -5.52 50.35 -0.31
C ASN B 108 -5.64 48.92 -0.81
N VAL B 109 -5.99 48.82 -2.10
CA VAL B 109 -6.11 47.55 -2.82
C VAL B 109 -5.04 47.52 -3.89
N LYS B 110 -4.20 46.48 -3.85
CA LYS B 110 -3.15 46.27 -4.84
C LYS B 110 -3.42 45.02 -5.65
N ARG B 111 -2.86 44.99 -6.86
CA ARG B 111 -2.98 43.88 -7.79
C ARG B 111 -1.61 43.59 -8.36
N ALA B 112 -1.26 42.32 -8.50
CA ALA B 112 0.06 41.99 -8.99
C ALA B 112 0.06 40.56 -9.54
N PRO B 113 0.97 40.26 -10.45
CA PRO B 113 1.19 38.86 -10.86
C PRO B 113 1.49 38.00 -9.64
N ALA B 114 0.95 36.78 -9.66
CA ALA B 114 1.03 35.91 -8.49
C ALA B 114 2.42 35.88 -7.90
N ALA B 115 3.46 35.78 -8.74
CA ALA B 115 4.82 35.67 -8.23
C ALA B 115 5.21 36.91 -7.43
N GLU B 116 4.85 38.09 -7.91
CA GLU B 116 5.22 39.33 -7.24
C GLU B 116 4.53 39.45 -5.87
N ALA B 117 3.23 39.19 -5.82
CA ALA B 117 2.52 39.20 -4.54
C ALA B 117 3.08 38.14 -3.60
N PHE B 118 3.41 36.97 -4.14
CA PHE B 118 3.90 35.88 -3.32
C PHE B 118 5.30 36.16 -2.81
N GLU B 119 6.05 37.07 -3.44
CA GLU B 119 7.27 37.58 -2.82
C GLU B 119 6.98 38.14 -1.43
N ILE B 120 6.09 39.13 -1.37
CA ILE B 120 5.74 39.77 -0.10
C ILE B 120 5.18 38.74 0.87
N PHE B 121 4.16 38.00 0.44
CA PHE B 121 3.49 37.07 1.35
C PHE B 121 4.42 35.97 1.83
N GLY B 122 5.30 35.49 0.96
CA GLY B 122 6.19 34.41 1.34
C GLY B 122 7.29 34.85 2.27
N SER B 123 7.82 36.06 2.08
CA SER B 123 8.75 36.56 3.09
C SER B 123 8.06 36.67 4.45
N ALA B 124 6.85 37.22 4.46
CA ALA B 124 6.09 37.28 5.70
C ALA B 124 5.93 35.90 6.33
N CYS B 125 5.58 34.89 5.52
CA CYS B 125 5.42 33.53 6.03
C CYS B 125 6.72 32.99 6.58
N ASN B 126 7.82 33.20 5.85
CA ASN B 126 9.11 32.74 6.33
C ASN B 126 9.38 33.24 7.74
N GLU B 127 9.01 34.48 8.01
CA GLU B 127 9.20 34.96 9.38
C GLU B 127 8.17 34.37 10.33
N TYR B 128 6.91 34.26 9.89
CA TYR B 128 5.82 33.91 10.82
C TYR B 128 5.87 32.45 11.26
N TYR B 129 6.40 31.55 10.44
CA TYR B 129 6.39 30.13 10.75
C TYR B 129 7.72 29.60 11.24
N LYS B 130 8.69 30.49 11.52
CA LYS B 130 10.06 30.06 11.79
C LYS B 130 10.16 29.07 12.93
N GLU B 131 9.18 29.06 13.85
CA GLU B 131 9.29 28.20 15.03
C GLU B 131 8.40 26.97 14.97
N ALA B 132 7.68 26.75 13.88
CA ALA B 132 6.82 25.57 13.81
C ALA B 132 7.60 24.28 14.06
N ARG B 133 8.80 24.16 13.49
CA ARG B 133 9.59 22.94 13.65
C ARG B 133 10.02 22.70 15.09
N ASN B 134 10.21 23.77 15.87
CA ASN B 134 10.57 23.58 17.28
C ASN B 134 9.36 23.16 18.10
N ILE B 135 8.16 23.55 17.68
CA ILE B 135 6.95 23.28 18.47
C ILE B 135 6.32 21.95 18.09
N TYR B 136 6.19 21.66 16.80
CA TYR B 136 5.51 20.47 16.31
C TYR B 136 6.43 19.69 15.37
N PRO B 137 7.56 19.18 15.86
CA PRO B 137 8.39 18.31 15.03
C PRO B 137 7.65 17.06 14.59
N ARG B 138 6.75 16.55 15.43
CA ARG B 138 5.92 15.39 15.09
C ARG B 138 4.47 15.86 15.11
N PRO B 139 3.95 16.36 13.98
CA PRO B 139 2.62 16.98 14.01
C PRO B 139 1.50 16.03 14.38
N PHE B 140 1.68 14.71 14.24
CA PHE B 140 0.67 13.76 14.68
C PHE B 140 0.85 13.35 16.14
N GLU B 141 1.85 13.91 16.82
CA GLU B 141 2.12 13.67 18.23
C GLU B 141 2.11 15.02 18.93
N PRO B 142 0.92 15.56 19.23
CA PRO B 142 0.83 16.96 19.66
C PRO B 142 1.76 17.35 20.80
N PHE B 143 1.99 16.46 21.77
CA PHE B 143 2.73 16.84 22.96
C PHE B 143 4.13 16.25 22.98
N PHE B 144 4.66 15.85 21.81
CA PHE B 144 6.06 15.44 21.74
C PHE B 144 6.98 16.50 22.33
N GLU B 145 6.70 17.77 22.05
CA GLU B 145 7.45 18.85 22.68
C GLU B 145 6.52 19.64 23.59
N ARG B 146 5.96 18.95 24.60
CA ARG B 146 4.95 19.56 25.46
C ARG B 146 5.41 20.90 26.01
N LYS B 147 6.63 20.97 26.55
CA LYS B 147 7.09 22.20 27.20
C LYS B 147 7.12 23.36 26.21
N LYS B 148 7.69 23.15 25.02
CA LYS B 148 7.74 24.21 24.03
C LYS B 148 6.34 24.65 23.62
N LEU B 149 5.41 23.70 23.50
CA LEU B 149 4.05 24.08 23.10
C LEU B 149 3.35 24.85 24.21
N GLN B 150 3.53 24.41 25.46
CA GLN B 150 2.96 25.13 26.59
C GLN B 150 3.51 26.55 26.67
N HIS B 151 4.78 26.74 26.29
CA HIS B 151 5.34 28.08 26.38
C HIS B 151 4.66 29.06 25.43
N VAL B 152 4.12 28.58 24.31
CA VAL B 152 3.58 29.46 23.27
C VAL B 152 2.06 29.40 23.16
N ASP B 153 1.41 28.42 23.79
CA ASP B 153 -0.02 28.18 23.55
C ASP B 153 -0.92 29.32 24.03
N GLY B 154 -0.41 30.24 24.85
CA GLY B 154 -1.24 31.34 25.28
C GLY B 154 -1.37 32.48 24.29
N LEU B 155 -0.62 32.47 23.21
CA LEU B 155 -0.64 33.57 22.24
C LEU B 155 -1.72 33.38 21.19
N SER B 156 -2.38 34.46 20.82
CA SER B 156 -3.19 34.40 19.62
C SER B 156 -2.29 34.59 18.40
N ALA B 157 -2.80 34.21 17.23
CA ALA B 157 -2.05 34.43 16.00
C ALA B 157 -1.70 35.91 15.85
N ALA B 158 -2.57 36.79 16.33
CA ALA B 158 -2.31 38.23 16.27
C ALA B 158 -1.21 38.63 17.25
N ASP B 159 -1.24 38.07 18.47
CA ASP B 159 -0.17 38.33 19.43
C ASP B 159 1.19 38.13 18.79
N TYR B 160 1.38 36.99 18.10
CA TYR B 160 2.66 36.71 17.48
C TYR B 160 2.92 37.65 16.31
N LEU B 161 1.91 37.86 15.45
CA LEU B 161 2.12 38.72 14.30
C LEU B 161 2.68 40.08 14.72
N GLU B 162 2.12 40.67 15.78
CA GLU B 162 2.57 42.02 16.14
C GLU B 162 3.99 42.03 16.68
N LYS B 163 4.51 40.88 17.08
CA LYS B 163 5.89 40.76 17.53
C LYS B 163 6.88 40.56 16.39
N LEU B 164 6.44 40.42 15.14
CA LEU B 164 7.39 40.06 14.10
C LEU B 164 7.92 41.28 13.40
N PRO B 165 9.14 41.18 12.83
CA PRO B 165 9.71 42.33 12.08
C PRO B 165 9.24 42.39 10.64
N LEU B 166 7.96 42.75 10.46
CA LEU B 166 7.35 42.80 9.15
C LEU B 166 6.72 44.16 8.90
N THR B 167 6.61 44.53 7.63
CA THR B 167 5.89 45.73 7.25
C THR B 167 4.40 45.56 7.49
N ARG B 168 3.66 46.67 7.58
CA ARG B 168 2.22 46.55 7.76
C ARG B 168 1.59 45.80 6.58
N GLU B 169 2.14 45.95 5.38
CA GLU B 169 1.64 45.20 4.23
C GLU B 169 1.80 43.69 4.44
N GLN B 170 2.99 43.27 4.87
CA GLN B 170 3.23 41.87 5.19
C GLN B 170 2.30 41.40 6.31
N LYS B 171 2.18 42.22 7.36
CA LYS B 171 1.30 41.88 8.47
C LYS B 171 -0.14 41.73 8.01
N ASP B 172 -0.56 42.55 7.05
CA ASP B 172 -1.95 42.53 6.56
C ASP B 172 -2.23 41.28 5.75
N MET B 173 -1.27 40.88 4.92
CA MET B 173 -1.42 39.61 4.21
C MET B 173 -1.45 38.44 5.20
N MET B 174 -0.56 38.46 6.19
CA MET B 174 -0.56 37.42 7.22
C MET B 174 -1.90 37.39 7.96
N ASP B 175 -2.45 38.57 8.24
CA ASP B 175 -3.76 38.66 8.89
C ASP B 175 -4.83 37.95 8.06
N SER B 176 -4.93 38.29 6.78
CA SER B 176 -5.89 37.62 5.92
C SER B 176 -5.71 36.09 5.98
N TRP B 177 -4.47 35.62 5.83
CA TRP B 177 -4.23 34.18 5.80
C TRP B 177 -4.65 33.51 7.11
N LEU B 178 -4.25 34.10 8.24
CA LEU B 178 -4.58 33.48 9.53
C LEU B 178 -6.09 33.50 9.79
N SER B 179 -6.76 34.61 9.46
CA SER B 179 -8.20 34.68 9.63
C SER B 179 -8.91 33.66 8.76
N GLY B 180 -8.39 33.44 7.55
CA GLY B 180 -8.92 32.37 6.72
C GLY B 180 -8.75 31.01 7.36
N ASN B 181 -7.55 30.73 7.90
CA ASN B 181 -7.33 29.41 8.49
C ASN B 181 -8.26 29.17 9.67
N GLY B 182 -8.34 30.12 10.60
CA GLY B 182 -9.20 29.96 11.76
C GLY B 182 -10.67 30.24 11.51
N HIS B 183 -11.00 30.91 10.42
CA HIS B 183 -12.38 31.31 10.13
C HIS B 183 -12.94 32.21 11.23
N ASN B 184 -12.14 33.20 11.60
CA ASN B 184 -12.51 34.13 12.68
C ASN B 184 -11.48 35.25 12.69
N TYR B 185 -11.68 36.23 13.57
CA TYR B 185 -10.72 37.29 13.75
C TYR B 185 -9.42 36.74 14.34
N PRO B 186 -8.28 37.33 13.99
CA PRO B 186 -6.99 36.70 14.33
C PRO B 186 -6.70 36.64 15.82
N GLU B 187 -7.33 37.49 16.64
CA GLU B 187 -7.05 37.45 18.07
C GLU B 187 -7.79 36.33 18.79
N THR B 188 -8.69 35.62 18.11
CA THR B 188 -9.38 34.47 18.68
C THR B 188 -8.70 33.15 18.35
N ILE B 189 -7.75 33.15 17.42
CA ILE B 189 -7.13 31.93 16.91
C ILE B 189 -5.80 31.68 17.61
N ALA B 190 -5.53 30.43 17.95
CA ALA B 190 -4.28 30.06 18.61
C ALA B 190 -3.13 30.12 17.62
N TYR B 191 -2.05 30.79 18.02
CA TYR B 191 -0.84 30.78 17.21
C TYR B 191 -0.35 29.35 16.97
N SER B 192 -0.44 28.51 18.00
CA SER B 192 0.03 27.14 17.88
C SER B 192 -0.75 26.35 16.83
N GLU B 193 -2.04 26.67 16.63
CA GLU B 193 -2.81 25.97 15.61
C GLU B 193 -2.29 26.28 14.20
N ILE B 194 -1.97 27.54 13.94
CA ILE B 194 -1.34 27.90 12.67
C ILE B 194 -0.03 27.14 12.49
N MET B 195 0.77 27.06 13.56
CA MET B 195 1.99 26.26 13.48
C MET B 195 1.67 24.80 13.15
N ARG B 196 0.61 24.24 13.73
CA ARG B 196 0.22 22.86 13.46
C ARG B 196 -0.08 22.66 11.98
N TRP B 197 -0.89 23.55 11.40
CA TRP B 197 -1.18 23.45 9.98
C TRP B 197 0.11 23.41 9.18
N PHE B 198 1.01 24.36 9.44
CA PHE B 198 2.28 24.37 8.72
C PHE B 198 3.03 23.04 8.88
N ALA B 199 3.07 22.50 10.10
CA ALA B 199 3.86 21.29 10.35
C ALA B 199 3.26 20.07 9.66
N LEU B 200 1.94 19.99 9.60
CA LEU B 200 1.28 18.90 8.86
C LEU B 200 1.55 19.00 7.37
N SER B 201 1.89 20.19 6.85
CA SER B 201 2.23 20.37 5.46
C SER B 201 3.73 20.22 5.18
N ASN B 202 4.47 19.54 6.06
CA ASN B 202 5.91 19.32 5.90
C ASN B 202 6.69 20.64 5.86
N PHE B 203 6.30 21.58 6.70
CA PHE B 203 7.06 22.82 6.93
C PHE B 203 7.44 23.54 5.62
N ASN B 204 6.51 23.60 4.67
CA ASN B 204 6.74 24.34 3.44
C ASN B 204 5.41 24.83 2.88
N MET B 205 5.35 26.11 2.49
CA MET B 205 4.09 26.73 2.12
C MET B 205 3.42 26.15 0.88
N PRO B 206 4.11 25.82 -0.21
CA PRO B 206 3.41 25.22 -1.35
C PRO B 206 2.65 23.95 -1.00
N THR B 207 3.25 23.06 -0.20
CA THR B 207 2.51 21.88 0.21
C THR B 207 1.29 22.25 1.03
N MET B 208 1.39 23.33 1.82
CA MET B 208 0.24 23.81 2.59
C MET B 208 -0.88 24.26 1.65
N PHE B 209 -0.55 25.07 0.63
CA PHE B 209 -1.55 25.49 -0.33
C PHE B 209 -2.21 24.29 -0.99
N ASP B 210 -1.41 23.29 -1.37
CA ASP B 210 -1.99 22.10 -2.01
C ASP B 210 -2.89 21.32 -1.06
N SER B 211 -2.55 21.30 0.24
CA SER B 211 -3.30 20.53 1.21
C SER B 211 -4.61 21.21 1.58
N ILE B 212 -4.63 22.55 1.54
CA ILE B 212 -5.77 23.29 2.10
C ILE B 212 -6.84 23.62 1.07
N ALA B 213 -6.48 23.79 -0.19
CA ALA B 213 -7.49 24.20 -1.15
C ALA B 213 -7.10 23.90 -2.59
N ARG B 214 -7.05 22.63 -2.96
CA ARG B 214 -6.68 22.28 -4.33
C ARG B 214 -7.41 21.05 -4.85
N TYR B 215 -7.33 19.94 -4.14
CA TYR B 215 -7.90 18.69 -4.63
C TYR B 215 -9.21 18.37 -3.92
N LYS B 216 -10.22 18.00 -4.71
CA LYS B 216 -11.54 17.63 -4.20
C LYS B 216 -12.01 16.37 -4.90
N ILE B 217 -12.78 15.54 -4.18
CA ILE B 217 -13.21 14.26 -4.73
C ILE B 217 -14.20 14.50 -5.87
N LYS B 218 -13.86 13.98 -7.05
CA LYS B 218 -14.69 14.16 -8.24
C LYS B 218 -16.15 13.82 -7.99
N THR B 219 -16.40 12.74 -7.24
CA THR B 219 -17.76 12.26 -7.03
C THR B 219 -18.38 12.82 -5.75
N GLY B 220 -17.72 13.76 -5.10
CA GLY B 220 -18.24 14.41 -3.91
C GLY B 220 -17.90 13.66 -2.64
N THR B 221 -17.81 14.42 -1.54
CA THR B 221 -17.54 13.80 -0.24
C THR B 221 -18.59 12.74 0.08
N HIS B 222 -19.83 12.95 -0.33
CA HIS B 222 -20.88 11.98 -0.05
C HIS B 222 -20.55 10.61 -0.64
N SER B 223 -19.83 10.57 -1.76
CA SER B 223 -19.46 9.28 -2.33
C SER B 223 -18.53 8.51 -1.41
N LEU B 224 -17.57 9.20 -0.78
CA LEU B 224 -16.70 8.54 0.20
C LEU B 224 -17.49 8.11 1.42
N LEU B 225 -18.30 9.01 1.96
CA LEU B 225 -19.13 8.66 3.11
C LEU B 225 -19.97 7.41 2.82
N GLU B 226 -20.52 7.32 1.62
CA GLU B 226 -21.37 6.19 1.27
C GLU B 226 -20.56 4.92 1.10
N ALA B 227 -19.36 4.99 0.51
CA ALA B 227 -18.53 3.81 0.42
C ALA B 227 -18.17 3.30 1.81
N ILE B 228 -17.81 4.21 2.70
CA ILE B 228 -17.47 3.82 4.08
C ILE B 228 -18.67 3.15 4.75
N MET B 229 -19.84 3.77 4.64
CA MET B 229 -21.04 3.18 5.25
C MET B 229 -21.33 1.80 4.67
N ALA B 230 -21.24 1.67 3.34
CA ALA B 230 -21.54 0.40 2.70
C ALA B 230 -20.57 -0.68 3.13
N ASP B 231 -19.32 -0.33 3.45
CA ASP B 231 -18.41 -1.36 3.93
C ASP B 231 -18.72 -1.83 5.34
N GLY B 232 -19.57 -1.11 6.09
CA GLY B 232 -19.94 -1.49 7.42
C GLY B 232 -21.28 -2.19 7.46
N ASN B 233 -21.76 -2.46 8.67
CA ASN B 233 -23.01 -3.18 8.87
C ASN B 233 -23.77 -2.60 10.06
N SER B 234 -24.02 -1.30 10.03
CA SER B 234 -24.65 -0.61 11.15
C SER B 234 -26.06 -0.17 10.77
N GLU B 235 -26.95 -0.20 11.76
CA GLU B 235 -28.24 0.42 11.63
C GLU B 235 -28.09 1.93 11.62
N VAL B 236 -29.04 2.61 10.99
CA VAL B 236 -29.01 4.06 10.89
C VAL B 236 -30.41 4.60 11.19
N LYS B 237 -30.50 5.54 12.11
CA LYS B 237 -31.73 6.26 12.40
C LYS B 237 -31.46 7.74 12.19
N LEU B 238 -32.03 8.29 11.12
CA LEU B 238 -31.93 9.71 10.83
C LEU B 238 -33.03 10.46 11.56
N SER B 239 -32.93 11.79 11.55
CA SER B 239 -33.94 12.66 12.15
C SER B 239 -34.27 12.24 13.58
N THR B 240 -33.27 11.77 14.30
CA THR B 240 -33.46 11.22 15.65
C THR B 240 -32.41 11.82 16.58
N PRO B 241 -32.57 13.10 16.94
CA PRO B 241 -31.60 13.74 17.83
C PRO B 241 -31.61 13.13 19.22
N VAL B 242 -30.42 12.96 19.78
CA VAL B 242 -30.28 12.48 21.15
C VAL B 242 -30.47 13.65 22.10
N THR B 243 -31.14 13.42 23.21
CA THR B 243 -31.39 14.45 24.21
C THR B 243 -30.77 14.13 25.55
N LYS B 244 -30.70 12.88 25.93
CA LYS B 244 -30.15 12.47 27.22
C LYS B 244 -29.27 11.25 27.02
N VAL B 245 -28.20 11.19 27.80
CA VAL B 245 -27.30 10.03 27.86
C VAL B 245 -27.11 9.69 29.33
N ASN B 246 -27.52 8.49 29.71
CA ASN B 246 -27.42 8.00 31.08
C ASN B 246 -26.60 6.72 31.09
N GLN B 247 -25.59 6.66 31.97
CA GLN B 247 -24.74 5.48 32.06
C GLN B 247 -24.63 5.01 33.51
N ASP B 248 -24.69 3.70 33.71
CA ASP B 248 -24.43 3.06 34.99
C ASP B 248 -23.25 2.10 34.83
N LYS B 249 -23.04 1.23 35.82
CA LYS B 249 -21.89 0.34 35.77
C LYS B 249 -21.99 -0.67 34.63
N ASP B 250 -23.19 -0.90 34.10
CA ASP B 250 -23.42 -1.99 33.16
C ASP B 250 -23.76 -1.55 31.74
N LYS B 251 -24.44 -0.42 31.56
CA LYS B 251 -24.98 -0.07 30.25
C LYS B 251 -25.10 1.45 30.13
N VAL B 252 -25.35 1.89 28.91
CA VAL B 252 -25.69 3.28 28.60
C VAL B 252 -27.09 3.31 28.02
N THR B 253 -27.92 4.21 28.53
CA THR B 253 -29.27 4.45 28.03
C THR B 253 -29.27 5.79 27.30
N VAL B 254 -29.58 5.76 26.01
CA VAL B 254 -29.60 6.92 25.14
C VAL B 254 -31.06 7.26 24.85
N THR B 255 -31.47 8.46 25.26
CA THR B 255 -32.82 8.95 25.05
C THR B 255 -32.87 9.85 23.82
N THR B 256 -33.90 9.65 22.99
CA THR B 256 -34.13 10.47 21.82
C THR B 256 -35.59 10.93 21.85
N GLU B 257 -35.94 11.84 20.95
CA GLU B 257 -37.35 12.18 20.82
C GLU B 257 -38.15 11.01 20.25
N ASP B 258 -37.49 10.04 19.61
CA ASP B 258 -38.17 8.94 18.94
C ASP B 258 -37.57 7.60 19.38
N GLY B 259 -37.59 7.35 20.68
CA GLY B 259 -37.22 6.07 21.24
C GLY B 259 -36.07 6.17 22.23
N VAL B 260 -35.89 5.07 22.95
CA VAL B 260 -34.82 4.92 23.92
C VAL B 260 -34.05 3.65 23.58
N PHE B 261 -32.71 3.74 23.60
CA PHE B 261 -31.87 2.62 23.20
C PHE B 261 -30.81 2.39 24.26
N THR B 262 -30.39 1.15 24.41
CA THR B 262 -29.34 0.85 25.38
C THR B 262 -28.22 0.09 24.70
N ALA B 263 -26.99 0.36 25.14
CA ALA B 263 -25.84 -0.29 24.55
C ALA B 263 -24.76 -0.45 25.60
N SER B 264 -23.84 -1.38 25.32
CA SER B 264 -22.71 -1.56 26.23
C SER B 264 -21.73 -0.40 26.14
N ALA B 265 -21.66 0.24 24.97
CA ALA B 265 -20.74 1.36 24.77
C ALA B 265 -21.36 2.37 23.82
N VAL B 266 -21.06 3.64 24.07
CA VAL B 266 -21.58 4.74 23.28
C VAL B 266 -20.43 5.62 22.82
N ILE B 267 -20.38 5.90 21.52
CA ILE B 267 -19.40 6.81 20.94
C ILE B 267 -20.11 8.12 20.65
N VAL B 268 -19.77 9.15 21.42
CA VAL B 268 -20.29 10.49 21.22
C VAL B 268 -19.45 11.17 20.13
N ALA B 269 -20.01 11.33 18.94
CA ALA B 269 -19.28 11.94 17.85
C ALA B 269 -19.99 13.20 17.35
N VAL B 270 -20.27 14.13 18.24
CA VAL B 270 -20.95 15.38 17.90
C VAL B 270 -19.92 16.51 17.93
N PRO B 271 -20.18 17.65 17.27
CA PRO B 271 -19.23 18.76 17.36
C PRO B 271 -19.08 19.22 18.80
N ILE B 272 -17.85 19.51 19.20
CA ILE B 272 -17.62 19.93 20.58
C ILE B 272 -18.46 21.16 20.90
N ASN B 273 -18.64 22.05 19.91
CA ASN B 273 -19.43 23.25 20.13
C ASN B 273 -20.87 22.96 20.53
N THR B 274 -21.35 21.73 20.33
CA THR B 274 -22.72 21.38 20.69
C THR B 274 -22.82 20.58 21.98
N LEU B 275 -21.71 20.38 22.70
CA LEU B 275 -21.71 19.45 23.81
C LEU B 275 -22.74 19.81 24.88
N HIS B 276 -22.95 21.11 25.14
CA HIS B 276 -23.90 21.49 26.18
C HIS B 276 -25.30 20.95 25.90
N ASP B 277 -25.62 20.70 24.63
CA ASP B 277 -26.99 20.49 24.19
C ASP B 277 -27.54 19.10 24.50
N ILE B 278 -26.73 18.18 25.01
CA ILE B 278 -27.22 16.88 25.46
C ILE B 278 -27.02 16.80 26.98
N GLU B 279 -27.97 16.18 27.66
CA GLU B 279 -27.91 16.06 29.11
C GLU B 279 -27.27 14.73 29.50
N TYR B 280 -26.13 14.79 30.19
CA TYR B 280 -25.33 13.63 30.55
C TYR B 280 -25.43 13.32 32.03
N SER B 281 -25.67 12.05 32.36
CA SER B 281 -25.69 11.59 33.75
C SER B 281 -24.89 10.30 33.91
N PRO B 282 -23.79 10.31 34.68
CA PRO B 282 -23.19 11.46 35.39
C PRO B 282 -22.74 12.56 34.43
N LYS B 283 -22.56 13.79 34.93
CA LYS B 283 -22.16 14.87 34.05
C LYS B 283 -20.76 14.63 33.49
N LEU B 284 -20.50 15.25 32.35
CA LEU B 284 -19.21 15.10 31.68
C LEU B 284 -18.15 15.92 32.39
N SER B 285 -16.90 15.61 32.08
CA SER B 285 -15.76 16.26 32.69
C SER B 285 -15.67 17.74 32.29
N ALA B 286 -14.87 18.50 33.04
CA ALA B 286 -14.77 19.93 32.86
C ALA B 286 -14.21 20.30 31.49
N ALA B 287 -13.43 19.42 30.87
CA ALA B 287 -12.91 19.74 29.54
C ALA B 287 -14.04 19.83 28.54
N LYS B 288 -14.94 18.86 28.54
CA LYS B 288 -16.08 18.90 27.63
C LYS B 288 -16.95 20.12 27.89
N VAL B 289 -17.22 20.43 29.17
CA VAL B 289 -18.09 21.56 29.50
C VAL B 289 -17.43 22.87 29.10
N ASP B 290 -16.14 23.02 29.43
CA ASP B 290 -15.41 24.24 29.09
C ASP B 290 -15.34 24.43 27.59
N MET B 291 -15.11 23.37 26.84
CA MET B 291 -15.01 23.48 25.38
C MET B 291 -16.37 23.78 24.76
N GLY B 292 -17.45 23.22 25.32
CA GLY B 292 -18.78 23.59 24.87
C GLY B 292 -19.14 25.03 25.22
N SER B 293 -18.54 25.57 26.28
CA SER B 293 -18.79 26.96 26.63
C SER B 293 -18.00 27.91 25.73
N GLN B 294 -16.69 27.69 25.62
CA GLN B 294 -15.84 28.61 24.88
C GLN B 294 -15.90 28.37 23.37
N ARG B 295 -16.07 27.13 22.94
CA ARG B 295 -16.07 26.78 21.52
C ARG B 295 -14.68 26.92 20.90
N HIS B 296 -14.44 26.21 19.81
CA HIS B 296 -13.28 26.48 18.99
C HIS B 296 -13.50 27.81 18.26
N ALA B 297 -12.52 28.21 17.45
CA ALA B 297 -12.58 29.55 16.84
C ALA B 297 -13.39 29.62 15.55
N GLY B 298 -13.74 28.48 14.96
CA GLY B 298 -14.41 28.45 13.66
C GLY B 298 -15.82 29.00 13.64
N ALA B 299 -16.01 30.22 13.09
CA ALA B 299 -17.30 30.88 13.22
C ALA B 299 -17.60 31.84 12.08
N GLY B 300 -17.03 31.59 10.89
CA GLY B 300 -17.16 32.51 9.79
C GLY B 300 -18.15 32.03 8.75
N VAL B 301 -18.08 32.66 7.58
CA VAL B 301 -18.93 32.32 6.45
C VAL B 301 -18.04 31.81 5.32
N LYS B 302 -18.53 30.82 4.58
CA LYS B 302 -17.98 30.39 3.32
C LYS B 302 -19.12 30.30 2.30
N GLY B 303 -18.85 30.73 1.08
CA GLY B 303 -19.88 30.71 0.05
C GLY B 303 -19.33 30.57 -1.35
N TYR B 304 -20.21 30.14 -2.25
CA TYR B 304 -19.92 30.05 -3.68
C TYR B 304 -20.64 31.19 -4.40
N ILE B 305 -19.91 31.87 -5.29
CA ILE B 305 -20.44 33.01 -6.03
C ILE B 305 -20.18 32.80 -7.52
N ARG B 306 -21.22 32.89 -8.33
CA ARG B 306 -21.06 32.86 -9.77
C ARG B 306 -21.10 34.30 -10.29
N VAL B 307 -20.06 34.69 -11.03
CA VAL B 307 -20.03 35.99 -11.68
C VAL B 307 -20.10 35.77 -13.19
N LYS B 308 -20.84 36.66 -13.86
CA LYS B 308 -21.03 36.54 -15.31
C LYS B 308 -19.71 36.53 -16.04
N GLN B 309 -18.75 37.32 -15.57
CA GLN B 309 -17.51 37.56 -16.28
C GLN B 309 -16.50 36.43 -16.06
N ASN B 310 -15.57 36.33 -17.01
CA ASN B 310 -14.42 35.44 -16.89
C ASN B 310 -13.28 36.25 -16.29
N VAL B 311 -13.07 36.12 -14.98
CA VAL B 311 -12.05 36.90 -14.30
C VAL B 311 -10.72 36.17 -14.23
N GLY B 312 -10.62 34.98 -14.82
CA GLY B 312 -9.39 34.23 -14.69
C GLY B 312 -9.25 33.62 -13.31
N ASN B 313 -8.01 33.26 -12.99
CA ASN B 313 -7.65 32.62 -11.73
C ASN B 313 -7.14 33.69 -10.76
N VAL B 314 -8.01 34.12 -9.85
CA VAL B 314 -7.68 35.19 -8.91
C VAL B 314 -7.52 34.62 -7.51
N MET B 315 -6.70 35.30 -6.72
CA MET B 315 -6.55 35.01 -5.30
C MET B 315 -6.51 36.35 -4.57
N THR B 316 -7.38 36.53 -3.57
CA THR B 316 -7.43 37.79 -2.84
C THR B 316 -7.15 37.59 -1.36
N TYR B 317 -6.57 38.61 -0.75
CA TYR B 317 -6.23 38.66 0.66
C TYR B 317 -6.76 39.95 1.26
N ALA B 318 -7.54 39.87 2.33
CA ALA B 318 -7.95 41.06 3.06
C ALA B 318 -8.00 40.78 4.55
N PRO B 319 -7.53 41.71 5.38
CA PRO B 319 -7.55 41.48 6.83
C PRO B 319 -8.98 41.31 7.35
N ALA B 320 -9.10 40.55 8.43
CA ALA B 320 -10.43 40.28 9.00
C ALA B 320 -11.18 41.57 9.27
N ARG B 321 -10.49 42.60 9.75
CA ARG B 321 -11.07 43.92 9.96
C ARG B 321 -10.45 44.87 8.95
N ASN B 322 -11.22 45.22 7.93
CA ASN B 322 -10.79 46.22 6.96
C ASN B 322 -12.03 46.96 6.48
N LYS B 323 -11.82 48.18 6.01
CA LYS B 323 -12.93 49.07 5.66
C LYS B 323 -13.41 48.90 4.24
N LEU B 324 -12.87 47.94 3.48
CA LEU B 324 -13.18 47.82 2.05
C LEU B 324 -14.06 46.64 1.69
N THR B 325 -13.83 45.45 2.26
CA THR B 325 -14.55 44.25 1.87
C THR B 325 -14.70 43.33 3.06
N PRO B 326 -15.82 42.60 3.15
CA PRO B 326 -15.98 41.62 4.23
C PRO B 326 -15.21 40.33 4.02
N PHE B 327 -14.67 40.09 2.83
CA PHE B 327 -14.08 38.80 2.49
C PHE B 327 -12.59 38.80 2.84
N THR B 328 -12.17 37.79 3.62
CA THR B 328 -10.74 37.63 3.89
C THR B 328 -10.02 37.04 2.68
N SER B 329 -10.71 36.23 1.88
CA SER B 329 -10.15 35.77 0.62
C SER B 329 -11.29 35.32 -0.28
N VAL B 330 -11.11 35.58 -1.56
CA VAL B 330 -11.93 35.05 -2.63
C VAL B 330 -11.00 34.46 -3.67
N PHE B 331 -11.32 33.27 -4.18
CA PHE B 331 -10.47 32.73 -5.23
C PHE B 331 -11.30 31.91 -6.21
N THR B 332 -10.75 31.78 -7.42
CA THR B 332 -11.39 31.04 -8.49
C THR B 332 -11.44 29.56 -8.18
N ASP B 333 -12.65 28.98 -8.24
CA ASP B 333 -12.71 27.51 -8.31
C ASP B 333 -12.54 27.04 -9.74
N HIS B 334 -13.35 27.55 -10.66
CA HIS B 334 -13.16 27.26 -12.06
C HIS B 334 -13.94 28.26 -12.91
N VAL B 335 -13.58 28.31 -14.18
CA VAL B 335 -14.18 29.23 -15.16
C VAL B 335 -14.74 28.37 -16.27
N ASP B 336 -16.05 28.48 -16.51
CA ASP B 336 -16.70 27.72 -17.57
C ASP B 336 -17.59 28.68 -18.36
N GLU B 337 -18.49 28.10 -19.17
CA GLU B 337 -19.31 28.90 -20.07
C GLU B 337 -20.14 29.94 -19.32
N SER B 338 -20.61 29.60 -18.13
CA SER B 338 -21.44 30.49 -17.32
C SER B 338 -20.63 31.55 -16.56
N GLY B 339 -19.33 31.65 -16.78
CA GLY B 339 -18.55 32.65 -16.09
C GLY B 339 -17.57 32.07 -15.10
N THR B 340 -17.34 32.77 -13.99
CA THR B 340 -16.38 32.34 -12.98
C THR B 340 -17.11 31.94 -11.72
N LEU B 341 -16.77 30.76 -11.20
CA LEU B 341 -17.22 30.33 -9.88
C LEU B 341 -16.13 30.69 -8.88
N LEU B 342 -16.48 31.47 -7.87
CA LEU B 342 -15.58 31.94 -6.84
C LEU B 342 -15.93 31.32 -5.50
N ILE B 343 -14.88 31.12 -4.69
CA ILE B 343 -15.01 30.70 -3.31
C ILE B 343 -14.71 31.92 -2.46
N ALA B 344 -15.58 32.20 -1.49
CA ALA B 344 -15.43 33.39 -0.67
C ALA B 344 -15.51 33.01 0.80
N PHE B 345 -14.66 33.62 1.58
CA PHE B 345 -14.60 33.39 3.02
C PHE B 345 -14.69 34.73 3.72
N SER B 346 -15.42 34.77 4.84
CA SER B 346 -15.45 35.95 5.69
C SER B 346 -15.32 35.51 7.13
N ALA B 347 -14.69 36.35 7.94
CA ALA B 347 -14.40 36.00 9.32
C ALA B 347 -15.60 36.14 10.24
N ASP B 348 -16.67 36.77 9.79
CA ASP B 348 -17.80 37.14 10.66
C ASP B 348 -19.10 37.28 9.86
N PRO B 349 -20.08 36.41 10.12
CA PRO B 349 -21.34 36.51 9.36
C PRO B 349 -22.05 37.83 9.52
N LYS B 350 -21.75 38.60 10.56
CA LYS B 350 -22.35 39.93 10.67
C LYS B 350 -21.83 40.89 9.60
N LEU B 351 -20.76 40.53 8.91
CA LEU B 351 -20.16 41.43 7.92
C LEU B 351 -20.78 41.29 6.55
N ILE B 352 -21.37 40.14 6.23
CA ILE B 352 -21.91 39.90 4.90
C ILE B 352 -22.93 38.78 4.92
N ASP B 353 -24.07 39.00 4.28
CA ASP B 353 -25.09 37.98 4.07
C ASP B 353 -24.76 37.26 2.76
N ILE B 354 -24.12 36.10 2.87
CA ILE B 354 -23.61 35.37 1.73
C ILE B 354 -24.69 34.94 0.74
N ASN B 355 -25.97 35.04 1.11
CA ASN B 355 -27.06 34.64 0.25
C ASN B 355 -27.80 35.82 -0.37
N ASP B 356 -27.34 37.05 -0.12
CA ASP B 356 -27.92 38.25 -0.72
C ASP B 356 -27.08 38.61 -1.95
N ILE B 357 -27.64 38.37 -3.13
CA ILE B 357 -26.85 38.50 -4.35
C ILE B 357 -26.30 39.92 -4.49
N LYS B 358 -27.14 40.92 -4.23
CA LYS B 358 -26.71 42.30 -4.40
C LYS B 358 -25.68 42.70 -3.34
N ALA B 359 -25.88 42.27 -2.08
CA ALA B 359 -24.90 42.58 -1.06
C ALA B 359 -23.55 41.95 -1.39
N VAL B 360 -23.58 40.72 -1.90
CA VAL B 360 -22.35 40.04 -2.28
C VAL B 360 -21.66 40.75 -3.44
N GLU B 361 -22.43 41.15 -4.46
CA GLU B 361 -21.85 41.88 -5.58
C GLU B 361 -21.19 43.18 -5.11
N LYS B 362 -21.89 43.94 -4.28
CA LYS B 362 -21.31 45.17 -3.72
C LYS B 362 -20.02 44.86 -2.97
N ALA B 363 -20.03 43.84 -2.12
CA ALA B 363 -18.85 43.52 -1.33
C ALA B 363 -17.68 43.06 -2.20
N LEU B 364 -17.98 42.45 -3.34
CA LEU B 364 -16.91 42.01 -4.25
C LEU B 364 -16.36 43.15 -5.08
N GLN B 365 -17.12 44.23 -5.21
CA GLN B 365 -16.72 45.30 -6.13
C GLN B 365 -15.30 45.81 -5.92
N PRO B 366 -14.82 46.06 -4.69
CA PRO B 366 -13.46 46.60 -4.54
C PRO B 366 -12.37 45.61 -4.92
N LEU B 367 -12.64 44.32 -4.86
CA LEU B 367 -11.65 43.31 -5.26
C LEU B 367 -11.71 43.00 -6.74
N LEU B 368 -12.92 42.93 -7.31
CA LEU B 368 -13.13 42.61 -8.72
C LEU B 368 -14.10 43.62 -9.33
N PRO B 369 -13.64 44.84 -9.59
CA PRO B 369 -14.53 45.90 -10.08
C PRO B 369 -15.21 45.54 -11.39
N GLY B 370 -16.54 45.65 -11.40
CA GLY B 370 -17.34 45.43 -12.59
C GLY B 370 -18.07 44.10 -12.61
N VAL B 371 -17.81 43.24 -11.63
CA VAL B 371 -18.37 41.89 -11.62
C VAL B 371 -19.88 41.91 -11.39
N GLU B 372 -20.59 41.09 -12.15
CA GLU B 372 -22.03 40.91 -12.03
C GLU B 372 -22.30 39.53 -11.42
N VAL B 373 -22.87 39.52 -10.22
CA VAL B 373 -23.10 38.27 -9.49
C VAL B 373 -24.37 37.61 -10.01
N THR B 374 -24.22 36.38 -10.53
CA THR B 374 -25.36 35.61 -11.01
C THR B 374 -26.03 34.78 -9.92
N ALA B 375 -25.27 34.30 -8.94
CA ALA B 375 -25.84 33.51 -7.87
C ALA B 375 -24.86 33.48 -6.73
N SER B 376 -25.38 33.27 -5.52
CA SER B 376 -24.55 33.31 -4.32
C SER B 376 -25.20 32.43 -3.28
N TYR B 377 -24.47 31.45 -2.77
CA TYR B 377 -25.00 30.56 -1.74
C TYR B 377 -23.94 30.17 -0.75
N GLY B 378 -24.33 30.17 0.53
CA GLY B 378 -23.50 29.67 1.61
C GLY B 378 -24.38 29.07 2.69
N TYR B 379 -24.04 27.87 3.13
CA TYR B 379 -24.78 27.22 4.21
C TYR B 379 -24.45 27.87 5.54
N ASP B 380 -25.46 28.05 6.38
CA ASP B 380 -25.26 28.69 7.69
C ASP B 380 -24.97 27.62 8.73
N TRP B 381 -23.69 27.22 8.80
CA TRP B 381 -23.27 26.28 9.83
C TRP B 381 -23.29 26.90 11.23
N ASN B 382 -23.24 28.23 11.32
CA ASN B 382 -23.19 28.87 12.63
C ASN B 382 -24.55 28.81 13.31
N LEU B 383 -25.63 28.93 12.56
CA LEU B 383 -26.96 28.89 13.14
C LEU B 383 -27.62 27.52 13.02
N ASP B 384 -27.02 26.59 12.29
CA ASP B 384 -27.45 25.21 12.31
C ASP B 384 -27.16 24.62 13.69
N PRO B 385 -28.18 24.29 14.50
CA PRO B 385 -27.91 23.81 15.87
C PRO B 385 -27.07 22.54 15.92
N PHE B 386 -26.95 21.80 14.81
CA PHE B 386 -26.21 20.55 14.81
C PHE B 386 -24.74 20.72 14.49
N SER B 387 -24.30 21.95 14.27
CA SER B 387 -22.89 22.30 14.13
C SER B 387 -22.52 23.51 14.97
N LYS B 388 -23.35 24.56 14.97
CA LYS B 388 -23.11 25.76 15.77
C LYS B 388 -21.69 26.28 15.58
N GLY B 389 -21.26 26.34 14.33
CA GLY B 389 -19.92 26.77 14.00
C GLY B 389 -19.41 26.02 12.79
N THR B 390 -18.17 26.33 12.41
CA THR B 390 -17.58 25.70 11.23
C THR B 390 -16.53 24.67 11.61
N TRP B 391 -15.39 24.66 10.91
CA TRP B 391 -14.34 23.70 11.23
C TRP B 391 -13.56 24.14 12.46
N CYS B 392 -13.01 23.15 13.17
CA CYS B 392 -12.41 23.35 14.47
C CYS B 392 -10.98 23.85 14.36
N THR B 393 -10.73 25.04 14.88
CA THR B 393 -9.38 25.51 15.17
C THR B 393 -9.42 26.08 16.58
N TYR B 394 -8.50 25.64 17.42
CA TYR B 394 -8.59 26.02 18.82
C TYR B 394 -8.31 27.50 19.02
N ARG B 395 -8.91 28.05 20.06
CA ARG B 395 -8.54 29.36 20.55
C ARG B 395 -7.27 29.23 21.37
N PRO B 396 -6.64 30.34 21.74
CA PRO B 396 -5.42 30.24 22.54
C PRO B 396 -5.68 29.44 23.81
N ASN B 397 -4.67 28.66 24.21
CA ASN B 397 -4.69 27.91 25.46
C ASN B 397 -5.47 26.60 25.42
N GLN B 398 -6.32 26.42 24.42
CA GLN B 398 -7.25 25.29 24.44
C GLN B 398 -6.55 23.96 24.16
N THR B 399 -5.58 23.95 23.23
CA THR B 399 -4.88 22.71 22.92
C THR B 399 -4.33 22.07 24.19
N THR B 400 -3.40 22.77 24.86
CA THR B 400 -2.68 22.22 26.00
C THR B 400 -3.57 22.03 27.22
N ARG B 401 -4.66 22.79 27.34
CA ARG B 401 -5.55 22.64 28.50
C ARG B 401 -6.55 21.51 28.32
N TYR B 402 -7.00 21.26 27.09
CA TYR B 402 -8.20 20.47 26.88
C TYR B 402 -8.09 19.28 25.94
N LEU B 403 -7.14 19.25 25.00
CA LEU B 403 -7.19 18.21 23.97
C LEU B 403 -7.28 16.80 24.57
N THR B 404 -6.37 16.49 25.49
CA THR B 404 -6.29 15.16 26.06
C THR B 404 -7.56 14.82 26.86
N GLU B 405 -8.03 15.76 27.67
CA GLU B 405 -9.23 15.52 28.47
C GLU B 405 -10.46 15.36 27.59
N LEU B 406 -10.51 16.05 26.45
CA LEU B 406 -11.60 15.84 25.50
C LEU B 406 -11.58 14.43 24.97
N GLN B 407 -10.39 13.96 24.60
CA GLN B 407 -10.28 12.61 24.06
C GLN B 407 -10.63 11.55 25.10
N LYS B 408 -10.56 11.89 26.38
CA LYS B 408 -10.62 10.90 27.44
C LYS B 408 -11.93 10.13 27.42
N ARG B 409 -11.83 8.81 27.55
CA ARG B 409 -13.01 8.00 27.80
C ARG B 409 -13.56 8.36 29.18
N GLU B 410 -14.89 8.32 29.31
CA GLU B 410 -15.55 8.55 30.60
C GLU B 410 -16.58 7.44 30.80
N GLY B 411 -16.22 6.45 31.63
CA GLY B 411 -17.07 5.30 31.84
C GLY B 411 -17.21 4.47 30.57
N ARG B 412 -18.45 4.25 30.13
CA ARG B 412 -18.72 3.60 28.87
C ARG B 412 -18.92 4.60 27.73
N LEU B 413 -18.60 5.87 27.96
CA LEU B 413 -18.72 6.91 26.94
C LEU B 413 -17.35 7.18 26.33
N PHE B 414 -17.26 7.06 25.01
CA PHE B 414 -16.07 7.40 24.26
C PHE B 414 -16.39 8.63 23.41
N PHE B 415 -15.35 9.35 23.03
CA PHE B 415 -15.53 10.61 22.32
C PHE B 415 -14.66 10.63 21.08
N ALA B 416 -15.19 11.23 20.03
CA ALA B 416 -14.56 11.18 18.71
C ALA B 416 -14.95 12.41 17.92
N GLY B 417 -14.13 12.75 16.95
CA GLY B 417 -14.45 13.82 16.03
C GLY B 417 -13.20 14.55 15.55
N SER B 418 -13.36 15.22 14.41
CA SER B 418 -12.30 16.11 13.94
C SER B 418 -11.94 17.17 14.97
N ASP B 419 -12.91 17.61 15.77
CA ASP B 419 -12.67 18.64 16.78
C ASP B 419 -11.66 18.21 17.85
N MET B 420 -11.33 16.91 17.94
CA MET B 420 -10.39 16.42 18.94
C MET B 420 -9.41 15.41 18.34
N ALA B 421 -9.14 15.51 17.05
CA ALA B 421 -8.18 14.65 16.39
C ALA B 421 -6.75 15.08 16.73
N ASN B 422 -5.82 14.14 16.63
CA ASN B 422 -4.42 14.45 16.93
C ASN B 422 -3.74 15.20 15.79
N GLY B 423 -4.02 14.83 14.54
CA GLY B 423 -3.35 15.43 13.41
C GLY B 423 -4.11 16.55 12.74
N TRP B 424 -4.71 16.25 11.59
CA TRP B 424 -5.46 17.26 10.85
C TRP B 424 -6.79 17.55 11.55
N ARG B 425 -6.71 18.02 12.78
CA ARG B 425 -7.89 18.50 13.49
C ARG B 425 -8.51 19.68 12.75
N GLY B 426 -9.82 19.62 12.54
CA GLY B 426 -10.53 20.60 11.74
C GLY B 426 -10.84 20.15 10.32
N PHE B 427 -10.28 19.03 9.89
CA PHE B 427 -10.42 18.56 8.51
C PHE B 427 -11.19 17.24 8.48
N ILE B 428 -11.56 16.83 7.27
CA ILE B 428 -12.16 15.52 7.10
C ILE B 428 -11.20 14.43 7.58
N ASP B 429 -9.93 14.56 7.19
CA ASP B 429 -8.92 13.59 7.61
C ASP B 429 -8.93 13.42 9.12
N GLY B 430 -9.08 14.52 9.87
CA GLY B 430 -9.12 14.41 11.32
C GLY B 430 -10.29 13.58 11.79
N ALA B 431 -11.46 13.77 11.16
CA ALA B 431 -12.63 12.97 11.52
C ALA B 431 -12.38 11.49 11.26
N ILE B 432 -11.85 11.15 10.08
CA ILE B 432 -11.65 9.73 9.76
C ILE B 432 -10.64 9.12 10.74
N GLU B 433 -9.53 9.81 10.98
CA GLU B 433 -8.49 9.32 11.88
C GLU B 433 -9.03 9.08 13.29
N ASN B 434 -9.68 10.09 13.86
CA ASN B 434 -10.15 9.96 15.23
C ASN B 434 -11.24 8.91 15.35
N GLY B 435 -12.18 8.90 14.41
CA GLY B 435 -13.23 7.89 14.45
C GLY B 435 -12.68 6.49 14.33
N ARG B 436 -11.67 6.30 13.49
CA ARG B 436 -11.08 4.97 13.35
C ARG B 436 -10.43 4.50 14.65
N GLU B 437 -9.53 5.32 15.23
CA GLU B 437 -8.89 4.84 16.46
C GLU B 437 -9.90 4.66 17.59
N VAL B 438 -10.88 5.57 17.72
CA VAL B 438 -11.83 5.44 18.83
C VAL B 438 -12.72 4.21 18.62
N GLY B 439 -13.10 3.93 17.37
CA GLY B 439 -13.85 2.72 17.09
C GLY B 439 -13.06 1.48 17.42
N HIS B 440 -11.77 1.48 17.09
CA HIS B 440 -10.96 0.34 17.45
C HIS B 440 -10.88 0.20 18.97
N GLN B 441 -10.76 1.31 19.67
CA GLN B 441 -10.70 1.24 21.13
C GLN B 441 -11.98 0.65 21.70
N VAL B 442 -13.13 1.05 21.17
CA VAL B 442 -14.38 0.53 21.67
C VAL B 442 -14.50 -0.96 21.40
N ALA B 443 -14.10 -1.39 20.20
CA ALA B 443 -14.14 -2.82 19.90
C ALA B 443 -13.22 -3.59 20.84
N THR B 444 -12.03 -3.05 21.11
CA THR B 444 -11.12 -3.72 22.04
C THR B 444 -11.75 -3.84 23.42
N TYR B 445 -12.31 -2.73 23.91
CA TYR B 445 -12.94 -2.74 25.22
C TYR B 445 -14.05 -3.78 25.29
N LEU B 446 -14.89 -3.85 24.26
CA LEU B 446 -15.99 -4.81 24.28
C LEU B 446 -15.50 -6.25 24.14
N LYS B 447 -14.43 -6.48 23.36
CA LYS B 447 -13.88 -7.82 23.24
C LYS B 447 -13.33 -8.31 24.57
N ARG B 448 -12.65 -7.43 25.31
CA ARG B 448 -12.15 -7.83 26.62
C ARG B 448 -13.28 -8.22 27.56
N GLU B 449 -14.39 -7.47 27.53
CA GLU B 449 -15.52 -7.72 28.42
C GLU B 449 -16.29 -8.98 28.06
N VAL C 14 -16.72 -25.34 -3.36
CA VAL C 14 -15.54 -24.56 -2.97
C VAL C 14 -15.45 -24.49 -1.45
N GLY C 15 -14.22 -24.59 -0.94
CA GLY C 15 -14.01 -24.55 0.50
C GLY C 15 -13.96 -23.16 1.10
N TYR C 16 -13.51 -22.17 0.33
CA TYR C 16 -13.39 -20.81 0.82
C TYR C 16 -13.90 -19.84 -0.24
N ASP C 17 -14.27 -18.64 0.21
CA ASP C 17 -14.51 -17.57 -0.74
C ASP C 17 -13.20 -17.02 -1.29
N VAL C 18 -12.23 -16.80 -0.41
CA VAL C 18 -10.98 -16.16 -0.76
C VAL C 18 -9.83 -16.99 -0.21
N ILE C 19 -8.85 -17.29 -1.07
CA ILE C 19 -7.56 -17.80 -0.64
C ILE C 19 -6.51 -16.77 -0.99
N VAL C 20 -5.68 -16.41 -0.01
CA VAL C 20 -4.59 -15.45 -0.15
C VAL C 20 -3.28 -16.23 -0.12
N ILE C 21 -2.54 -16.21 -1.22
CA ILE C 21 -1.21 -16.82 -1.27
C ILE C 21 -0.21 -15.74 -0.87
N GLY C 22 0.39 -15.89 0.30
CA GLY C 22 1.39 -14.96 0.78
C GLY C 22 0.95 -14.18 2.01
N GLY C 23 1.71 -14.31 3.10
CA GLY C 23 1.40 -13.64 4.34
C GLY C 23 2.32 -12.50 4.70
N GLY C 24 2.72 -11.70 3.72
CA GLY C 24 3.38 -10.44 4.00
C GLY C 24 2.34 -9.39 4.34
N PHE C 25 2.80 -8.14 4.44
CA PHE C 25 1.85 -7.08 4.78
C PHE C 25 0.76 -6.97 3.72
N ALA C 26 1.12 -7.15 2.44
CA ALA C 26 0.10 -7.10 1.39
C ALA C 26 -0.96 -8.16 1.60
N GLY C 27 -0.54 -9.42 1.75
CA GLY C 27 -1.50 -10.50 1.92
C GLY C 27 -2.28 -10.39 3.21
N VAL C 28 -1.64 -9.98 4.30
CA VAL C 28 -2.34 -9.85 5.57
C VAL C 28 -3.40 -8.75 5.49
N THR C 29 -3.05 -7.63 4.87
CA THR C 29 -4.02 -6.54 4.71
C THR C 29 -5.20 -6.98 3.84
N ALA C 30 -4.91 -7.68 2.74
CA ALA C 30 -5.98 -8.20 1.89
C ALA C 30 -6.87 -9.15 2.67
N ALA C 31 -6.28 -10.04 3.46
CA ALA C 31 -7.06 -11.00 4.22
C ALA C 31 -7.92 -10.30 5.26
N ARG C 32 -7.42 -9.22 5.87
CA ARG C 32 -8.23 -8.47 6.81
C ARG C 32 -9.42 -7.84 6.09
N GLU C 33 -9.18 -7.14 4.98
CA GLU C 33 -10.29 -6.57 4.23
C GLU C 33 -11.33 -7.63 3.91
N ALA C 34 -10.87 -8.78 3.40
CA ALA C 34 -11.80 -9.80 2.92
C ALA C 34 -12.59 -10.41 4.06
N SER C 35 -11.90 -10.87 5.11
CA SER C 35 -12.60 -11.51 6.21
C SER C 35 -13.54 -10.53 6.92
N ARG C 36 -13.12 -9.27 7.08
CA ARG C 36 -14.01 -8.30 7.70
C ARG C 36 -15.18 -7.92 6.81
N SER C 37 -15.09 -8.21 5.52
CA SER C 37 -16.25 -8.05 4.64
C SER C 37 -17.17 -9.26 4.66
N GLY C 38 -16.91 -10.23 5.52
CA GLY C 38 -17.78 -11.39 5.67
C GLY C 38 -17.41 -12.62 4.85
N LEU C 39 -16.31 -12.59 4.11
CA LEU C 39 -15.91 -13.70 3.25
C LEU C 39 -15.06 -14.71 4.00
N LYS C 40 -15.22 -15.99 3.69
CA LYS C 40 -14.43 -17.05 4.31
C LYS C 40 -13.04 -17.07 3.68
N THR C 41 -12.03 -16.74 4.47
CA THR C 41 -10.70 -16.43 3.97
C THR C 41 -9.66 -17.37 4.56
N LEU C 42 -8.76 -17.84 3.70
CA LEU C 42 -7.62 -18.66 4.12
C LEU C 42 -6.33 -18.05 3.59
N ILE C 43 -5.34 -17.90 4.47
CA ILE C 43 -4.00 -17.46 4.08
C ILE C 43 -3.10 -18.69 4.04
N LEU C 44 -2.40 -18.86 2.92
CA LEU C 44 -1.38 -19.89 2.77
C LEU C 44 -0.01 -19.22 2.71
N GLU C 45 0.86 -19.54 3.66
CA GLU C 45 2.17 -18.90 3.77
C GLU C 45 3.28 -19.93 3.68
N GLY C 46 4.24 -19.68 2.80
CA GLY C 46 5.30 -20.66 2.55
C GLY C 46 6.29 -20.77 3.68
N ARG C 47 6.70 -19.64 4.26
CA ARG C 47 7.60 -19.67 5.40
C ARG C 47 6.85 -20.14 6.65
N SER C 48 7.63 -20.43 7.69
CA SER C 48 7.11 -20.80 9.00
C SER C 48 6.74 -19.58 9.85
N ARG C 49 6.56 -18.42 9.23
CA ARG C 49 6.22 -17.20 9.93
C ARG C 49 5.44 -16.29 9.01
N LEU C 50 4.72 -15.33 9.59
CA LEU C 50 4.15 -14.24 8.83
C LEU C 50 5.14 -13.08 8.79
N GLY C 51 4.92 -12.16 7.85
CA GLY C 51 5.71 -10.93 7.75
C GLY C 51 6.46 -10.78 6.44
N GLY C 52 6.81 -11.89 5.80
CA GLY C 52 7.49 -11.84 4.51
C GLY C 52 8.82 -11.11 4.57
N ARG C 53 8.91 -10.02 3.81
CA ARG C 53 10.13 -9.22 3.76
C ARG C 53 10.24 -8.25 4.94
N THR C 54 9.35 -8.34 5.93
CA THR C 54 9.61 -7.78 7.24
C THR C 54 9.81 -8.93 8.21
N PHE C 55 10.78 -8.77 9.11
CA PHE C 55 11.17 -9.86 10.01
C PHE C 55 11.69 -9.20 11.29
N THR C 56 10.86 -9.20 12.33
CA THR C 56 11.28 -8.69 13.64
C THR C 56 11.84 -9.85 14.45
N SER C 57 13.11 -9.72 14.83
CA SER C 57 13.81 -10.74 15.62
C SER C 57 14.64 -10.02 16.68
N LYS C 58 15.52 -10.76 17.34
CA LYS C 58 16.41 -10.23 18.38
C LYS C 58 17.86 -10.56 18.08
N LEU C 59 18.75 -9.62 18.34
CA LEU C 59 20.19 -9.83 18.15
C LEU C 59 20.95 -9.74 19.47
N LYS C 63 16.13 -6.78 19.96
CA LYS C 63 15.11 -6.77 18.93
C LYS C 63 15.52 -5.89 17.76
N VAL C 64 15.62 -6.50 16.57
CA VAL C 64 16.11 -5.85 15.37
C VAL C 64 15.18 -6.22 14.20
N GLU C 65 15.16 -5.35 13.20
CA GLU C 65 14.39 -5.56 11.98
C GLU C 65 15.32 -6.04 10.89
N LEU C 66 15.12 -7.29 10.45
CA LEU C 66 15.96 -7.86 9.41
C LEU C 66 15.52 -7.46 8.01
N GLY C 67 14.38 -6.80 7.87
CA GLY C 67 13.91 -6.37 6.57
C GLY C 67 13.38 -4.95 6.63
N GLY C 68 12.14 -4.77 6.21
CA GLY C 68 11.48 -3.47 6.26
C GLY C 68 11.50 -2.85 7.64
N THR C 69 11.81 -1.55 7.71
CA THR C 69 12.01 -0.90 9.00
C THR C 69 11.36 0.47 9.11
N TRP C 70 11.65 1.35 8.17
CA TRP C 70 11.40 2.78 8.36
C TRP C 70 10.07 3.18 7.72
N VAL C 71 9.39 4.10 8.41
CA VAL C 71 8.04 4.53 8.06
C VAL C 71 7.95 6.03 8.31
N HIS C 72 6.91 6.64 7.76
CA HIS C 72 6.77 8.08 7.90
C HIS C 72 5.32 8.47 7.61
N TRP C 73 4.94 9.64 8.08
CA TRP C 73 3.57 10.09 7.84
C TRP C 73 3.37 10.64 6.43
N THR C 74 4.42 10.68 5.61
CA THR C 74 4.19 10.84 4.17
C THR C 74 3.65 9.57 3.54
N GLN C 75 3.45 8.53 4.32
CA GLN C 75 3.01 7.23 3.82
C GLN C 75 1.60 6.96 4.32
N PRO C 76 0.57 7.27 3.52
CA PRO C 76 -0.80 7.30 4.08
C PRO C 76 -1.22 6.01 4.74
N ASN C 77 -0.95 4.87 4.10
CA ASN C 77 -1.48 3.61 4.62
C ASN C 77 -0.77 3.18 5.89
N VAL C 78 0.56 3.10 5.86
CA VAL C 78 1.28 2.60 7.02
C VAL C 78 1.11 3.54 8.20
N TRP C 79 1.10 4.84 7.96
CA TRP C 79 0.86 5.78 9.05
C TRP C 79 -0.55 5.64 9.59
N THR C 80 -1.53 5.51 8.70
CA THR C 80 -2.90 5.26 9.14
C THR C 80 -2.97 4.06 10.07
N GLU C 81 -2.31 2.95 9.68
CA GLU C 81 -2.39 1.74 10.49
C GLU C 81 -1.67 1.91 11.82
N ILE C 82 -0.51 2.56 11.82
CA ILE C 82 0.19 2.85 13.07
C ILE C 82 -0.72 3.61 14.02
N MET C 83 -1.37 4.66 13.52
CA MET C 83 -2.27 5.44 14.39
C MET C 83 -3.50 4.62 14.78
N HIS C 84 -4.03 3.84 13.82
CA HIS C 84 -5.17 2.97 14.04
C HIS C 84 -5.03 2.16 15.33
N TYR C 85 -3.83 1.64 15.58
CA TYR C 85 -3.61 0.70 16.67
C TYR C 85 -2.87 1.31 17.85
N GLY C 86 -2.68 2.63 17.86
CA GLY C 86 -2.04 3.29 18.99
C GLY C 86 -0.58 2.93 19.17
N LEU C 87 0.13 2.61 18.10
CA LEU C 87 1.54 2.28 18.16
C LEU C 87 2.39 3.54 18.17
N GLU C 88 3.67 3.37 18.53
CA GLU C 88 4.59 4.49 18.67
C GLU C 88 5.83 4.27 17.80
N VAL C 89 6.55 5.35 17.53
CA VAL C 89 7.77 5.29 16.74
C VAL C 89 8.91 5.92 17.54
N GLU C 90 10.11 5.39 17.30
CA GLU C 90 11.36 5.99 17.73
C GLU C 90 12.19 6.33 16.50
N GLU C 91 13.37 6.93 16.73
CA GLU C 91 14.18 7.50 15.66
C GLU C 91 15.52 6.80 15.50
N THR C 92 15.85 6.45 14.25
CA THR C 92 17.22 6.16 13.85
C THR C 92 17.90 7.47 13.48
N VAL C 93 19.11 7.69 14.00
CA VAL C 93 19.69 9.03 13.98
C VAL C 93 20.59 9.30 12.77
N GLY C 94 21.28 8.28 12.24
CA GLY C 94 22.45 8.51 11.41
C GLY C 94 22.16 9.22 10.10
N LEU C 95 21.12 8.80 9.39
CA LEU C 95 20.94 9.29 8.02
C LEU C 95 20.38 10.71 8.00
N ALA C 96 19.34 10.97 8.81
CA ALA C 96 18.67 12.26 8.73
C ALA C 96 19.34 13.36 9.56
N ASN C 97 20.06 13.02 10.64
CA ASN C 97 20.66 14.02 11.52
C ASN C 97 22.04 13.59 12.01
N PRO C 98 22.99 13.42 11.09
CA PRO C 98 24.36 13.06 11.47
C PRO C 98 25.20 14.25 11.92
N GLU C 99 26.30 13.95 12.62
CA GLU C 99 27.33 14.96 12.90
C GLU C 99 28.42 14.98 11.84
N THR C 100 28.91 13.82 11.44
CA THR C 100 30.02 13.68 10.52
C THR C 100 29.59 12.91 9.28
N VAL C 101 30.03 13.39 8.11
CA VAL C 101 29.80 12.71 6.86
C VAL C 101 31.14 12.31 6.27
N ILE C 102 31.26 11.03 5.92
CA ILE C 102 32.44 10.48 5.27
C ILE C 102 32.01 10.04 3.87
N TRP C 103 32.81 10.35 2.86
CA TRP C 103 32.42 9.98 1.51
C TRP C 103 33.63 9.66 0.66
N VAL C 104 33.42 8.77 -0.30
CA VAL C 104 34.45 8.27 -1.20
C VAL C 104 34.20 8.87 -2.57
N THR C 105 35.18 9.61 -3.07
CA THR C 105 35.13 10.11 -4.43
C THR C 105 36.46 9.85 -5.11
N GLU C 106 36.41 9.29 -6.31
CA GLU C 106 37.61 8.95 -7.08
C GLU C 106 38.58 8.13 -6.25
N ASP C 107 38.03 7.24 -5.43
CA ASP C 107 38.79 6.30 -4.61
C ASP C 107 39.60 6.98 -3.51
N ASN C 108 39.22 8.20 -3.13
CA ASN C 108 39.75 8.85 -1.93
C ASN C 108 38.62 9.04 -0.92
N VAL C 109 39.01 9.15 0.34
CA VAL C 109 38.08 9.27 1.46
C VAL C 109 38.16 10.68 2.03
N LYS C 110 37.01 11.34 2.11
CA LYS C 110 36.86 12.66 2.70
C LYS C 110 35.97 12.58 3.93
N ARG C 111 36.19 13.49 4.87
CA ARG C 111 35.41 13.59 6.10
C ARG C 111 35.12 15.06 6.36
N ALA C 112 33.90 15.36 6.80
CA ALA C 112 33.58 16.76 7.05
C ALA C 112 32.35 16.84 7.95
N PRO C 113 32.17 17.95 8.65
CA PRO C 113 30.92 18.19 9.36
C PRO C 113 29.74 18.06 8.42
N ALA C 114 28.66 17.44 8.93
CA ALA C 114 27.51 17.11 8.09
C ALA C 114 27.07 18.27 7.20
N ALA C 115 27.08 19.50 7.74
CA ALA C 115 26.61 20.64 6.95
C ALA C 115 27.45 20.84 5.69
N GLU C 116 28.77 20.72 5.83
CA GLU C 116 29.65 20.93 4.68
C GLU C 116 29.45 19.85 3.63
N ALA C 117 29.39 18.58 4.06
CA ALA C 117 29.13 17.52 3.09
C ALA C 117 27.79 17.72 2.40
N PHE C 118 26.77 18.09 3.18
CA PHE C 118 25.45 18.21 2.62
C PHE C 118 25.34 19.41 1.68
N GLU C 119 26.23 20.40 1.79
CA GLU C 119 26.30 21.40 0.74
C GLU C 119 26.52 20.74 -0.63
N ILE C 120 27.58 19.94 -0.74
CA ILE C 120 27.90 19.25 -2.00
C ILE C 120 26.75 18.33 -2.40
N PHE C 121 26.32 17.46 -1.49
CA PHE C 121 25.31 16.47 -1.83
C PHE C 121 23.99 17.13 -2.20
N GLY C 122 23.63 18.22 -1.53
CA GLY C 122 22.36 18.86 -1.79
C GLY C 122 22.35 19.64 -3.09
N SER C 123 23.48 20.27 -3.45
CA SER C 123 23.52 20.87 -4.79
C SER C 123 23.37 19.78 -5.85
N ALA C 124 24.08 18.67 -5.67
CA ALA C 124 23.92 17.56 -6.61
C ALA C 124 22.45 17.12 -6.68
N CYS C 125 21.80 16.98 -5.53
CA CYS C 125 20.40 16.56 -5.50
C CYS C 125 19.50 17.55 -6.21
N ASN C 126 19.70 18.84 -5.94
CA ASN C 126 18.92 19.88 -6.62
C ASN C 126 19.00 19.72 -8.12
N GLU C 127 20.17 19.36 -8.65
CA GLU C 127 20.23 19.14 -10.09
C GLU C 127 19.56 17.83 -10.49
N TYR C 128 19.77 16.75 -9.73
CA TYR C 128 19.33 15.44 -10.19
C TYR C 128 17.81 15.32 -10.20
N TYR C 129 17.13 16.05 -9.33
CA TYR C 129 15.68 15.92 -9.16
C TYR C 129 14.90 17.04 -9.84
N LYS C 130 15.56 17.83 -10.70
CA LYS C 130 14.91 19.01 -11.26
C LYS C 130 13.64 18.69 -12.03
N GLU C 131 13.45 17.46 -12.49
CA GLU C 131 12.29 17.11 -13.31
C GLU C 131 11.23 16.29 -12.59
N ALA C 132 11.41 15.97 -11.31
CA ALA C 132 10.44 15.13 -10.61
C ALA C 132 9.02 15.69 -10.72
N ARG C 133 8.88 17.02 -10.58
CA ARG C 133 7.56 17.63 -10.61
C ARG C 133 6.86 17.48 -11.95
N ASN C 134 7.61 17.44 -13.06
CA ASN C 134 6.98 17.29 -14.36
C ASN C 134 6.53 15.85 -14.62
N ILE C 135 7.23 14.87 -14.04
CA ILE C 135 6.98 13.45 -14.31
C ILE C 135 5.92 12.88 -13.37
N TYR C 136 6.01 13.20 -12.08
CA TYR C 136 5.12 12.64 -11.06
C TYR C 136 4.45 13.75 -10.25
N PRO C 137 3.66 14.61 -10.89
CA PRO C 137 2.91 15.61 -10.12
C PRO C 137 1.94 14.99 -9.15
N ARG C 138 1.38 13.82 -9.48
CA ARG C 138 0.49 13.07 -8.60
C ARG C 138 1.13 11.72 -8.34
N PRO C 139 1.98 11.62 -7.31
CA PRO C 139 2.78 10.39 -7.14
C PRO C 139 1.96 9.13 -6.93
N PHE C 140 0.70 9.23 -6.50
CA PHE C 140 -0.12 8.05 -6.37
C PHE C 140 -0.90 7.76 -7.66
N GLU C 141 -0.67 8.55 -8.71
CA GLU C 141 -1.27 8.37 -10.03
C GLU C 141 -0.13 8.18 -11.02
N PRO C 142 0.45 6.98 -11.11
CA PRO C 142 1.68 6.83 -11.89
C PRO C 142 1.58 7.38 -13.31
N PHE C 143 0.43 7.24 -13.96
CA PHE C 143 0.29 7.61 -15.37
C PHE C 143 -0.50 8.89 -15.56
N PHE C 144 -0.59 9.73 -14.53
CA PHE C 144 -1.19 11.05 -14.70
C PHE C 144 -0.50 11.78 -15.85
N GLU C 145 0.82 11.66 -15.95
CA GLU C 145 1.59 12.19 -17.07
C GLU C 145 2.22 11.06 -17.87
N ARG C 146 1.38 10.19 -18.44
CA ARG C 146 1.91 9.02 -19.15
C ARG C 146 2.95 9.42 -20.17
N LYS C 147 2.66 10.45 -20.98
CA LYS C 147 3.58 10.83 -22.04
C LYS C 147 4.94 11.26 -21.49
N LYS C 148 4.94 12.17 -20.52
CA LYS C 148 6.19 12.67 -19.97
C LYS C 148 7.00 11.54 -19.33
N LEU C 149 6.32 10.60 -18.66
CA LEU C 149 7.02 9.50 -18.00
C LEU C 149 7.56 8.48 -19.00
N GLN C 150 6.77 8.16 -20.03
CA GLN C 150 7.23 7.24 -21.06
C GLN C 150 8.46 7.77 -21.78
N HIS C 151 8.56 9.09 -21.96
CA HIS C 151 9.72 9.63 -22.65
C HIS C 151 11.00 9.35 -21.87
N VAL C 152 10.91 9.24 -20.55
CA VAL C 152 12.08 9.10 -19.70
C VAL C 152 12.25 7.71 -19.11
N ASP C 153 11.26 6.84 -19.21
CA ASP C 153 11.31 5.58 -18.47
C ASP C 153 12.44 4.67 -18.94
N GLY C 154 13.01 4.94 -20.11
CA GLY C 154 14.14 4.14 -20.58
C GLY C 154 15.47 4.49 -19.97
N LEU C 155 15.53 5.53 -19.16
CA LEU C 155 16.80 5.98 -18.59
C LEU C 155 17.13 5.21 -17.33
N SER C 156 18.39 4.81 -17.20
CA SER C 156 18.89 4.32 -15.93
C SER C 156 19.31 5.50 -15.06
N ALA C 157 19.41 5.26 -13.75
CA ALA C 157 19.87 6.32 -12.86
C ALA C 157 21.24 6.84 -13.30
N ALA C 158 22.09 5.94 -13.80
CA ALA C 158 23.42 6.34 -14.27
C ALA C 158 23.36 7.10 -15.57
N ASP C 159 22.54 6.62 -16.52
CA ASP C 159 22.33 7.35 -17.78
C ASP C 159 22.02 8.80 -17.50
N TYR C 160 21.08 9.04 -16.58
CA TYR C 160 20.69 10.42 -16.28
C TYR C 160 21.81 11.15 -15.55
N LEU C 161 22.41 10.52 -14.55
CA LEU C 161 23.46 11.20 -13.78
C LEU C 161 24.55 11.75 -14.67
N GLU C 162 25.02 10.94 -15.63
CA GLU C 162 26.20 11.37 -16.39
C GLU C 162 25.93 12.53 -17.34
N LYS C 163 24.67 12.83 -17.66
CA LYS C 163 24.39 14.00 -18.49
C LYS C 163 24.30 15.30 -17.69
N LEU C 164 24.47 15.25 -16.38
CA LEU C 164 24.21 16.44 -15.60
C LEU C 164 25.47 17.28 -15.43
N PRO C 165 25.32 18.59 -15.20
CA PRO C 165 26.49 19.47 -14.98
C PRO C 165 26.98 19.45 -13.53
N LEU C 166 27.60 18.33 -13.14
CA LEU C 166 28.10 18.14 -11.79
C LEU C 166 29.56 17.73 -11.81
N THR C 167 30.25 18.02 -10.71
CA THR C 167 31.62 17.55 -10.52
C THR C 167 31.63 16.03 -10.33
N ARG C 168 32.81 15.44 -10.54
CA ARG C 168 32.94 14.00 -10.28
C ARG C 168 32.60 13.67 -8.84
N GLU C 169 32.92 14.57 -7.91
CA GLU C 169 32.59 14.34 -6.50
C GLU C 169 31.09 14.24 -6.29
N GLN C 170 30.34 15.21 -6.83
CA GLN C 170 28.89 15.19 -6.75
C GLN C 170 28.32 13.95 -7.42
N LYS C 171 28.85 13.59 -8.59
CA LYS C 171 28.38 12.39 -9.28
C LYS C 171 28.65 11.15 -8.44
N ASP C 172 29.76 11.11 -7.72
CA ASP C 172 30.07 9.94 -6.90
C ASP C 172 29.16 9.86 -5.67
N MET C 173 28.86 11.01 -5.07
CA MET C 173 27.91 11.03 -3.96
C MET C 173 26.52 10.61 -4.43
N MET C 174 26.06 11.13 -5.57
CA MET C 174 24.77 10.73 -6.10
C MET C 174 24.76 9.24 -6.45
N ASP C 175 25.86 8.72 -6.99
CA ASP C 175 25.97 7.30 -7.24
C ASP C 175 25.75 6.52 -5.97
N SER C 176 26.44 6.91 -4.89
CA SER C 176 26.21 6.28 -3.59
C SER C 176 24.72 6.29 -3.23
N TRP C 177 24.09 7.45 -3.35
CA TRP C 177 22.69 7.60 -2.94
C TRP C 177 21.76 6.76 -3.81
N LEU C 178 21.92 6.85 -5.14
CA LEU C 178 21.03 6.13 -6.05
C LEU C 178 21.19 4.62 -5.88
N SER C 179 22.43 4.16 -5.69
CA SER C 179 22.67 2.75 -5.46
C SER C 179 22.01 2.29 -4.16
N GLY C 180 22.02 3.15 -3.13
CA GLY C 180 21.27 2.83 -1.93
C GLY C 180 19.78 2.72 -2.19
N ASN C 181 19.22 3.67 -2.94
CA ASN C 181 17.77 3.68 -3.17
C ASN C 181 17.34 2.42 -3.91
N GLY C 182 18.00 2.12 -5.04
CA GLY C 182 17.64 0.95 -5.81
C GLY C 182 18.17 -0.35 -5.27
N HIS C 183 19.16 -0.29 -4.38
CA HIS C 183 19.81 -1.49 -3.84
C HIS C 183 20.43 -2.32 -4.95
N ASN C 184 21.19 -1.64 -5.81
CA ASN C 184 21.85 -2.28 -6.95
C ASN C 184 22.77 -1.25 -7.60
N TYR C 185 23.51 -1.68 -8.61
CA TYR C 185 24.32 -0.73 -9.36
C TYR C 185 23.42 0.26 -10.10
N PRO C 186 23.87 1.51 -10.24
CA PRO C 186 22.95 2.57 -10.70
C PRO C 186 22.47 2.41 -12.13
N GLU C 187 23.16 1.66 -12.97
CA GLU C 187 22.74 1.46 -14.35
C GLU C 187 21.64 0.41 -14.49
N THR C 188 21.33 -0.31 -13.41
CA THR C 188 20.21 -1.25 -13.42
C THR C 188 18.92 -0.62 -12.91
N ILE C 189 18.99 0.57 -12.33
CA ILE C 189 17.86 1.20 -11.66
C ILE C 189 17.24 2.23 -12.60
N ALA C 190 15.92 2.30 -12.60
CA ALA C 190 15.22 3.28 -13.41
C ALA C 190 15.33 4.67 -12.79
N TYR C 191 15.73 5.64 -13.61
CA TYR C 191 15.74 7.05 -13.19
C TYR C 191 14.36 7.50 -12.74
N SER C 192 13.31 7.02 -13.43
CA SER C 192 11.96 7.42 -13.11
C SER C 192 11.57 6.98 -11.70
N GLU C 193 12.08 5.85 -11.22
CA GLU C 193 11.79 5.41 -9.86
C GLU C 193 12.41 6.34 -8.81
N ILE C 194 13.63 6.80 -9.07
CA ILE C 194 14.24 7.83 -8.23
C ILE C 194 13.35 9.06 -8.19
N MET C 195 12.88 9.49 -9.36
CA MET C 195 11.96 10.61 -9.39
C MET C 195 10.72 10.33 -8.55
N ARG C 196 10.21 9.10 -8.61
CA ARG C 196 9.01 8.74 -7.85
C ARG C 196 9.22 8.93 -6.36
N TRP C 197 10.35 8.44 -5.85
CA TRP C 197 10.65 8.64 -4.43
C TRP C 197 10.65 10.11 -4.07
N PHE C 198 11.38 10.92 -4.84
CA PHE C 198 11.42 12.35 -4.54
C PHE C 198 10.02 12.94 -4.54
N ALA C 199 9.18 12.55 -5.50
CA ALA C 199 7.84 13.11 -5.60
C ALA C 199 6.97 12.68 -4.43
N LEU C 200 7.11 11.43 -4.00
CA LEU C 200 6.37 10.95 -2.84
C LEU C 200 6.80 11.66 -1.56
N SER C 201 8.02 12.22 -1.52
CA SER C 201 8.45 13.00 -0.37
C SER C 201 8.14 14.49 -0.50
N ASN C 202 7.19 14.87 -1.36
CA ASN C 202 6.81 16.26 -1.57
C ASN C 202 7.96 17.10 -2.11
N PHE C 203 8.71 16.52 -3.05
CA PHE C 203 9.71 17.29 -3.78
C PHE C 203 10.54 18.13 -2.81
N ASN C 204 10.90 17.50 -1.69
CA ASN C 204 11.63 18.15 -0.62
C ASN C 204 12.61 17.15 -0.07
N MET C 205 13.90 17.52 -0.11
CA MET C 205 14.95 16.56 0.21
C MET C 205 14.95 16.15 1.68
N PRO C 206 14.83 17.12 2.60
CA PRO C 206 14.72 16.75 4.02
C PRO C 206 13.55 15.81 4.30
N THR C 207 12.39 16.07 3.71
CA THR C 207 11.26 15.18 3.90
C THR C 207 11.57 13.79 3.34
N MET C 208 12.35 13.72 2.25
CA MET C 208 12.73 12.41 1.72
C MET C 208 13.63 11.66 2.71
N PHE C 209 14.65 12.35 3.24
CA PHE C 209 15.52 11.72 4.22
C PHE C 209 14.73 11.26 5.44
N ASP C 210 13.79 12.08 5.90
CA ASP C 210 12.96 11.67 7.04
C ASP C 210 12.07 10.49 6.65
N SER C 211 11.68 10.41 5.38
CA SER C 211 10.74 9.38 4.94
C SER C 211 11.39 8.01 4.80
N ILE C 212 12.66 7.96 4.39
CA ILE C 212 13.25 6.67 4.04
C ILE C 212 14.06 6.01 5.16
N ALA C 213 14.59 6.77 6.11
CA ALA C 213 15.40 6.16 7.15
C ALA C 213 15.46 6.98 8.43
N ARG C 214 14.36 7.05 9.16
CA ARG C 214 14.39 7.81 10.40
C ARG C 214 13.47 7.25 11.48
N TYR C 215 12.20 7.05 11.16
CA TYR C 215 11.21 6.62 12.14
C TYR C 215 10.93 5.14 11.99
N LYS C 216 10.89 4.44 13.12
CA LYS C 216 10.64 3.01 13.18
C LYS C 216 9.62 2.71 14.27
N ILE C 217 8.84 1.65 14.06
CA ILE C 217 7.78 1.30 15.01
C ILE C 217 8.42 0.84 16.32
N LYS C 218 8.10 1.54 17.41
CA LYS C 218 8.70 1.26 18.70
C LYS C 218 8.59 -0.22 19.08
N THR C 219 7.44 -0.85 18.83
CA THR C 219 7.22 -2.22 19.24
C THR C 219 7.50 -3.24 18.13
N GLY C 220 8.09 -2.80 17.03
CA GLY C 220 8.47 -3.66 15.92
C GLY C 220 7.37 -3.80 14.90
N THR C 221 7.78 -4.03 13.64
CA THR C 221 6.81 -4.23 12.57
C THR C 221 5.89 -5.41 12.84
N HIS C 222 6.40 -6.45 13.49
CA HIS C 222 5.56 -7.59 13.81
C HIS C 222 4.38 -7.19 14.67
N SER C 223 4.52 -6.18 15.53
CA SER C 223 3.38 -5.76 16.33
C SER C 223 2.28 -5.20 15.43
N LEU C 224 2.65 -4.45 14.39
CA LEU C 224 1.67 -3.95 13.43
C LEU C 224 1.04 -5.10 12.64
N LEU C 225 1.86 -6.00 12.11
CA LEU C 225 1.33 -7.16 11.40
C LEU C 225 0.34 -7.93 12.28
N GLU C 226 0.67 -8.09 13.57
CA GLU C 226 -0.18 -8.86 14.47
C GLU C 226 -1.47 -8.10 14.76
N ALA C 227 -1.41 -6.79 14.94
CA ALA C 227 -2.63 -6.03 15.15
C ALA C 227 -3.56 -6.13 13.94
N ILE C 228 -3.01 -6.02 12.73
CA ILE C 228 -3.83 -6.16 11.54
C ILE C 228 -4.45 -7.54 11.51
N MET C 229 -3.66 -8.57 11.81
CA MET C 229 -4.17 -9.94 11.79
C MET C 229 -5.29 -10.15 12.80
N ALA C 230 -5.12 -9.64 14.02
CA ALA C 230 -6.15 -9.84 15.04
C ALA C 230 -7.46 -9.18 14.64
N ASP C 231 -7.39 -8.08 13.89
CA ASP C 231 -8.60 -7.41 13.43
C ASP C 231 -9.37 -8.20 12.38
N GLY C 232 -8.76 -9.22 11.79
CA GLY C 232 -9.41 -10.02 10.79
C GLY C 232 -9.96 -11.32 11.34
N ASN C 233 -10.45 -12.16 10.44
CA ASN C 233 -11.04 -13.42 10.79
C ASN C 233 -10.66 -14.45 9.73
N SER C 234 -9.36 -14.60 9.51
CA SER C 234 -8.83 -15.46 8.47
C SER C 234 -8.15 -16.68 9.06
N GLU C 235 -8.31 -17.81 8.39
CA GLU C 235 -7.48 -18.96 8.68
C GLU C 235 -6.06 -18.71 8.17
N VAL C 236 -5.10 -19.34 8.83
CA VAL C 236 -3.71 -19.21 8.44
C VAL C 236 -3.08 -20.59 8.47
N LYS C 237 -2.47 -20.99 7.36
CA LYS C 237 -1.69 -22.22 7.31
C LYS C 237 -0.29 -21.83 6.85
N LEU C 238 0.66 -21.86 7.79
CA LEU C 238 2.06 -21.59 7.53
C LEU C 238 2.77 -22.86 7.08
N SER C 239 4.03 -22.68 6.65
CA SER C 239 4.86 -23.80 6.19
C SER C 239 4.16 -24.61 5.12
N THR C 240 3.36 -23.94 4.29
CA THR C 240 2.55 -24.58 3.27
C THR C 240 2.74 -23.85 1.95
N PRO C 241 3.89 -24.05 1.31
CA PRO C 241 4.15 -23.37 0.03
C PRO C 241 3.18 -23.85 -1.05
N VAL C 242 2.70 -22.90 -1.84
CA VAL C 242 1.85 -23.23 -2.98
C VAL C 242 2.72 -23.63 -4.16
N THR C 243 2.27 -24.61 -4.93
CA THR C 243 2.98 -25.12 -6.10
C THR C 243 2.22 -24.93 -7.40
N LYS C 244 0.90 -25.07 -7.37
CA LYS C 244 0.09 -24.97 -8.57
C LYS C 244 -1.17 -24.19 -8.26
N VAL C 245 -1.62 -23.42 -9.24
CA VAL C 245 -2.89 -22.70 -9.19
C VAL C 245 -3.63 -23.02 -10.48
N ASN C 246 -4.80 -23.65 -10.35
CA ASN C 246 -5.64 -23.99 -11.49
C ASN C 246 -6.99 -23.33 -11.32
N GLN C 247 -7.43 -22.60 -12.34
CA GLN C 247 -8.69 -21.88 -12.26
C GLN C 247 -9.57 -22.27 -13.45
N ASP C 248 -10.86 -22.44 -13.17
CA ASP C 248 -11.87 -22.68 -14.19
C ASP C 248 -12.93 -21.57 -14.09
N LYS C 249 -14.05 -21.79 -14.78
CA LYS C 249 -15.11 -20.79 -14.82
C LYS C 249 -15.78 -20.61 -13.47
N ASP C 250 -15.65 -21.57 -12.55
CA ASP C 250 -16.38 -21.56 -11.30
C ASP C 250 -15.53 -21.36 -10.06
N LYS C 251 -14.29 -21.87 -10.04
CA LYS C 251 -13.52 -21.89 -8.82
C LYS C 251 -12.03 -21.88 -9.15
N VAL C 252 -11.22 -21.68 -8.11
CA VAL C 252 -9.77 -21.77 -8.17
C VAL C 252 -9.33 -22.93 -7.29
N THR C 253 -8.47 -23.79 -7.83
CA THR C 253 -7.89 -24.91 -7.12
C THR C 253 -6.41 -24.61 -6.87
N VAL C 254 -6.04 -24.53 -5.60
CA VAL C 254 -4.69 -24.21 -5.15
C VAL C 254 -4.06 -25.48 -4.61
N THR C 255 -2.95 -25.90 -5.22
CA THR C 255 -2.19 -27.05 -4.76
C THR C 255 -1.03 -26.56 -3.92
N THR C 256 -0.80 -27.19 -2.78
CA THR C 256 0.30 -26.84 -1.91
C THR C 256 1.06 -28.11 -1.58
N GLU C 257 2.19 -27.95 -0.89
CA GLU C 257 2.91 -29.13 -0.42
C GLU C 257 2.10 -29.91 0.60
N ASP C 258 1.11 -29.28 1.23
CA ASP C 258 0.33 -29.91 2.29
C ASP C 258 -1.16 -29.71 2.06
N GLY C 259 -1.66 -30.18 0.92
CA GLY C 259 -3.09 -30.22 0.67
C GLY C 259 -3.49 -29.41 -0.57
N VAL C 260 -4.74 -29.61 -0.95
CA VAL C 260 -5.36 -28.88 -2.05
C VAL C 260 -6.60 -28.18 -1.52
N PHE C 261 -6.77 -26.93 -1.91
CA PHE C 261 -7.86 -26.09 -1.41
C PHE C 261 -8.56 -25.45 -2.60
N THR C 262 -9.84 -25.15 -2.45
CA THR C 262 -10.59 -24.49 -3.51
C THR C 262 -11.25 -23.23 -2.96
N ALA C 263 -11.32 -22.20 -3.80
CA ALA C 263 -11.90 -20.92 -3.37
C ALA C 263 -12.54 -20.23 -4.55
N SER C 264 -13.46 -19.31 -4.25
CA SER C 264 -14.11 -18.56 -5.32
C SER C 264 -13.17 -17.55 -5.96
N ALA C 265 -12.22 -17.04 -5.19
CA ALA C 265 -11.25 -16.08 -5.70
C ALA C 265 -9.94 -16.27 -4.93
N VAL C 266 -8.83 -16.03 -5.62
CA VAL C 266 -7.50 -16.18 -5.05
C VAL C 266 -6.73 -14.89 -5.27
N ILE C 267 -6.13 -14.38 -4.20
CA ILE C 267 -5.28 -13.21 -4.22
C ILE C 267 -3.84 -13.67 -4.18
N VAL C 268 -3.12 -13.52 -5.29
CA VAL C 268 -1.69 -13.82 -5.35
C VAL C 268 -0.97 -12.61 -4.78
N ALA C 269 -0.42 -12.74 -3.57
CA ALA C 269 0.32 -11.67 -2.92
C ALA C 269 1.74 -12.12 -2.66
N VAL C 270 2.42 -12.62 -3.70
CA VAL C 270 3.78 -13.13 -3.58
C VAL C 270 4.76 -12.13 -4.18
N PRO C 271 6.05 -12.23 -3.85
CA PRO C 271 7.03 -11.33 -4.46
C PRO C 271 7.06 -11.51 -5.98
N ILE C 272 7.17 -10.38 -6.67
CA ILE C 272 7.19 -10.41 -8.13
C ILE C 272 8.29 -11.34 -8.63
N ASN C 273 9.47 -11.26 -8.00
CA ASN C 273 10.61 -12.07 -8.44
C ASN C 273 10.37 -13.57 -8.32
N THR C 274 9.35 -13.98 -7.56
CA THR C 274 9.07 -15.39 -7.34
C THR C 274 7.94 -15.90 -8.22
N LEU C 275 7.44 -15.07 -9.14
CA LEU C 275 6.23 -15.46 -9.87
C LEU C 275 6.39 -16.79 -10.59
N HIS C 276 7.56 -17.02 -11.21
CA HIS C 276 7.74 -18.26 -11.96
C HIS C 276 7.61 -19.52 -11.10
N ASP C 277 7.77 -19.41 -9.78
CA ASP C 277 7.91 -20.59 -8.95
C ASP C 277 6.59 -21.32 -8.70
N ILE C 278 5.47 -20.77 -9.16
CA ILE C 278 4.18 -21.44 -9.09
C ILE C 278 3.71 -21.71 -10.50
N GLU C 279 3.07 -22.86 -10.70
CA GLU C 279 2.56 -23.23 -12.00
C GLU C 279 1.12 -22.78 -12.14
N TYR C 280 0.83 -21.93 -13.12
CA TYR C 280 -0.50 -21.37 -13.32
C TYR C 280 -1.15 -22.03 -14.52
N SER C 281 -2.39 -22.46 -14.33
CA SER C 281 -3.21 -23.00 -15.41
C SER C 281 -4.57 -22.32 -15.36
N PRO C 282 -4.91 -21.51 -16.36
CA PRO C 282 -4.07 -21.11 -17.50
C PRO C 282 -2.85 -20.31 -17.07
N LYS C 283 -1.81 -20.21 -17.90
CA LYS C 283 -0.61 -19.45 -17.56
C LYS C 283 -0.91 -17.95 -17.46
N LEU C 284 -0.12 -17.25 -16.65
CA LEU C 284 -0.37 -15.82 -16.47
C LEU C 284 0.09 -15.02 -17.68
N SER C 285 -0.41 -13.80 -17.77
CA SER C 285 -0.13 -12.95 -18.91
C SER C 285 1.34 -12.58 -18.98
N ALA C 286 1.75 -12.09 -20.16
CA ALA C 286 3.16 -11.85 -20.44
C ALA C 286 3.78 -10.85 -19.49
N ALA C 287 2.98 -9.98 -18.87
CA ALA C 287 3.54 -9.01 -17.92
C ALA C 287 4.14 -9.73 -16.71
N LYS C 288 3.39 -10.68 -16.14
CA LYS C 288 3.90 -11.46 -15.01
C LYS C 288 5.15 -12.24 -15.41
N VAL C 289 5.13 -12.86 -16.58
CA VAL C 289 6.28 -13.68 -16.99
C VAL C 289 7.50 -12.81 -17.22
N ASP C 290 7.33 -11.68 -17.90
CA ASP C 290 8.46 -10.79 -18.14
C ASP C 290 9.03 -10.27 -16.85
N MET C 291 8.18 -9.90 -15.89
CA MET C 291 8.70 -9.40 -14.62
C MET C 291 9.32 -10.51 -13.79
N GLY C 292 8.75 -11.71 -13.83
CA GLY C 292 9.35 -12.84 -13.15
C GLY C 292 10.69 -13.24 -13.72
N SER C 293 10.90 -12.96 -15.01
CA SER C 293 12.19 -13.21 -15.63
C SER C 293 13.20 -12.11 -15.32
N GLN C 294 12.81 -10.86 -15.50
CA GLN C 294 13.77 -9.75 -15.37
C GLN C 294 14.02 -9.38 -13.91
N ARG C 295 12.99 -9.48 -13.06
CA ARG C 295 13.07 -9.06 -11.68
C ARG C 295 13.18 -7.56 -11.56
N HIS C 296 12.78 -7.01 -10.41
CA HIS C 296 13.11 -5.61 -10.11
C HIS C 296 14.59 -5.50 -9.75
N ALA C 297 15.01 -4.28 -9.41
CA ALA C 297 16.43 -4.02 -9.19
C ALA C 297 16.89 -4.37 -7.78
N GLY C 298 15.97 -4.61 -6.85
CA GLY C 298 16.33 -4.84 -5.46
C GLY C 298 17.07 -6.14 -5.23
N ALA C 299 18.39 -6.05 -5.03
CA ALA C 299 19.22 -7.24 -5.00
C ALA C 299 20.49 -7.06 -4.18
N GLY C 300 20.46 -6.19 -3.18
CA GLY C 300 21.66 -5.83 -2.44
C GLY C 300 21.77 -6.48 -1.08
N VAL C 301 22.67 -5.92 -0.27
CA VAL C 301 22.96 -6.37 1.08
C VAL C 301 22.50 -5.30 2.05
N LYS C 302 21.87 -5.73 3.15
CA LYS C 302 21.63 -4.88 4.32
C LYS C 302 22.04 -5.63 5.57
N GLY C 303 22.71 -4.96 6.49
CA GLY C 303 23.17 -5.61 7.70
C GLY C 303 23.30 -4.65 8.86
N TYR C 304 23.31 -5.23 10.06
CA TYR C 304 23.59 -4.53 11.31
C TYR C 304 24.98 -4.90 11.78
N ILE C 305 25.75 -3.90 12.21
CA ILE C 305 27.14 -4.09 12.65
C ILE C 305 27.33 -3.44 14.01
N ARG C 306 27.90 -4.19 14.95
CA ARG C 306 28.30 -3.66 16.25
C ARG C 306 29.79 -3.40 16.23
N VAL C 307 30.18 -2.15 16.50
CA VAL C 307 31.59 -1.80 16.63
C VAL C 307 31.87 -1.44 18.08
N LYS C 308 33.04 -1.86 18.55
CA LYS C 308 33.43 -1.61 19.93
C LYS C 308 33.46 -0.12 20.22
N GLN C 309 33.89 0.68 19.25
CA GLN C 309 34.14 2.10 19.44
C GLN C 309 32.85 2.91 19.39
N ASN C 310 32.92 4.10 19.99
CA ASN C 310 31.87 5.12 19.93
C ASN C 310 32.24 6.09 18.81
N VAL C 311 31.62 5.91 17.63
CA VAL C 311 31.97 6.72 16.47
C VAL C 311 31.07 7.95 16.30
N GLY C 312 30.13 8.19 17.21
CA GLY C 312 29.20 9.29 17.06
C GLY C 312 28.15 9.00 15.99
N ASN C 313 27.50 10.07 15.52
CA ASN C 313 26.47 9.96 14.49
C ASN C 313 27.12 10.19 13.14
N VAL C 314 27.44 9.11 12.44
CA VAL C 314 28.14 9.18 11.16
C VAL C 314 27.20 8.77 10.04
N MET C 315 27.49 9.31 8.86
CA MET C 315 26.83 8.91 7.62
C MET C 315 27.91 8.81 6.56
N THR C 316 27.95 7.68 5.83
CA THR C 316 28.97 7.50 4.81
C THR C 316 28.32 7.31 3.43
N TYR C 317 29.07 7.70 2.41
CA TYR C 317 28.69 7.60 1.01
C TYR C 317 29.84 6.98 0.23
N ALA C 318 29.56 5.94 -0.55
CA ALA C 318 30.55 5.40 -1.49
C ALA C 318 29.84 4.91 -2.74
N PRO C 319 30.43 5.14 -3.92
CA PRO C 319 29.80 4.66 -5.16
C PRO C 319 29.70 3.14 -5.18
N ALA C 320 28.67 2.64 -5.88
CA ALA C 320 28.43 1.19 -5.91
C ALA C 320 29.68 0.42 -6.29
N ARG C 321 30.45 0.93 -7.25
CA ARG C 321 31.72 0.33 -7.65
C ARG C 321 32.82 1.30 -7.23
N ASN C 322 33.58 0.93 -6.19
CA ASN C 322 34.73 1.72 -5.77
C ASN C 322 35.79 0.77 -5.24
N LYS C 323 37.04 1.23 -5.22
CA LYS C 323 38.16 0.37 -4.90
C LYS C 323 38.45 0.26 -3.41
N LEU C 324 37.67 0.94 -2.56
CA LEU C 324 37.96 1.00 -1.13
C LEU C 324 37.03 0.16 -0.26
N THR C 325 35.73 0.18 -0.53
CA THR C 325 34.74 -0.44 0.36
C THR C 325 33.55 -1.02 -0.39
N PRO C 326 32.99 -2.14 0.07
CA PRO C 326 31.79 -2.68 -0.57
C PRO C 326 30.52 -1.94 -0.19
N PHE C 327 30.56 -1.06 0.82
CA PHE C 327 29.35 -0.45 1.35
C PHE C 327 29.05 0.84 0.61
N THR C 328 27.83 0.94 0.08
CA THR C 328 27.40 2.20 -0.50
C THR C 328 27.06 3.20 0.60
N SER C 329 26.61 2.72 1.75
CA SER C 329 26.33 3.61 2.87
C SER C 329 26.44 2.86 4.18
N VAL C 330 26.98 3.55 5.19
CA VAL C 330 26.98 3.12 6.58
C VAL C 330 26.54 4.33 7.40
N PHE C 331 25.67 4.11 8.39
CA PHE C 331 25.34 5.21 9.27
C PHE C 331 25.02 4.69 10.66
N THR C 332 25.22 5.56 11.65
CA THR C 332 24.97 5.21 13.04
C THR C 332 23.49 4.99 13.25
N ASP C 333 23.12 3.82 13.76
CA ASP C 333 21.77 3.65 14.28
C ASP C 333 21.68 4.18 15.70
N HIS C 334 22.57 3.72 16.58
CA HIS C 334 22.60 4.32 17.91
C HIS C 334 23.92 3.96 18.58
N VAL C 335 24.22 4.68 19.66
CA VAL C 335 25.45 4.49 20.42
C VAL C 335 25.10 4.23 21.87
N ASP C 336 25.60 3.11 22.41
CA ASP C 336 25.41 2.78 23.83
C ASP C 336 26.73 2.36 24.45
N GLU C 337 26.69 1.82 25.66
CA GLU C 337 27.94 1.45 26.34
C GLU C 337 28.71 0.40 25.56
N SER C 338 28.00 -0.49 24.89
CA SER C 338 28.60 -1.56 24.10
C SER C 338 29.13 -1.07 22.75
N GLY C 339 29.13 0.23 22.51
CA GLY C 339 29.68 0.77 21.29
C GLY C 339 28.65 1.34 20.35
N THR C 340 28.89 1.21 19.05
CA THR C 340 28.00 1.79 18.06
C THR C 340 27.32 0.70 17.27
N LEU C 341 26.00 0.79 17.15
CA LEU C 341 25.26 -0.03 16.21
C LEU C 341 25.07 0.77 14.94
N LEU C 342 25.60 0.21 13.85
CA LEU C 342 25.59 0.78 12.51
C LEU C 342 24.73 -0.09 11.59
N ILE C 343 24.13 0.56 10.60
CA ILE C 343 23.44 -0.12 9.50
C ILE C 343 24.28 0.05 8.25
N ALA C 344 24.44 -1.02 7.49
CA ALA C 344 25.27 -1.01 6.29
C ALA C 344 24.49 -1.57 5.11
N PHE C 345 24.68 -0.93 3.96
CA PHE C 345 24.05 -1.32 2.71
C PHE C 345 25.13 -1.53 1.66
N SER C 346 24.95 -2.54 0.82
CA SER C 346 25.84 -2.76 -0.30
C SER C 346 25.02 -3.08 -1.54
N ALA C 347 25.55 -2.72 -2.71
CA ALA C 347 24.81 -2.95 -3.93
C ALA C 347 24.90 -4.39 -4.42
N ASP C 348 25.81 -5.20 -3.86
CA ASP C 348 26.09 -6.51 -4.42
C ASP C 348 26.59 -7.50 -3.37
N PRO C 349 25.80 -8.53 -3.06
CA PRO C 349 26.26 -9.55 -2.09
C PRO C 349 27.52 -10.27 -2.50
N LYS C 350 27.86 -10.29 -3.80
CA LYS C 350 29.14 -10.86 -4.21
C LYS C 350 30.30 -10.00 -3.73
N LEU C 351 30.02 -8.79 -3.26
CA LEU C 351 31.04 -7.85 -2.83
C LEU C 351 31.41 -8.01 -1.37
N ILE C 352 30.50 -8.53 -0.54
CA ILE C 352 30.77 -8.66 0.89
C ILE C 352 29.78 -9.64 1.52
N ASP C 353 30.30 -10.55 2.34
CA ASP C 353 29.47 -11.44 3.15
C ASP C 353 29.22 -10.74 4.47
N ILE C 354 28.04 -10.12 4.60
CA ILE C 354 27.71 -9.30 5.76
C ILE C 354 27.72 -10.11 7.06
N ASN C 355 27.85 -11.43 6.96
CA ASN C 355 27.86 -12.32 8.12
C ASN C 355 29.25 -12.80 8.48
N ASP C 356 30.26 -12.34 7.78
CA ASP C 356 31.67 -12.60 8.10
C ASP C 356 32.22 -11.38 8.84
N ILE C 357 32.45 -11.54 10.15
CA ILE C 357 32.82 -10.40 10.99
C ILE C 357 34.14 -9.79 10.53
N LYS C 358 35.12 -10.63 10.20
CA LYS C 358 36.43 -10.11 9.79
C LYS C 358 36.35 -9.41 8.44
N ALA C 359 35.58 -9.96 7.51
CA ALA C 359 35.40 -9.30 6.22
C ALA C 359 34.72 -7.95 6.40
N VAL C 360 33.74 -7.89 7.30
CA VAL C 360 33.06 -6.61 7.57
C VAL C 360 34.03 -5.61 8.18
N GLU C 361 34.87 -6.06 9.12
CA GLU C 361 35.88 -5.18 9.71
C GLU C 361 36.77 -4.58 8.63
N LYS C 362 37.28 -5.43 7.74
CA LYS C 362 38.10 -4.92 6.64
C LYS C 362 37.34 -3.89 5.81
N ALA C 363 36.11 -4.21 5.44
CA ALA C 363 35.34 -3.31 4.59
C ALA C 363 35.06 -1.98 5.29
N LEU C 364 35.02 -2.00 6.63
CA LEU C 364 34.78 -0.78 7.38
C LEU C 364 36.02 0.07 7.56
N GLN C 365 37.20 -0.52 7.47
CA GLN C 365 38.42 0.22 7.79
C GLN C 365 38.58 1.54 7.04
N PRO C 366 38.31 1.64 5.73
CA PRO C 366 38.55 2.91 5.03
C PRO C 366 37.61 4.04 5.43
N LEU C 367 36.40 3.74 5.89
CA LEU C 367 35.45 4.77 6.31
C LEU C 367 35.62 5.14 7.79
N LEU C 368 35.89 4.16 8.63
CA LEU C 368 36.07 4.35 10.07
C LEU C 368 37.35 3.63 10.48
N PRO C 369 38.51 4.20 10.18
CA PRO C 369 39.77 3.52 10.47
C PRO C 369 39.89 3.19 11.95
N GLY C 370 40.07 1.91 12.24
CA GLY C 370 40.31 1.43 13.60
C GLY C 370 39.15 0.75 14.29
N VAL C 371 37.95 0.74 13.71
CA VAL C 371 36.82 0.13 14.40
C VAL C 371 37.04 -1.37 14.49
N GLU C 372 36.72 -1.94 15.65
CA GLU C 372 36.78 -3.39 15.87
C GLU C 372 35.36 -3.93 15.89
N VAL C 373 35.03 -4.79 14.93
CA VAL C 373 33.68 -5.31 14.80
C VAL C 373 33.47 -6.46 15.77
N THR C 374 32.52 -6.29 16.70
CA THR C 374 32.17 -7.36 17.64
C THR C 374 31.09 -8.29 17.10
N ALA C 375 30.21 -7.80 16.22
CA ALA C 375 29.14 -8.63 15.70
C ALA C 375 28.64 -8.02 14.40
N SER C 376 28.09 -8.87 13.54
CA SER C 376 27.65 -8.44 12.21
C SER C 376 26.58 -9.43 11.76
N TYR C 377 25.39 -8.95 11.40
CA TYR C 377 24.35 -9.85 10.93
C TYR C 377 23.51 -9.20 9.85
N GLY C 378 23.21 -10.00 8.83
CA GLY C 378 22.29 -9.60 7.79
C GLY C 378 21.53 -10.79 7.24
N TYR C 379 20.22 -10.66 7.14
CA TYR C 379 19.40 -11.71 6.53
C TYR C 379 19.59 -11.67 5.02
N ASP C 380 19.75 -12.85 4.41
CA ASP C 380 20.00 -12.95 2.97
C ASP C 380 18.68 -13.09 2.22
N TRP C 381 18.06 -11.94 1.90
CA TRP C 381 16.81 -11.96 1.14
C TRP C 381 16.99 -12.45 -0.28
N ASN C 382 18.20 -12.40 -0.82
CA ASN C 382 18.42 -12.79 -2.21
C ASN C 382 18.39 -14.31 -2.39
N LEU C 383 18.87 -15.07 -1.40
CA LEU C 383 18.86 -16.53 -1.50
C LEU C 383 17.67 -17.16 -0.80
N ASP C 384 16.89 -16.39 -0.07
CA ASP C 384 15.63 -16.90 0.45
C ASP C 384 14.69 -17.17 -0.72
N PRO C 385 14.33 -18.43 -1.00
CA PRO C 385 13.48 -18.70 -2.16
C PRO C 385 12.13 -17.99 -2.13
N PHE C 386 11.69 -17.50 -0.97
CA PHE C 386 10.39 -16.85 -0.86
C PHE C 386 10.44 -15.35 -1.08
N SER C 387 11.60 -14.79 -1.35
CA SER C 387 11.71 -13.39 -1.75
C SER C 387 12.56 -13.21 -3.01
N LYS C 388 13.70 -13.89 -3.10
CA LYS C 388 14.58 -13.83 -4.26
C LYS C 388 14.91 -12.38 -4.64
N GLY C 389 15.23 -11.60 -3.63
CA GLY C 389 15.54 -10.20 -3.83
C GLY C 389 15.08 -9.38 -2.64
N THR C 390 15.34 -8.08 -2.71
CA THR C 390 14.99 -7.19 -1.61
C THR C 390 13.75 -6.37 -1.94
N TRP C 391 13.76 -5.07 -1.63
CA TRP C 391 12.58 -4.25 -1.90
C TRP C 391 12.50 -3.89 -3.38
N CYS C 392 11.27 -3.69 -3.85
CA CYS C 392 11.03 -3.53 -5.28
C CYS C 392 11.31 -2.10 -5.72
N THR C 393 12.28 -1.95 -6.60
CA THR C 393 12.48 -0.74 -7.38
C THR C 393 12.65 -1.18 -8.83
N TYR C 394 11.86 -0.61 -9.74
CA TYR C 394 11.85 -1.11 -11.11
C TYR C 394 13.13 -0.73 -11.84
N ARG C 395 13.51 -1.57 -12.79
CA ARG C 395 14.53 -1.20 -13.75
C ARG C 395 13.91 -0.34 -14.85
N PRO C 396 14.73 0.26 -15.70
CA PRO C 396 14.19 1.09 -16.78
C PRO C 396 13.15 0.33 -17.60
N ASN C 397 12.13 1.06 -18.05
CA ASN C 397 11.10 0.53 -18.93
C ASN C 397 10.04 -0.27 -18.18
N GLN C 398 10.33 -0.68 -16.95
CA GLN C 398 9.43 -1.62 -16.29
C GLN C 398 8.13 -0.95 -15.83
N THR C 399 8.22 0.26 -15.28
CA THR C 399 7.00 0.95 -14.87
C THR C 399 6.00 1.03 -16.02
N THR C 400 6.39 1.74 -17.09
CA THR C 400 5.50 2.00 -18.21
C THR C 400 5.17 0.74 -19.01
N ARG C 401 6.03 -0.28 -18.96
CA ARG C 401 5.74 -1.48 -19.71
C ARG C 401 4.81 -2.41 -18.96
N TYR C 402 4.94 -2.50 -17.64
CA TYR C 402 4.33 -3.61 -16.93
C TYR C 402 3.41 -3.23 -15.77
N LEU C 403 3.59 -2.08 -15.12
CA LEU C 403 2.88 -1.86 -13.85
C LEU C 403 1.40 -2.20 -13.96
N THR C 404 0.72 -1.60 -14.93
CA THR C 404 -0.72 -1.78 -15.08
C THR C 404 -1.08 -3.24 -15.39
N GLU C 405 -0.35 -3.86 -16.31
CA GLU C 405 -0.62 -5.26 -16.67
C GLU C 405 -0.32 -6.21 -15.53
N LEU C 406 0.70 -5.89 -14.74
CA LEU C 406 1.05 -6.66 -13.55
C LEU C 406 -0.07 -6.60 -12.52
N GLN C 407 -0.67 -5.42 -12.33
CA GLN C 407 -1.77 -5.31 -11.39
C GLN C 407 -3.04 -6.04 -11.86
N LYS C 408 -3.17 -6.28 -13.16
CA LYS C 408 -4.44 -6.68 -13.74
C LYS C 408 -4.95 -7.98 -13.13
N ARG C 409 -6.26 -8.02 -12.85
CA ARG C 409 -6.93 -9.27 -12.50
C ARG C 409 -6.95 -10.19 -13.72
N GLU C 410 -6.80 -11.50 -13.48
CA GLU C 410 -6.84 -12.49 -14.54
C GLU C 410 -7.78 -13.62 -14.12
N GLY C 411 -9.00 -13.60 -14.67
CA GLY C 411 -10.02 -14.55 -14.31
C GLY C 411 -10.46 -14.36 -12.87
N ARG C 412 -10.35 -15.42 -12.08
CA ARG C 412 -10.60 -15.34 -10.64
C ARG C 412 -9.33 -15.12 -9.85
N LEU C 413 -8.22 -14.80 -10.52
CA LEU C 413 -6.94 -14.52 -9.88
C LEU C 413 -6.72 -13.02 -9.77
N PHE C 414 -6.46 -12.55 -8.56
CA PHE C 414 -6.10 -11.16 -8.30
C PHE C 414 -4.65 -11.09 -7.83
N PHE C 415 -4.06 -9.92 -7.97
CA PHE C 415 -2.65 -9.73 -7.69
C PHE C 415 -2.43 -8.51 -6.82
N ALA C 416 -1.48 -8.63 -5.89
CA ALA C 416 -1.26 -7.61 -4.88
C ALA C 416 0.18 -7.68 -4.39
N GLY C 417 0.66 -6.58 -3.86
CA GLY C 417 1.96 -6.52 -3.24
C GLY C 417 2.59 -5.15 -3.36
N SER C 418 3.54 -4.88 -2.46
CA SER C 418 4.34 -3.67 -2.57
C SER C 418 5.03 -3.59 -3.92
N ASP C 419 5.38 -4.75 -4.50
CA ASP C 419 6.05 -4.80 -5.79
C ASP C 419 5.23 -4.23 -6.93
N MET C 420 3.93 -3.99 -6.74
CA MET C 420 3.10 -3.44 -7.81
C MET C 420 2.17 -2.35 -7.30
N ALA C 421 2.50 -1.69 -6.21
CA ALA C 421 1.68 -0.62 -5.69
C ALA C 421 1.86 0.64 -6.53
N ASN C 422 0.84 1.49 -6.47
CA ASN C 422 0.88 2.75 -7.22
C ASN C 422 1.79 3.77 -6.57
N GLY C 423 1.77 3.85 -5.24
CA GLY C 423 2.49 4.87 -4.54
C GLY C 423 3.85 4.49 -4.02
N TRP C 424 3.95 4.24 -2.72
CA TRP C 424 5.21 3.85 -2.10
C TRP C 424 5.54 2.38 -2.44
N ARG C 425 5.64 2.16 -3.77
CA ARG C 425 6.09 0.88 -4.28
C ARG C 425 7.49 0.60 -3.77
N GLY C 426 7.70 -0.59 -3.22
CA GLY C 426 8.94 -0.97 -2.59
C GLY C 426 8.96 -0.84 -1.08
N PHE C 427 7.94 -0.23 -0.49
CA PHE C 427 7.89 0.05 0.93
C PHE C 427 6.80 -0.76 1.61
N ILE C 428 6.81 -0.75 2.94
CA ILE C 428 5.72 -1.36 3.71
C ILE C 428 4.41 -0.68 3.34
N ASP C 429 4.42 0.66 3.28
CA ASP C 429 3.22 1.40 2.92
C ASP C 429 2.62 0.88 1.63
N GLY C 430 3.46 0.60 0.63
CA GLY C 430 2.94 0.10 -0.63
C GLY C 430 2.24 -1.23 -0.47
N ALA C 431 2.80 -2.12 0.36
CA ALA C 431 2.15 -3.39 0.61
C ALA C 431 0.77 -3.18 1.22
N ILE C 432 0.68 -2.35 2.26
CA ILE C 432 -0.60 -2.15 2.91
C ILE C 432 -1.60 -1.52 1.94
N GLU C 433 -1.17 -0.51 1.20
CA GLU C 433 -2.05 0.18 0.25
C GLU C 433 -2.58 -0.77 -0.81
N ASN C 434 -1.69 -1.49 -1.49
CA ASN C 434 -2.12 -2.37 -2.56
C ASN C 434 -2.98 -3.50 -2.03
N GLY C 435 -2.61 -4.08 -0.87
CA GLY C 435 -3.43 -5.15 -0.30
C GLY C 435 -4.83 -4.69 0.06
N ARG C 436 -4.96 -3.49 0.63
CA ARG C 436 -6.27 -2.96 0.95
C ARG C 436 -7.12 -2.80 -0.31
N GLU C 437 -6.54 -2.17 -1.35
CA GLU C 437 -7.30 -1.99 -2.59
C GLU C 437 -7.75 -3.32 -3.16
N VAL C 438 -6.84 -4.30 -3.22
CA VAL C 438 -7.15 -5.55 -3.87
C VAL C 438 -8.17 -6.35 -3.07
N GLY C 439 -8.08 -6.30 -1.74
CA GLY C 439 -9.09 -6.97 -0.93
C GLY C 439 -10.47 -6.38 -1.13
N HIS C 440 -10.56 -5.06 -1.22
CA HIS C 440 -11.86 -4.45 -1.50
C HIS C 440 -12.36 -4.86 -2.87
N GLN C 441 -11.48 -4.88 -3.87
CA GLN C 441 -11.88 -5.29 -5.20
C GLN C 441 -12.42 -6.71 -5.20
N VAL C 442 -11.77 -7.60 -4.45
CA VAL C 442 -12.21 -8.99 -4.42
C VAL C 442 -13.60 -9.09 -3.77
N ALA C 443 -13.81 -8.36 -2.66
CA ALA C 443 -15.14 -8.42 -2.03
C ALA C 443 -16.21 -7.91 -2.99
N THR C 444 -15.92 -6.81 -3.69
CA THR C 444 -16.86 -6.28 -4.68
C THR C 444 -17.14 -7.31 -5.77
N TYR C 445 -16.08 -7.92 -6.30
CA TYR C 445 -16.20 -8.92 -7.34
C TYR C 445 -17.10 -10.06 -6.89
N LEU C 446 -16.93 -10.51 -5.65
CA LEU C 446 -17.73 -11.63 -5.17
C LEU C 446 -19.19 -11.25 -4.97
N LYS C 447 -19.47 -10.02 -4.50
CA LYS C 447 -20.87 -9.61 -4.35
C LYS C 447 -21.58 -9.49 -5.70
N ARG C 448 -20.90 -8.89 -6.69
CA ARG C 448 -21.51 -8.75 -8.01
C ARG C 448 -21.87 -10.12 -8.60
N GLU C 449 -21.00 -11.12 -8.39
CA GLU C 449 -21.27 -12.45 -8.91
C GLU C 449 -22.38 -13.15 -8.11
N ASN C 450 -22.37 -12.97 -6.79
CA ASN C 450 -23.41 -13.55 -5.91
C ASN C 450 -24.73 -12.80 -6.00
N ASP C 451 -25.11 -12.37 -7.19
CA ASP C 451 -26.32 -11.59 -7.41
C ASP C 451 -26.50 -11.26 -8.89
N VAL D 14 -31.65 -6.09 -22.49
CA VAL D 14 -32.32 -5.30 -21.45
C VAL D 14 -31.74 -5.60 -20.08
N GLY D 15 -31.61 -4.55 -19.27
CA GLY D 15 -31.11 -4.72 -17.92
C GLY D 15 -32.16 -5.18 -16.94
N TYR D 16 -33.42 -4.82 -17.18
CA TYR D 16 -34.50 -5.16 -16.26
C TYR D 16 -35.71 -5.62 -17.04
N ASP D 17 -36.54 -6.43 -16.38
CA ASP D 17 -37.86 -6.73 -16.95
C ASP D 17 -38.78 -5.53 -16.79
N VAL D 18 -38.76 -4.89 -15.62
CA VAL D 18 -39.66 -3.78 -15.31
C VAL D 18 -38.86 -2.66 -14.68
N ILE D 19 -39.04 -1.46 -15.21
CA ILE D 19 -38.61 -0.24 -14.52
C ILE D 19 -39.85 0.54 -14.14
N VAL D 20 -39.94 0.95 -12.88
CA VAL D 20 -41.05 1.74 -12.36
C VAL D 20 -40.54 3.16 -12.11
N ILE D 21 -41.08 4.13 -12.85
CA ILE D 21 -40.73 5.53 -12.63
C ILE D 21 -41.69 6.10 -11.60
N GLY D 22 -41.16 6.39 -10.40
CA GLY D 22 -41.98 6.96 -9.35
C GLY D 22 -42.15 6.02 -8.18
N GLY D 23 -41.75 6.46 -6.99
CA GLY D 23 -41.85 5.64 -5.80
C GLY D 23 -42.92 6.09 -4.83
N GLY D 24 -44.06 6.50 -5.34
CA GLY D 24 -45.25 6.69 -4.51
C GLY D 24 -45.94 5.37 -4.27
N PHE D 25 -47.12 5.45 -3.65
CA PHE D 25 -47.86 4.23 -3.35
C PHE D 25 -48.19 3.45 -4.62
N ALA D 26 -48.56 4.16 -5.70
CA ALA D 26 -48.86 3.48 -6.96
C ALA D 26 -47.65 2.71 -7.48
N GLY D 27 -46.52 3.41 -7.61
CA GLY D 27 -45.32 2.75 -8.10
C GLY D 27 -44.82 1.66 -7.16
N VAL D 28 -44.94 1.89 -5.86
CA VAL D 28 -44.48 0.90 -4.91
C VAL D 28 -45.33 -0.37 -4.99
N THR D 29 -46.65 -0.21 -5.09
CA THR D 29 -47.53 -1.36 -5.24
C THR D 29 -47.27 -2.09 -6.55
N ALA D 30 -47.10 -1.34 -7.64
CA ALA D 30 -46.79 -1.97 -8.92
C ALA D 30 -45.47 -2.74 -8.85
N ALA D 31 -44.46 -2.16 -8.22
CA ALA D 31 -43.17 -2.82 -8.11
C ALA D 31 -43.27 -4.09 -7.28
N ARG D 32 -44.09 -4.08 -6.23
CA ARG D 32 -44.32 -5.31 -5.48
C ARG D 32 -45.00 -6.36 -6.34
N GLU D 33 -46.08 -5.97 -7.00
CA GLU D 33 -46.81 -6.89 -7.88
C GLU D 33 -45.87 -7.55 -8.90
N ALA D 34 -45.02 -6.75 -9.55
CA ALA D 34 -44.14 -7.27 -10.60
C ALA D 34 -43.03 -8.13 -10.05
N SER D 35 -42.29 -7.62 -9.05
CA SER D 35 -41.16 -8.39 -8.52
C SER D 35 -41.62 -9.69 -7.88
N ARG D 36 -42.76 -9.66 -7.18
CA ARG D 36 -43.26 -10.90 -6.60
C ARG D 36 -43.73 -11.88 -7.65
N SER D 37 -43.92 -11.43 -8.89
CA SER D 37 -44.20 -12.30 -10.00
C SER D 37 -42.93 -12.87 -10.65
N GLY D 38 -41.77 -12.62 -10.04
CA GLY D 38 -40.53 -13.16 -10.53
C GLY D 38 -39.74 -12.27 -11.47
N LEU D 39 -40.21 -11.05 -11.73
CA LEU D 39 -39.55 -10.14 -12.65
C LEU D 39 -38.51 -9.30 -11.94
N LYS D 40 -37.41 -9.02 -12.63
CA LYS D 40 -36.34 -8.16 -12.12
C LYS D 40 -36.79 -6.72 -12.27
N THR D 41 -36.98 -6.03 -11.14
CA THR D 41 -37.66 -4.75 -11.09
C THR D 41 -36.72 -3.69 -10.51
N LEU D 42 -36.74 -2.51 -11.11
CA LEU D 42 -36.00 -1.37 -10.58
C LEU D 42 -36.95 -0.20 -10.43
N ILE D 43 -36.94 0.46 -9.27
CA ILE D 43 -37.71 1.69 -9.05
C ILE D 43 -36.77 2.89 -9.13
N LEU D 44 -37.10 3.85 -9.98
CA LEU D 44 -36.38 5.12 -10.08
C LEU D 44 -37.26 6.21 -9.48
N GLU D 45 -36.74 6.89 -8.44
CA GLU D 45 -37.45 7.94 -7.72
C GLU D 45 -36.62 9.22 -7.74
N GLY D 46 -37.26 10.32 -8.14
CA GLY D 46 -36.53 11.58 -8.28
C GLY D 46 -36.16 12.21 -6.95
N ARG D 47 -37.09 12.20 -6.00
CA ARG D 47 -36.83 12.75 -4.67
C ARG D 47 -35.87 11.85 -3.90
N SER D 48 -35.37 12.36 -2.78
CA SER D 48 -34.48 11.59 -1.92
C SER D 48 -35.22 10.65 -0.99
N ARG D 49 -36.49 10.39 -1.28
CA ARG D 49 -37.32 9.54 -0.42
C ARG D 49 -38.38 8.86 -1.26
N LEU D 50 -38.94 7.80 -0.70
CA LEU D 50 -40.16 7.21 -1.23
C LEU D 50 -41.36 7.83 -0.51
N GLY D 51 -42.54 7.69 -1.12
CA GLY D 51 -43.79 8.17 -0.55
C GLY D 51 -44.53 9.18 -1.43
N GLY D 52 -43.80 9.90 -2.27
CA GLY D 52 -44.45 10.82 -3.21
C GLY D 52 -45.25 11.89 -2.47
N ARG D 53 -46.55 11.93 -2.74
CA ARG D 53 -47.45 12.88 -2.08
C ARG D 53 -47.90 12.40 -0.71
N THR D 54 -47.32 11.31 -0.20
CA THR D 54 -47.38 11.00 1.22
C THR D 54 -45.99 11.23 1.79
N PHE D 55 -45.94 11.87 2.95
CA PHE D 55 -44.67 12.28 3.55
C PHE D 55 -44.90 12.30 5.05
N THR D 56 -44.39 11.30 5.75
CA THR D 56 -44.48 11.27 7.20
C THR D 56 -43.27 11.97 7.76
N SER D 57 -43.50 13.02 8.55
CA SER D 57 -42.41 13.81 9.11
C SER D 57 -42.65 14.08 10.59
N LYS D 58 -41.85 14.95 11.18
CA LYS D 58 -41.99 15.29 12.59
C LYS D 58 -42.13 16.80 12.74
N LEU D 59 -43.06 17.23 13.59
CA LEU D 59 -43.25 18.63 13.91
C LEU D 59 -42.99 18.77 15.42
N GLN D 60 -41.73 18.97 15.78
CA GLN D 60 -41.28 18.89 17.17
C GLN D 60 -41.37 17.45 17.68
N ASN D 61 -40.77 16.53 16.94
CA ASN D 61 -40.87 15.11 17.21
C ASN D 61 -42.32 14.65 17.05
N LYS D 63 -44.60 13.62 15.09
CA LYS D 63 -44.76 12.92 13.83
C LYS D 63 -46.07 13.32 13.14
N VAL D 64 -45.96 13.90 11.93
CA VAL D 64 -47.10 14.45 11.22
C VAL D 64 -47.05 14.02 9.76
N GLU D 65 -48.22 14.01 9.12
CA GLU D 65 -48.36 13.69 7.71
C GLU D 65 -48.52 14.98 6.91
N LEU D 66 -47.52 15.31 6.10
CA LEU D 66 -47.55 16.51 5.28
C LEU D 66 -48.32 16.35 3.99
N GLY D 67 -48.77 15.14 3.67
CA GLY D 67 -49.56 14.90 2.48
C GLY D 67 -50.73 14.00 2.77
N GLY D 68 -50.84 12.91 2.00
CA GLY D 68 -51.91 11.96 2.21
C GLY D 68 -51.95 11.44 3.63
N THR D 69 -53.15 11.38 4.21
CA THR D 69 -53.26 11.07 5.63
C THR D 69 -54.36 10.06 5.95
N TRP D 70 -55.59 10.34 5.53
CA TRP D 70 -56.74 9.61 6.08
C TRP D 70 -57.18 8.46 5.19
N VAL D 71 -57.66 7.41 5.84
CA VAL D 71 -58.04 6.16 5.20
C VAL D 71 -59.32 5.66 5.88
N HIS D 72 -59.98 4.69 5.25
CA HIS D 72 -61.20 4.13 5.78
C HIS D 72 -61.44 2.77 5.13
N TRP D 73 -62.28 1.96 5.76
CA TRP D 73 -62.59 0.64 5.22
C TRP D 73 -63.62 0.68 4.09
N THR D 74 -64.11 1.87 3.72
CA THR D 74 -64.78 2.05 2.45
C THR D 74 -63.79 2.10 1.30
N GLN D 75 -62.50 1.94 1.59
CA GLN D 75 -61.43 2.01 0.60
C GLN D 75 -60.80 0.62 0.46
N PRO D 76 -61.19 -0.17 -0.55
CA PRO D 76 -60.80 -1.60 -0.55
C PRO D 76 -59.31 -1.87 -0.50
N ASN D 77 -58.52 -1.16 -1.31
CA ASN D 77 -57.11 -1.51 -1.43
C ASN D 77 -56.32 -1.14 -0.18
N VAL D 78 -56.42 0.12 0.24
CA VAL D 78 -55.62 0.56 1.38
C VAL D 78 -56.06 -0.17 2.65
N TRP D 79 -57.36 -0.42 2.82
CA TRP D 79 -57.81 -1.19 3.98
C TRP D 79 -57.33 -2.63 3.90
N THR D 80 -57.41 -3.24 2.71
CA THR D 80 -56.85 -4.57 2.52
C THR D 80 -55.40 -4.61 2.98
N GLU D 81 -54.61 -3.62 2.58
CA GLU D 81 -53.19 -3.62 2.94
C GLU D 81 -52.99 -3.37 4.42
N ILE D 82 -53.75 -2.45 5.00
CA ILE D 82 -53.65 -2.19 6.43
C ILE D 82 -53.85 -3.48 7.21
N MET D 83 -54.89 -4.24 6.87
CA MET D 83 -55.10 -5.52 7.56
C MET D 83 -54.04 -6.53 7.19
N HIS D 84 -53.64 -6.56 5.91
CA HIS D 84 -52.61 -7.47 5.44
C HIS D 84 -51.39 -7.45 6.37
N TYR D 85 -50.99 -6.26 6.81
CA TYR D 85 -49.75 -6.11 7.56
C TYR D 85 -49.97 -5.83 9.05
N GLY D 86 -51.21 -5.92 9.53
CA GLY D 86 -51.47 -5.74 10.95
C GLY D 86 -51.25 -4.35 11.49
N LEU D 87 -51.44 -3.31 10.68
CA LEU D 87 -51.31 -1.93 11.16
C LEU D 87 -52.61 -1.48 11.84
N GLU D 88 -52.52 -0.37 12.55
CA GLU D 88 -53.62 0.16 13.36
C GLU D 88 -53.92 1.61 12.98
N VAL D 89 -55.10 2.08 13.37
CA VAL D 89 -55.53 3.45 13.08
C VAL D 89 -55.89 4.19 14.37
N GLU D 90 -55.70 5.50 14.33
CA GLU D 90 -56.17 6.49 15.27
C GLU D 90 -57.21 7.39 14.60
N GLU D 91 -57.80 8.28 15.40
CA GLU D 91 -58.91 9.10 14.94
C GLU D 91 -58.58 10.58 15.03
N THR D 92 -58.84 11.29 13.95
CA THR D 92 -58.96 12.75 13.95
C THR D 92 -60.39 13.10 14.35
N VAL D 93 -60.52 14.04 15.29
CA VAL D 93 -61.81 14.27 15.93
C VAL D 93 -62.59 15.40 15.27
N GLY D 94 -61.88 16.38 14.71
CA GLY D 94 -62.50 17.66 14.44
C GLY D 94 -63.61 17.62 13.40
N LEU D 95 -63.37 16.93 12.28
CA LEU D 95 -64.30 17.03 11.16
C LEU D 95 -65.52 16.12 11.35
N ALA D 96 -65.30 14.88 11.75
CA ALA D 96 -66.41 13.92 11.82
C ALA D 96 -67.22 14.06 13.10
N ASN D 97 -66.63 14.56 14.18
CA ASN D 97 -67.33 14.67 15.46
C ASN D 97 -66.94 15.95 16.20
N PRO D 98 -67.22 17.10 15.61
CA PRO D 98 -66.95 18.36 16.32
C PRO D 98 -68.03 18.64 17.35
N GLU D 99 -67.67 19.47 18.32
CA GLU D 99 -68.65 20.00 19.27
C GLU D 99 -69.26 21.28 18.75
N THR D 100 -68.44 22.15 18.19
CA THR D 100 -68.89 23.43 17.65
C THR D 100 -68.52 23.52 16.18
N VAL D 101 -69.45 24.07 15.40
CA VAL D 101 -69.23 24.35 13.99
C VAL D 101 -69.31 25.85 13.81
N ILE D 102 -68.31 26.41 13.14
CA ILE D 102 -68.23 27.82 12.81
C ILE D 102 -68.29 27.95 11.29
N TRP D 103 -69.07 28.89 10.80
CA TRP D 103 -69.18 29.05 9.35
C TRP D 103 -69.38 30.49 8.94
N VAL D 104 -68.88 30.79 7.74
CA VAL D 104 -68.87 32.13 7.16
C VAL D 104 -69.88 32.18 6.03
N THR D 105 -70.86 33.07 6.14
CA THR D 105 -71.80 33.31 5.04
C THR D 105 -72.08 34.79 4.90
N GLU D 106 -71.99 35.31 3.67
CA GLU D 106 -72.24 36.74 3.38
C GLU D 106 -71.44 37.67 4.27
N ASP D 107 -70.19 37.30 4.55
CA ASP D 107 -69.31 38.12 5.36
C ASP D 107 -69.75 38.19 6.82
N ASN D 108 -70.57 37.24 7.26
CA ASN D 108 -70.90 37.06 8.67
C ASN D 108 -70.29 35.75 9.15
N VAL D 109 -69.98 35.69 10.44
CA VAL D 109 -69.44 34.48 11.06
C VAL D 109 -70.41 34.01 12.14
N LYS D 110 -70.90 32.79 11.99
CA LYS D 110 -71.79 32.18 12.98
C LYS D 110 -71.12 30.95 13.59
N ARG D 111 -71.52 30.63 14.82
CA ARG D 111 -71.04 29.44 15.50
C ARG D 111 -72.21 28.80 16.23
N ALA D 112 -72.27 27.47 16.23
CA ALA D 112 -73.40 26.78 16.84
C ALA D 112 -72.99 25.36 17.18
N PRO D 113 -73.70 24.72 18.10
CA PRO D 113 -73.49 23.28 18.33
C PRO D 113 -73.57 22.52 17.03
N ALA D 114 -72.68 21.53 16.89
CA ALA D 114 -72.52 20.82 15.62
C ALA D 114 -73.85 20.39 15.02
N ALA D 115 -74.77 19.88 15.85
CA ALA D 115 -76.04 19.39 15.31
C ALA D 115 -76.82 20.51 14.62
N GLU D 116 -76.81 21.70 15.21
CA GLU D 116 -77.53 22.83 14.63
C GLU D 116 -76.95 23.21 13.29
N ALA D 117 -75.62 23.32 13.20
CA ALA D 117 -74.97 23.62 11.93
C ALA D 117 -75.26 22.54 10.90
N PHE D 118 -75.24 21.28 11.33
CA PHE D 118 -75.43 20.19 10.39
C PHE D 118 -76.87 20.11 9.92
N GLU D 119 -77.83 20.70 10.64
CA GLU D 119 -79.17 20.86 10.06
C GLU D 119 -79.09 21.58 8.71
N ILE D 120 -78.52 22.79 8.72
CA ILE D 120 -78.38 23.58 7.50
C ILE D 120 -77.54 22.83 6.47
N PHE D 121 -76.35 22.39 6.88
CA PHE D 121 -75.42 21.78 5.93
C PHE D 121 -76.00 20.51 5.33
N GLY D 122 -76.72 19.72 6.13
CA GLY D 122 -77.28 18.47 5.66
C GLY D 122 -78.47 18.65 4.75
N SER D 123 -79.30 19.67 5.00
CA SER D 123 -80.35 19.96 4.03
C SER D 123 -79.74 20.36 2.68
N ALA D 124 -78.73 21.25 2.73
CA ALA D 124 -78.05 21.62 1.49
C ALA D 124 -77.50 20.38 0.79
N CYS D 125 -76.84 19.49 1.55
CA CYS D 125 -76.27 18.28 0.96
C CYS D 125 -77.34 17.40 0.33
N ASN D 126 -78.47 17.23 1.03
CA ASN D 126 -79.56 16.46 0.47
C ASN D 126 -79.94 16.97 -0.90
N GLU D 127 -79.95 18.30 -1.07
CA GLU D 127 -80.26 18.77 -2.42
C GLU D 127 -79.09 18.59 -3.39
N TYR D 128 -77.85 18.84 -2.92
CA TYR D 128 -76.72 18.90 -3.85
C TYR D 128 -76.33 17.53 -4.40
N TYR D 129 -76.60 16.46 -3.66
CA TYR D 129 -76.17 15.11 -4.06
C TYR D 129 -77.31 14.27 -4.62
N LYS D 130 -78.48 14.86 -4.85
CA LYS D 130 -79.67 14.08 -5.18
C LYS D 130 -79.50 13.22 -6.42
N GLU D 131 -78.59 13.56 -7.33
CA GLU D 131 -78.44 12.80 -8.58
C GLU D 131 -77.23 11.88 -8.57
N ALA D 132 -76.47 11.83 -7.47
CA ALA D 132 -75.29 10.98 -7.41
C ALA D 132 -75.64 9.53 -7.73
N ARG D 133 -76.76 9.04 -7.19
CA ARG D 133 -77.16 7.66 -7.42
C ARG D 133 -77.41 7.37 -8.89
N ASN D 134 -77.91 8.36 -9.62
CA ASN D 134 -78.20 8.18 -11.04
C ASN D 134 -76.95 8.21 -11.91
N ILE D 135 -75.91 8.92 -11.46
CA ILE D 135 -74.70 9.10 -12.25
C ILE D 135 -73.67 8.02 -11.95
N TYR D 136 -73.44 7.70 -10.67
CA TYR D 136 -72.41 6.75 -10.27
C TYR D 136 -73.02 5.63 -9.42
N PRO D 137 -73.91 4.84 -9.99
CA PRO D 137 -74.43 3.67 -9.26
C PRO D 137 -73.36 2.66 -8.88
N ARG D 138 -72.33 2.50 -9.71
CA ARG D 138 -71.19 1.63 -9.42
C ARG D 138 -69.94 2.50 -9.40
N PRO D 139 -69.60 3.07 -8.23
CA PRO D 139 -68.52 4.07 -8.19
C PRO D 139 -67.16 3.57 -8.63
N PHE D 140 -66.92 2.26 -8.63
CA PHE D 140 -65.64 1.74 -9.12
C PHE D 140 -65.67 1.41 -10.61
N GLU D 141 -66.79 1.68 -11.28
CA GLU D 141 -66.96 1.43 -12.72
C GLU D 141 -67.41 2.75 -13.36
N PRO D 142 -66.47 3.67 -13.61
CA PRO D 142 -66.84 5.05 -13.94
C PRO D 142 -67.88 5.23 -15.04
N PHE D 143 -67.86 4.41 -16.08
CA PHE D 143 -68.72 4.66 -17.24
C PHE D 143 -69.87 3.65 -17.34
N PHE D 144 -70.25 3.03 -16.22
CA PHE D 144 -71.43 2.20 -16.18
C PHE D 144 -72.67 2.95 -16.66
N GLU D 145 -72.80 4.21 -16.26
CA GLU D 145 -73.88 5.07 -16.73
C GLU D 145 -73.27 6.19 -17.56
N ARG D 146 -72.57 5.80 -18.64
CA ARG D 146 -71.80 6.73 -19.46
C ARG D 146 -72.66 7.91 -19.94
N LYS D 147 -73.83 7.64 -20.49
CA LYS D 147 -74.63 8.73 -21.06
C LYS D 147 -75.01 9.76 -19.98
N LYS D 148 -75.53 9.28 -18.84
CA LYS D 148 -75.89 10.20 -17.78
C LYS D 148 -74.68 10.98 -17.30
N LEU D 149 -73.51 10.35 -17.25
CA LEU D 149 -72.32 11.05 -16.79
C LEU D 149 -71.87 12.10 -17.79
N GLN D 150 -71.92 11.76 -19.08
CA GLN D 150 -71.59 12.73 -20.12
C GLN D 150 -72.53 13.92 -20.08
N HIS D 151 -73.80 13.70 -19.73
CA HIS D 151 -74.74 14.82 -19.72
C HIS D 151 -74.36 15.86 -18.67
N VAL D 152 -73.74 15.46 -17.56
CA VAL D 152 -73.44 16.39 -16.48
C VAL D 152 -71.96 16.72 -16.36
N ASP D 153 -71.08 16.01 -17.06
CA ASP D 153 -69.66 16.18 -16.82
C ASP D 153 -69.14 17.56 -17.19
N GLY D 154 -69.91 18.34 -17.96
CA GLY D 154 -69.51 19.69 -18.28
C GLY D 154 -69.76 20.71 -17.20
N LEU D 155 -70.39 20.31 -16.11
CA LEU D 155 -70.73 21.23 -15.03
C LEU D 155 -69.57 21.35 -14.05
N SER D 156 -69.30 22.58 -13.62
CA SER D 156 -68.47 22.75 -12.45
C SER D 156 -69.33 22.63 -11.19
N ALA D 157 -68.66 22.40 -10.06
CA ALA D 157 -69.40 22.32 -8.79
C ALA D 157 -70.21 23.58 -8.55
N ALA D 158 -69.68 24.73 -8.96
CA ALA D 158 -70.40 26.00 -8.80
C ALA D 158 -71.59 26.09 -9.74
N ASP D 159 -71.40 25.68 -11.01
CA ASP D 159 -72.50 25.65 -11.96
C ASP D 159 -73.71 24.95 -11.38
N TYR D 160 -73.51 23.75 -10.82
CA TYR D 160 -74.62 23.01 -10.26
C TYR D 160 -75.15 23.68 -9.01
N LEU D 161 -74.24 24.11 -8.12
CA LEU D 161 -74.71 24.75 -6.89
C LEU D 161 -75.69 25.89 -7.19
N GLU D 162 -75.38 26.73 -8.18
CA GLU D 162 -76.22 27.90 -8.42
C GLU D 162 -77.59 27.53 -8.98
N LYS D 163 -77.76 26.31 -9.51
CA LYS D 163 -79.08 25.90 -9.97
C LYS D 163 -79.97 25.39 -8.84
N LEU D 164 -79.44 25.29 -7.62
CA LEU D 164 -80.24 24.61 -6.60
C LEU D 164 -81.09 25.60 -5.81
N PRO D 165 -82.20 25.11 -5.25
CA PRO D 165 -83.10 25.92 -4.41
C PRO D 165 -82.64 25.97 -2.95
N LEU D 166 -81.57 26.71 -2.70
CA LEU D 166 -80.98 26.80 -1.37
C LEU D 166 -80.85 28.25 -0.94
N THR D 167 -80.80 28.46 0.37
CA THR D 167 -80.49 29.77 0.91
C THR D 167 -79.03 30.11 0.65
N ARG D 168 -78.72 31.41 0.70
CA ARG D 168 -77.32 31.78 0.53
C ARG D 168 -76.44 31.15 1.59
N GLU D 169 -76.97 30.96 2.80
CA GLU D 169 -76.21 30.29 3.85
C GLU D 169 -75.92 28.84 3.46
N GLN D 170 -76.94 28.12 3.00
CA GLN D 170 -76.73 26.75 2.54
C GLN D 170 -75.74 26.71 1.37
N LYS D 171 -75.89 27.63 0.42
CA LYS D 171 -74.98 27.69 -0.72
C LYS D 171 -73.56 27.95 -0.27
N ASP D 172 -73.37 28.79 0.76
CA ASP D 172 -72.04 29.12 1.22
C ASP D 172 -71.39 27.95 1.95
N MET D 173 -72.19 27.22 2.72
CA MET D 173 -71.67 26.02 3.35
C MET D 173 -71.27 24.98 2.29
N MET D 174 -72.12 24.80 1.28
CA MET D 174 -71.78 23.87 0.20
C MET D 174 -70.54 24.33 -0.56
N ASP D 175 -70.41 25.63 -0.79
CA ASP D 175 -69.19 26.17 -1.43
C ASP D 175 -67.97 25.77 -0.62
N SER D 176 -68.03 25.99 0.69
CA SER D 176 -66.95 25.57 1.57
C SER D 176 -66.61 24.10 1.35
N TRP D 177 -67.63 23.24 1.38
CA TRP D 177 -67.40 21.79 1.29
C TRP D 177 -66.79 21.41 -0.06
N LEU D 178 -67.36 21.91 -1.15
CA LEU D 178 -66.87 21.52 -2.48
C LEU D 178 -65.46 22.04 -2.70
N SER D 179 -65.17 23.27 -2.24
CA SER D 179 -63.81 23.81 -2.34
C SER D 179 -62.83 22.99 -1.51
N GLY D 180 -63.25 22.54 -0.32
CA GLY D 180 -62.40 21.67 0.46
C GLY D 180 -62.09 20.37 -0.26
N ASN D 181 -63.12 19.76 -0.86
CA ASN D 181 -62.93 18.49 -1.55
C ASN D 181 -61.98 18.64 -2.74
N GLY D 182 -62.23 19.64 -3.59
CA GLY D 182 -61.41 19.84 -4.77
C GLY D 182 -60.07 20.51 -4.54
N HIS D 183 -59.89 21.15 -3.39
CA HIS D 183 -58.66 21.90 -3.08
C HIS D 183 -58.40 22.98 -4.13
N ASN D 184 -59.44 23.74 -4.45
CA ASN D 184 -59.39 24.79 -5.44
C ASN D 184 -60.72 25.56 -5.38
N TYR D 185 -60.82 26.59 -6.22
CA TYR D 185 -62.07 27.34 -6.31
C TYR D 185 -63.17 26.46 -6.92
N PRO D 186 -64.42 26.61 -6.48
CA PRO D 186 -65.46 25.65 -6.87
C PRO D 186 -65.81 25.67 -8.34
N GLU D 187 -65.52 26.75 -9.07
CA GLU D 187 -65.80 26.75 -10.50
C GLU D 187 -64.76 26.01 -11.31
N THR D 188 -63.65 25.59 -10.68
CA THR D 188 -62.64 24.80 -11.36
C THR D 188 -62.82 23.30 -11.17
N ILE D 189 -63.71 22.88 -10.26
CA ILE D 189 -63.87 21.49 -9.89
C ILE D 189 -65.08 20.90 -10.62
N ALA D 190 -64.95 19.66 -11.07
CA ALA D 190 -66.05 18.98 -11.75
C ALA D 190 -67.14 18.57 -10.76
N TYR D 191 -68.38 18.93 -11.08
CA TYR D 191 -69.53 18.48 -10.29
C TYR D 191 -69.58 16.96 -10.19
N SER D 192 -69.23 16.28 -11.28
CA SER D 192 -69.26 14.83 -11.30
C SER D 192 -68.28 14.23 -10.30
N GLU D 193 -67.15 14.90 -10.05
CA GLU D 193 -66.19 14.39 -9.08
C GLU D 193 -66.74 14.44 -7.65
N ILE D 194 -67.44 15.53 -7.33
CA ILE D 194 -68.16 15.62 -6.07
C ILE D 194 -69.16 14.47 -5.95
N MET D 195 -69.90 14.21 -7.04
CA MET D 195 -70.82 13.08 -7.05
C MET D 195 -70.08 11.78 -6.75
N ARG D 196 -68.90 11.60 -7.35
CA ARG D 196 -68.14 10.36 -7.15
C ARG D 196 -67.76 10.16 -5.70
N TRP D 197 -67.24 11.20 -5.05
CA TRP D 197 -66.93 11.07 -3.62
C TRP D 197 -68.15 10.59 -2.85
N PHE D 198 -69.30 11.25 -3.08
CA PHE D 198 -70.51 10.82 -2.39
C PHE D 198 -70.82 9.35 -2.67
N ALA D 199 -70.69 8.92 -3.93
CA ALA D 199 -71.07 7.55 -4.29
C ALA D 199 -70.12 6.53 -3.68
N LEU D 200 -68.83 6.86 -3.62
CA LEU D 200 -67.85 6.01 -2.93
C LEU D 200 -68.10 5.96 -1.44
N SER D 201 -68.75 6.97 -0.87
CA SER D 201 -69.08 6.91 0.55
C SER D 201 -70.42 6.21 0.81
N ASN D 202 -70.90 5.42 -0.15
CA ASN D 202 -72.16 4.70 -0.03
C ASN D 202 -73.33 5.67 0.15
N PHE D 203 -73.30 6.76 -0.62
CA PHE D 203 -74.40 7.71 -0.73
C PHE D 203 -74.96 8.12 0.63
N ASN D 204 -74.07 8.40 1.57
CA ASN D 204 -74.51 8.86 2.89
C ASN D 204 -73.43 9.75 3.50
N MET D 205 -73.86 10.92 4.00
CA MET D 205 -72.88 11.92 4.47
C MET D 205 -72.05 11.42 5.64
N PRO D 206 -72.62 10.72 6.64
CA PRO D 206 -71.77 10.23 7.75
C PRO D 206 -70.59 9.38 7.28
N THR D 207 -70.84 8.44 6.37
CA THR D 207 -69.76 7.61 5.85
C THR D 207 -68.75 8.45 5.08
N MET D 208 -69.19 9.49 4.38
CA MET D 208 -68.26 10.36 3.68
C MET D 208 -67.34 11.08 4.66
N PHE D 209 -67.91 11.65 5.72
CA PHE D 209 -67.10 12.30 6.74
C PHE D 209 -66.10 11.32 7.32
N ASP D 210 -66.55 10.10 7.60
CA ASP D 210 -65.66 9.09 8.15
C ASP D 210 -64.57 8.68 7.16
N SER D 211 -64.89 8.72 5.87
CA SER D 211 -63.99 8.24 4.83
C SER D 211 -62.88 9.22 4.51
N ILE D 212 -63.16 10.52 4.55
CA ILE D 212 -62.19 11.48 4.03
C ILE D 212 -61.29 12.10 5.11
N ALA D 213 -61.72 12.13 6.37
CA ALA D 213 -60.87 12.75 7.38
C ALA D 213 -61.17 12.26 8.79
N ARG D 214 -60.84 11.00 9.09
CA ARG D 214 -61.08 10.47 10.42
C ARG D 214 -60.03 9.46 10.88
N TYR D 215 -59.75 8.43 10.09
CA TYR D 215 -58.84 7.37 10.49
C TYR D 215 -57.48 7.54 9.82
N LYS D 216 -56.42 7.42 10.61
CA LYS D 216 -55.05 7.52 10.13
C LYS D 216 -54.22 6.40 10.73
N ILE D 217 -53.19 5.96 10.00
CA ILE D 217 -52.36 4.84 10.44
C ILE D 217 -51.52 5.27 11.65
N LYS D 218 -51.66 4.53 12.76
CA LYS D 218 -50.92 4.85 13.97
C LYS D 218 -49.42 5.02 13.70
N THR D 219 -48.87 4.18 12.85
CA THR D 219 -47.43 4.20 12.58
C THR D 219 -47.07 5.05 11.37
N GLY D 220 -48.01 5.80 10.83
CA GLY D 220 -47.73 6.69 9.70
C GLY D 220 -47.84 5.98 8.36
N THR D 221 -48.16 6.77 7.33
CA THR D 221 -48.27 6.20 5.98
C THR D 221 -46.98 5.51 5.57
N HIS D 222 -45.84 6.05 5.98
CA HIS D 222 -44.58 5.43 5.60
C HIS D 222 -44.50 3.98 6.08
N SER D 223 -45.13 3.65 7.21
CA SER D 223 -45.06 2.27 7.69
C SER D 223 -45.73 1.31 6.71
N LEU D 224 -46.89 1.69 6.18
CA LEU D 224 -47.54 0.86 5.16
C LEU D 224 -46.71 0.81 3.90
N LEU D 225 -46.23 1.97 3.43
CA LEU D 225 -45.37 1.98 2.25
C LEU D 225 -44.20 1.02 2.42
N GLU D 226 -43.61 1.00 3.63
CA GLU D 226 -42.46 0.14 3.90
C GLU D 226 -42.84 -1.33 3.92
N ALA D 227 -44.01 -1.65 4.49
CA ALA D 227 -44.45 -3.04 4.48
C ALA D 227 -44.64 -3.53 3.06
N ILE D 228 -45.25 -2.72 2.20
CA ILE D 228 -45.42 -3.11 0.80
C ILE D 228 -44.06 -3.32 0.16
N MET D 229 -43.13 -2.39 0.39
CA MET D 229 -41.81 -2.54 -0.20
C MET D 229 -41.12 -3.81 0.29
N ALA D 230 -41.17 -4.07 1.60
CA ALA D 230 -40.51 -5.25 2.15
C ALA D 230 -41.13 -6.54 1.62
N ASP D 231 -42.43 -6.53 1.32
CA ASP D 231 -43.03 -7.72 0.74
C ASP D 231 -42.57 -7.95 -0.69
N GLY D 232 -41.93 -6.96 -1.31
CA GLY D 232 -41.46 -7.07 -2.68
C GLY D 232 -39.98 -7.40 -2.78
N ASN D 233 -39.49 -7.37 -4.01
CA ASN D 233 -38.09 -7.71 -4.30
C ASN D 233 -37.54 -6.84 -5.42
N SER D 234 -37.64 -5.52 -5.27
CA SER D 234 -37.21 -4.58 -6.30
C SER D 234 -36.03 -3.73 -5.84
N GLU D 235 -35.16 -3.40 -6.79
CA GLU D 235 -34.14 -2.38 -6.57
C GLU D 235 -34.75 -0.99 -6.54
N VAL D 236 -34.10 -0.09 -5.81
CA VAL D 236 -34.56 1.30 -5.65
C VAL D 236 -33.37 2.23 -5.84
N LYS D 237 -33.55 3.24 -6.68
CA LYS D 237 -32.58 4.32 -6.84
C LYS D 237 -33.29 5.63 -6.52
N LEU D 238 -32.95 6.22 -5.39
CA LEU D 238 -33.48 7.53 -5.00
C LEU D 238 -32.65 8.65 -5.62
N SER D 239 -33.18 9.87 -5.53
CA SER D 239 -32.49 11.07 -6.03
C SER D 239 -32.03 10.88 -7.48
N THR D 240 -32.83 10.18 -8.26
CA THR D 240 -32.49 9.84 -9.64
C THR D 240 -33.64 10.21 -10.56
N PRO D 241 -33.82 11.50 -10.83
CA PRO D 241 -34.93 11.92 -11.70
C PRO D 241 -34.75 11.44 -13.13
N VAL D 242 -35.85 10.98 -13.72
CA VAL D 242 -35.86 10.59 -15.12
C VAL D 242 -36.05 11.83 -16.00
N THR D 243 -35.36 11.86 -17.13
CA THR D 243 -35.45 12.98 -18.08
C THR D 243 -35.98 12.59 -19.44
N LYS D 244 -35.64 11.39 -19.92
CA LYS D 244 -36.05 10.94 -21.24
C LYS D 244 -36.48 9.48 -21.16
N VAL D 245 -37.48 9.13 -21.95
CA VAL D 245 -37.95 7.76 -22.12
C VAL D 245 -38.08 7.49 -23.61
N ASN D 246 -37.30 6.53 -24.12
CA ASN D 246 -37.35 6.15 -25.53
C ASN D 246 -37.66 4.67 -25.64
N GLN D 247 -38.63 4.33 -26.50
CA GLN D 247 -39.04 2.95 -26.67
C GLN D 247 -39.00 2.56 -28.14
N ASP D 248 -38.53 1.34 -28.40
CA ASP D 248 -38.60 0.71 -29.72
C ASP D 248 -39.37 -0.62 -29.58
N LYS D 249 -39.30 -1.46 -30.62
CA LYS D 249 -40.07 -2.69 -30.63
C LYS D 249 -39.58 -3.70 -29.58
N ASP D 250 -38.35 -3.55 -29.10
CA ASP D 250 -37.73 -4.55 -28.24
C ASP D 250 -37.52 -4.12 -26.81
N LYS D 251 -37.29 -2.83 -26.56
CA LYS D 251 -36.89 -2.40 -25.24
C LYS D 251 -37.31 -0.96 -25.00
N VAL D 252 -37.20 -0.55 -23.74
CA VAL D 252 -37.35 0.84 -23.34
C VAL D 252 -36.03 1.27 -22.73
N THR D 253 -35.54 2.41 -23.19
CA THR D 253 -34.33 3.04 -22.67
C THR D 253 -34.75 4.25 -21.85
N VAL D 254 -34.48 4.21 -20.55
CA VAL D 254 -34.85 5.25 -19.61
C VAL D 254 -33.58 6.00 -19.23
N THR D 255 -33.56 7.29 -19.53
CA THR D 255 -32.44 8.16 -19.23
C THR D 255 -32.73 8.94 -17.95
N THR D 256 -31.75 9.01 -17.07
CA THR D 256 -31.86 9.77 -15.84
C THR D 256 -30.65 10.68 -15.73
N GLU D 257 -30.66 11.56 -14.75
CA GLU D 257 -29.46 12.36 -14.52
C GLU D 257 -28.29 11.49 -14.06
N ASP D 258 -28.56 10.29 -13.55
CA ASP D 258 -27.53 9.42 -12.99
C ASP D 258 -27.65 8.01 -13.58
N GLY D 259 -27.52 7.91 -14.89
CA GLY D 259 -27.44 6.63 -15.57
C GLY D 259 -28.50 6.43 -16.62
N VAL D 260 -28.30 5.36 -17.40
CA VAL D 260 -29.25 4.91 -18.41
C VAL D 260 -29.57 3.46 -18.13
N PHE D 261 -30.86 3.12 -18.19
CA PHE D 261 -31.32 1.78 -17.85
C PHE D 261 -32.26 1.27 -18.94
N THR D 262 -32.29 -0.05 -19.13
CA THR D 262 -33.17 -0.63 -20.13
C THR D 262 -34.05 -1.69 -19.52
N ALA D 263 -35.27 -1.78 -20.04
CA ALA D 263 -36.22 -2.79 -19.54
C ALA D 263 -37.17 -3.19 -20.66
N SER D 264 -37.75 -4.39 -20.50
CA SER D 264 -38.74 -4.82 -21.48
C SER D 264 -40.03 -4.03 -21.32
N ALA D 265 -40.32 -3.59 -20.10
CA ALA D 265 -41.52 -2.81 -19.83
C ALA D 265 -41.23 -1.78 -18.75
N VAL D 266 -41.87 -0.62 -18.89
CA VAL D 266 -41.70 0.50 -17.97
C VAL D 266 -43.09 0.95 -17.51
N ILE D 267 -43.25 1.07 -16.20
CA ILE D 267 -44.47 1.56 -15.56
C ILE D 267 -44.23 3.02 -15.19
N VAL D 268 -44.90 3.92 -15.89
CA VAL D 268 -44.82 5.35 -15.60
C VAL D 268 -45.83 5.67 -14.50
N ALA D 269 -45.33 5.92 -13.29
CA ALA D 269 -46.20 6.23 -12.16
C ALA D 269 -45.91 7.60 -11.56
N VAL D 270 -45.95 8.65 -12.39
CA VAL D 270 -45.69 10.01 -11.93
C VAL D 270 -47.02 10.76 -11.88
N PRO D 271 -47.12 11.88 -11.14
CA PRO D 271 -48.36 12.66 -11.19
C PRO D 271 -48.60 13.21 -12.59
N ILE D 272 -49.86 13.18 -13.03
CA ILE D 272 -50.17 13.67 -14.37
C ILE D 272 -49.72 15.11 -14.54
N ASN D 273 -49.81 15.91 -13.46
CA ASN D 273 -49.38 17.30 -13.53
C ASN D 273 -47.90 17.44 -13.90
N THR D 274 -47.13 16.35 -13.83
CA THR D 274 -45.72 16.36 -14.19
C THR D 274 -45.44 15.72 -15.53
N LEU D 275 -46.47 15.30 -16.26
CA LEU D 275 -46.24 14.50 -17.46
C LEU D 275 -45.33 15.19 -18.46
N HIS D 276 -45.49 16.51 -18.62
CA HIS D 276 -44.68 17.24 -19.59
C HIS D 276 -43.18 17.13 -19.30
N ASP D 277 -42.81 16.87 -18.06
CA ASP D 277 -41.44 17.07 -17.62
C ASP D 277 -40.48 15.97 -18.07
N ILE D 278 -40.99 14.91 -18.68
CA ILE D 278 -40.14 13.86 -19.25
C ILE D 278 -40.35 13.88 -20.76
N GLU D 279 -39.27 13.66 -21.51
CA GLU D 279 -39.33 13.66 -22.97
C GLU D 279 -39.57 12.23 -23.44
N TYR D 280 -40.70 12.00 -24.12
CA TYR D 280 -41.10 10.67 -24.56
C TYR D 280 -40.92 10.55 -26.07
N SER D 281 -40.27 9.47 -26.51
CA SER D 281 -40.13 9.18 -27.93
C SER D 281 -40.49 7.72 -28.17
N PRO D 282 -41.56 7.43 -28.92
CA PRO D 282 -42.50 8.39 -29.53
C PRO D 282 -43.24 9.24 -28.49
N LYS D 283 -43.79 10.39 -28.89
CA LYS D 283 -44.51 11.23 -27.95
C LYS D 283 -45.77 10.53 -27.46
N LEU D 284 -46.23 10.93 -26.27
CA LEU D 284 -47.40 10.31 -25.68
C LEU D 284 -48.68 10.79 -26.37
N SER D 285 -49.76 10.07 -26.11
CA SER D 285 -51.06 10.35 -26.70
C SER D 285 -51.62 11.68 -26.20
N ALA D 286 -52.64 12.16 -26.92
CA ALA D 286 -53.15 13.51 -26.65
C ALA D 286 -53.75 13.64 -25.26
N ALA D 287 -54.26 12.54 -24.69
CA ALA D 287 -54.85 12.62 -23.35
C ALA D 287 -53.79 12.97 -22.31
N LYS D 288 -52.65 12.28 -22.35
CA LYS D 288 -51.57 12.58 -21.42
C LYS D 288 -51.10 14.03 -21.56
N VAL D 289 -50.96 14.50 -22.80
CA VAL D 289 -50.49 15.86 -23.04
C VAL D 289 -51.50 16.89 -22.56
N ASP D 290 -52.78 16.67 -22.87
CA ASP D 290 -53.83 17.59 -22.44
C ASP D 290 -53.91 17.66 -20.92
N MET D 291 -53.75 16.52 -20.23
CA MET D 291 -53.81 16.54 -18.78
C MET D 291 -52.56 17.17 -18.16
N GLY D 292 -51.39 16.99 -18.77
CA GLY D 292 -50.22 17.70 -18.31
C GLY D 292 -50.31 19.20 -18.53
N SER D 293 -51.09 19.61 -19.54
CA SER D 293 -51.30 21.04 -19.79
C SER D 293 -52.32 21.62 -18.82
N GLN D 294 -53.48 20.98 -18.73
CA GLN D 294 -54.59 21.52 -17.96
C GLN D 294 -54.46 21.27 -16.47
N ARG D 295 -53.86 20.14 -16.08
CA ARG D 295 -53.76 19.78 -14.68
C ARG D 295 -55.11 19.43 -14.09
N HIS D 296 -55.12 18.61 -13.06
CA HIS D 296 -56.31 18.43 -12.24
C HIS D 296 -56.52 19.67 -11.37
N ALA D 297 -57.57 19.66 -10.56
CA ALA D 297 -57.94 20.87 -9.82
C ALA D 297 -57.15 21.05 -8.53
N GLY D 298 -56.46 20.02 -8.03
CA GLY D 298 -55.81 20.08 -6.74
C GLY D 298 -54.66 21.06 -6.66
N ALA D 299 -54.86 22.21 -5.99
CA ALA D 299 -53.87 23.27 -6.05
C ALA D 299 -53.89 24.17 -4.81
N GLY D 300 -54.29 23.66 -3.65
CA GLY D 300 -54.49 24.46 -2.47
C GLY D 300 -53.38 24.34 -1.44
N VAL D 301 -53.71 24.77 -0.21
CA VAL D 301 -52.82 24.73 0.95
C VAL D 301 -53.39 23.74 1.95
N LYS D 302 -52.50 22.95 2.58
CA LYS D 302 -52.80 22.15 3.77
C LYS D 302 -51.72 22.40 4.79
N GLY D 303 -52.11 22.62 6.04
CA GLY D 303 -51.13 22.91 7.08
C GLY D 303 -51.57 22.47 8.46
N TYR D 304 -50.58 22.31 9.32
CA TYR D 304 -50.77 22.01 10.73
C TYR D 304 -50.48 23.27 11.54
N ILE D 305 -51.37 23.59 12.48
CA ILE D 305 -51.25 24.78 13.31
C ILE D 305 -51.39 24.38 14.76
N ARG D 306 -50.42 24.78 15.57
CA ARG D 306 -50.48 24.63 17.02
C ARG D 306 -50.82 25.97 17.64
N VAL D 307 -51.94 26.01 18.38
CA VAL D 307 -52.38 27.17 19.14
C VAL D 307 -52.27 26.84 20.63
N LYS D 308 -51.88 27.84 21.42
CA LYS D 308 -51.72 27.65 22.85
C LYS D 308 -53.02 27.22 23.51
N GLN D 309 -54.14 27.75 23.03
CA GLN D 309 -55.42 27.57 23.72
C GLN D 309 -56.01 26.19 23.43
N ASN D 310 -56.85 25.74 24.35
CA ASN D 310 -57.64 24.53 24.22
C ASN D 310 -59.01 24.93 23.67
N VAL D 311 -59.19 24.79 22.34
CA VAL D 311 -60.41 25.26 21.69
C VAL D 311 -61.46 24.17 21.54
N GLY D 312 -61.24 22.99 22.08
CA GLY D 312 -62.18 21.90 21.89
C GLY D 312 -62.12 21.34 20.48
N ASN D 313 -63.17 20.61 20.12
CA ASN D 313 -63.29 19.98 18.80
C ASN D 313 -64.12 20.90 17.90
N VAL D 314 -63.44 21.69 17.07
CA VAL D 314 -64.13 22.65 16.22
C VAL D 314 -64.04 22.20 14.77
N MET D 315 -65.04 22.60 13.99
CA MET D 315 -65.04 22.39 12.55
C MET D 315 -65.53 23.69 11.90
N THR D 316 -64.79 24.21 10.93
CA THR D 316 -65.16 25.48 10.30
C THR D 316 -65.41 25.31 8.80
N TYR D 317 -66.27 26.18 8.29
CA TYR D 317 -66.67 26.25 6.88
C TYR D 317 -66.54 27.70 6.42
N ALA D 318 -65.82 27.92 5.32
CA ALA D 318 -65.82 29.24 4.69
C ALA D 318 -65.72 29.06 3.18
N PRO D 319 -66.49 29.80 2.40
CA PRO D 319 -66.41 29.66 0.94
C PRO D 319 -65.04 30.05 0.42
N ALA D 320 -64.65 29.44 -0.71
CA ALA D 320 -63.33 29.67 -1.29
C ALA D 320 -63.00 31.14 -1.45
N ARG D 321 -63.97 31.95 -1.86
CA ARG D 321 -63.80 33.38 -1.99
C ARG D 321 -64.65 34.05 -0.92
N ASN D 322 -64.01 34.54 0.12
CA ASN D 322 -64.71 35.30 1.15
C ASN D 322 -63.76 36.33 1.74
N LYS D 323 -64.35 37.38 2.30
CA LYS D 323 -63.60 38.53 2.78
C LYS D 323 -63.11 38.41 4.21
N LEU D 324 -63.33 37.27 4.88
CA LEU D 324 -63.01 37.13 6.29
C LEU D 324 -61.76 36.29 6.57
N THR D 325 -61.58 35.16 5.88
CA THR D 325 -60.46 34.27 6.15
C THR D 325 -60.07 33.53 4.86
N PRO D 326 -58.78 33.23 4.69
CA PRO D 326 -58.36 32.44 3.52
C PRO D 326 -58.65 30.94 3.63
N PHE D 327 -59.07 30.44 4.79
CA PHE D 327 -59.23 29.01 5.03
C PHE D 327 -60.64 28.56 4.68
N THR D 328 -60.75 27.53 3.84
CA THR D 328 -62.06 26.93 3.57
C THR D 328 -62.53 26.06 4.73
N SER D 329 -61.63 25.43 5.46
CA SER D 329 -62.04 24.70 6.66
C SER D 329 -60.85 24.55 7.59
N VAL D 330 -61.13 24.63 8.89
CA VAL D 330 -60.18 24.31 9.94
C VAL D 330 -60.89 23.37 10.91
N PHE D 331 -60.17 22.35 11.37
CA PHE D 331 -60.76 21.47 12.37
C PHE D 331 -59.68 20.94 13.30
N THR D 332 -60.13 20.54 14.48
CA THR D 332 -59.26 20.00 15.51
C THR D 332 -58.72 18.64 15.08
N ASP D 333 -57.39 18.50 15.09
CA ASP D 333 -56.81 17.16 15.04
C ASP D 333 -56.77 16.57 16.44
N HIS D 334 -56.16 17.27 17.39
CA HIS D 334 -56.30 16.79 18.76
C HIS D 334 -55.87 17.87 19.73
N VAL D 335 -56.28 17.71 20.98
CA VAL D 335 -55.99 18.68 22.05
C VAL D 335 -55.23 17.95 23.14
N ASP D 336 -54.02 18.40 23.41
CA ASP D 336 -53.21 17.81 24.48
C ASP D 336 -52.60 18.93 25.32
N GLU D 337 -51.57 18.59 26.10
CA GLU D 337 -50.99 19.53 27.03
C GLU D 337 -50.45 20.77 26.34
N SER D 338 -49.92 20.62 25.13
CA SER D 338 -49.36 21.75 24.41
C SER D 338 -50.42 22.64 23.76
N GLY D 339 -51.71 22.37 23.99
CA GLY D 339 -52.74 23.18 23.37
C GLY D 339 -53.51 22.42 22.33
N THR D 340 -53.90 23.10 21.25
CA THR D 340 -54.70 22.48 20.20
C THR D 340 -53.91 22.37 18.91
N LEU D 341 -53.89 21.17 18.33
CA LEU D 341 -53.39 20.94 16.98
C LEU D 341 -54.59 20.91 16.03
N LEU D 342 -54.60 21.86 15.09
CA LEU D 342 -55.62 22.04 14.07
C LEU D 342 -55.04 21.77 12.68
N ILE D 343 -55.90 21.31 11.78
CA ILE D 343 -55.57 21.15 10.37
C ILE D 343 -56.32 22.23 9.58
N ALA D 344 -55.61 22.90 8.67
CA ALA D 344 -56.18 24.01 7.94
C ALA D 344 -55.97 23.83 6.45
N PHE D 345 -57.01 24.17 5.67
CA PHE D 345 -56.99 24.08 4.23
C PHE D 345 -57.37 25.41 3.61
N SER D 346 -56.70 25.76 2.51
CA SER D 346 -57.09 26.94 1.74
C SER D 346 -57.09 26.59 0.27
N ALA D 347 -57.96 27.26 -0.50
CA ALA D 347 -58.14 26.96 -1.91
C ALA D 347 -57.08 27.57 -2.81
N ASP D 348 -56.24 28.48 -2.29
CA ASP D 348 -55.35 29.29 -3.11
C ASP D 348 -54.10 29.67 -2.34
N PRO D 349 -52.92 29.18 -2.75
CA PRO D 349 -51.70 29.53 -2.02
C PRO D 349 -51.40 31.01 -2.01
N LYS D 350 -51.94 31.78 -2.95
CA LYS D 350 -51.76 33.23 -2.93
C LYS D 350 -52.48 33.90 -1.77
N LEU D 351 -53.41 33.21 -1.10
CA LEU D 351 -54.22 33.80 -0.05
C LEU D 351 -53.60 33.71 1.35
N ILE D 352 -52.67 32.79 1.59
CA ILE D 352 -52.11 32.63 2.93
C ILE D 352 -50.77 31.90 2.87
N ASP D 353 -49.77 32.44 3.56
CA ASP D 353 -48.48 31.75 3.73
C ASP D 353 -48.59 30.87 4.95
N ILE D 354 -48.84 29.59 4.73
CA ILE D 354 -49.10 28.64 5.80
C ILE D 354 -47.94 28.49 6.77
N ASN D 355 -46.77 29.00 6.41
CA ASN D 355 -45.58 28.88 7.24
C ASN D 355 -45.21 30.19 7.92
N ASP D 356 -46.02 31.24 7.74
CA ASP D 356 -45.85 32.50 8.42
C ASP D 356 -46.77 32.48 9.63
N ILE D 357 -46.17 32.34 10.82
CA ILE D 357 -46.95 32.10 12.03
C ILE D 357 -47.88 33.27 12.33
N LYS D 358 -47.39 34.50 12.20
CA LYS D 358 -48.23 35.66 12.51
C LYS D 358 -49.35 35.82 11.48
N ALA D 359 -49.06 35.56 10.20
CA ALA D 359 -50.10 35.64 9.20
C ALA D 359 -51.20 34.62 9.46
N VAL D 360 -50.81 33.39 9.84
CA VAL D 360 -51.80 32.36 10.15
C VAL D 360 -52.61 32.77 11.38
N GLU D 361 -51.95 33.28 12.42
CA GLU D 361 -52.66 33.74 13.61
C GLU D 361 -53.70 34.79 13.25
N LYS D 362 -53.31 35.77 12.43
CA LYS D 362 -54.25 36.79 11.97
C LYS D 362 -55.41 36.15 11.22
N ALA D 363 -55.11 35.23 10.30
CA ALA D 363 -56.15 34.61 9.48
C ALA D 363 -57.12 33.80 10.30
N LEU D 364 -56.68 33.28 11.45
CA LEU D 364 -57.54 32.46 12.31
C LEU D 364 -58.46 33.29 13.20
N GLN D 365 -58.16 34.56 13.41
CA GLN D 365 -58.90 35.34 14.41
C GLN D 365 -60.41 35.34 14.21
N PRO D 366 -60.96 35.51 13.00
CA PRO D 366 -62.42 35.49 12.87
C PRO D 366 -63.02 34.12 13.10
N LEU D 367 -62.27 33.04 12.91
CA LEU D 367 -62.80 31.72 13.15
C LEU D 367 -62.68 31.30 14.61
N LEU D 368 -61.55 31.60 15.24
CA LEU D 368 -61.28 31.27 16.63
C LEU D 368 -60.71 32.51 17.29
N PRO D 369 -61.53 33.50 17.57
CA PRO D 369 -61.02 34.78 18.10
C PRO D 369 -60.22 34.57 19.38
N GLY D 370 -58.98 35.04 19.35
CA GLY D 370 -58.10 35.01 20.51
C GLY D 370 -57.01 33.95 20.49
N VAL D 371 -56.99 33.03 19.52
CA VAL D 371 -56.01 31.97 19.55
C VAL D 371 -54.62 32.55 19.32
N GLU D 372 -53.65 32.01 20.05
CA GLU D 372 -52.24 32.35 19.94
C GLU D 372 -51.53 31.20 19.22
N VAL D 373 -50.99 31.46 18.03
CA VAL D 373 -50.35 30.42 17.24
C VAL D 373 -48.94 30.18 17.75
N THR D 374 -48.67 28.95 18.22
CA THR D 374 -47.34 28.57 18.63
C THR D 374 -46.51 28.00 17.48
N ALA D 375 -47.16 27.37 16.50
CA ALA D 375 -46.36 26.82 15.40
C ALA D 375 -47.23 26.59 14.18
N SER D 376 -46.61 26.60 13.01
CA SER D 376 -47.37 26.49 11.77
C SER D 376 -46.49 25.94 10.66
N TYR D 377 -46.95 24.86 10.02
CA TYR D 377 -46.19 24.29 8.91
C TYR D 377 -47.10 23.69 7.85
N GLY D 378 -46.74 23.91 6.60
CA GLY D 378 -47.41 23.27 5.48
C GLY D 378 -46.43 23.02 4.35
N TYR D 379 -46.41 21.80 3.82
CA TYR D 379 -45.54 21.50 2.69
C TYR D 379 -46.09 22.12 1.42
N ASP D 380 -45.20 22.70 0.60
CA ASP D 380 -45.61 23.35 -0.64
C ASP D 380 -45.58 22.32 -1.76
N TRP D 381 -46.66 21.56 -1.88
CA TRP D 381 -46.79 20.61 -2.97
C TRP D 381 -46.96 21.29 -4.32
N ASN D 382 -47.39 22.55 -4.33
CA ASN D 382 -47.66 23.22 -5.60
C ASN D 382 -46.37 23.62 -6.30
N LEU D 383 -45.36 24.01 -5.54
CA LEU D 383 -44.08 24.44 -6.11
C LEU D 383 -43.02 23.35 -6.10
N ASP D 384 -43.28 22.22 -5.47
CA ASP D 384 -42.41 21.05 -5.58
C ASP D 384 -42.46 20.48 -7.00
N PRO D 385 -41.36 20.53 -7.76
CA PRO D 385 -41.41 20.06 -9.15
C PRO D 385 -41.84 18.62 -9.31
N PHE D 386 -41.82 17.82 -8.24
CA PHE D 386 -42.17 16.41 -8.38
C PHE D 386 -43.64 16.13 -8.10
N SER D 387 -44.41 17.14 -7.78
CA SER D 387 -45.86 16.97 -7.68
C SER D 387 -46.63 18.04 -8.44
N LYS D 388 -46.22 19.31 -8.34
CA LYS D 388 -46.87 20.42 -9.03
C LYS D 388 -48.37 20.42 -8.79
N GLY D 389 -48.75 20.26 -7.52
CA GLY D 389 -50.13 20.23 -7.15
C GLY D 389 -50.38 19.30 -6.01
N THR D 390 -51.62 19.18 -5.55
CA THR D 390 -51.96 18.32 -4.43
C THR D 390 -52.65 17.07 -4.99
N TRP D 391 -53.72 16.63 -4.33
CA TRP D 391 -54.42 15.43 -4.76
C TRP D 391 -55.33 15.72 -5.95
N CYS D 392 -55.53 14.68 -6.76
CA CYS D 392 -56.18 14.83 -8.07
C CYS D 392 -57.70 14.83 -7.92
N THR D 393 -58.31 15.93 -8.35
CA THR D 393 -59.75 16.01 -8.63
C THR D 393 -59.87 16.63 -10.01
N TYR D 394 -60.64 15.99 -10.88
CA TYR D 394 -60.70 16.48 -12.26
C TYR D 394 -61.51 17.77 -12.34
N ARG D 395 -61.17 18.58 -13.32
CA ARG D 395 -61.98 19.72 -13.72
C ARG D 395 -63.12 19.22 -14.60
N PRO D 396 -64.09 20.07 -14.91
CA PRO D 396 -65.20 19.65 -15.77
C PRO D 396 -64.68 19.04 -17.06
N ASN D 397 -65.37 18.01 -17.54
CA ASN D 397 -65.08 17.38 -18.84
C ASN D 397 -63.91 16.41 -18.79
N GLN D 398 -63.09 16.49 -17.74
CA GLN D 398 -61.84 15.73 -17.77
C GLN D 398 -62.09 14.25 -17.61
N THR D 399 -63.03 13.87 -16.72
CA THR D 399 -63.36 12.45 -16.55
C THR D 399 -63.70 11.81 -17.91
N THR D 400 -64.79 12.28 -18.53
CA THR D 400 -65.32 11.65 -19.74
C THR D 400 -64.42 11.85 -20.95
N ARG D 401 -63.61 12.92 -20.98
CA ARG D 401 -62.74 13.11 -22.12
C ARG D 401 -61.45 12.32 -22.00
N TYR D 402 -60.94 12.11 -20.79
CA TYR D 402 -59.56 11.66 -20.67
C TYR D 402 -59.33 10.39 -19.86
N LEU D 403 -60.17 10.03 -18.88
CA LEU D 403 -59.79 8.98 -17.95
C LEU D 403 -59.28 7.73 -18.67
N THR D 404 -60.05 7.20 -19.63
CA THR D 404 -59.67 5.96 -20.30
C THR D 404 -58.38 6.13 -21.10
N GLU D 405 -58.27 7.19 -21.88
CA GLU D 405 -57.06 7.40 -22.67
C GLU D 405 -55.84 7.63 -21.78
N LEU D 406 -56.05 8.26 -20.63
CA LEU D 406 -54.97 8.43 -19.67
C LEU D 406 -54.47 7.08 -19.17
N GLN D 407 -55.39 6.17 -18.85
CA GLN D 407 -54.96 4.85 -18.38
C GLN D 407 -54.28 4.01 -19.48
N LYS D 408 -54.49 4.36 -20.75
CA LYS D 408 -54.10 3.47 -21.86
C LYS D 408 -52.60 3.18 -21.85
N ARG D 409 -52.26 1.92 -22.00
CA ARG D 409 -50.88 1.53 -22.28
C ARG D 409 -50.51 1.95 -23.70
N GLU D 410 -49.25 2.33 -23.88
CA GLU D 410 -48.75 2.75 -25.19
C GLU D 410 -47.44 2.01 -25.48
N GLY D 411 -47.51 0.98 -26.31
CA GLY D 411 -46.34 0.18 -26.60
C GLY D 411 -45.86 -0.57 -25.37
N ARG D 412 -44.62 -0.34 -24.97
CA ARG D 412 -44.08 -0.92 -23.74
C ARG D 412 -44.24 0.00 -22.54
N LEU D 413 -44.99 1.09 -22.70
CA LEU D 413 -45.23 2.04 -21.63
C LEU D 413 -46.57 1.76 -20.97
N PHE D 414 -46.55 1.57 -19.66
CA PHE D 414 -47.76 1.45 -18.87
C PHE D 414 -47.86 2.66 -17.95
N PHE D 415 -49.08 2.95 -17.50
CA PHE D 415 -49.30 4.16 -16.73
C PHE D 415 -50.11 3.83 -15.48
N ALA D 416 -49.79 4.54 -14.40
CA ALA D 416 -50.35 4.23 -13.09
C ALA D 416 -50.33 5.49 -12.24
N GLY D 417 -51.20 5.50 -11.25
CA GLY D 417 -51.24 6.56 -10.26
C GLY D 417 -52.63 6.77 -9.75
N SER D 418 -52.72 7.33 -8.54
CA SER D 418 -54.00 7.75 -8.02
C SER D 418 -54.71 8.71 -8.97
N ASP D 419 -53.94 9.51 -9.72
CA ASP D 419 -54.54 10.48 -10.65
C ASP D 419 -55.39 9.83 -11.72
N MET D 420 -55.31 8.51 -11.90
CA MET D 420 -56.06 7.83 -12.96
C MET D 420 -56.71 6.54 -12.47
N ALA D 421 -57.03 6.48 -11.18
CA ALA D 421 -57.73 5.33 -10.62
C ALA D 421 -59.21 5.36 -10.98
N ASN D 422 -59.84 4.18 -10.97
CA ASN D 422 -61.27 4.09 -11.24
C ASN D 422 -62.08 4.47 -10.00
N GLY D 423 -61.61 4.10 -8.81
CA GLY D 423 -62.37 4.35 -7.59
C GLY D 423 -61.99 5.60 -6.83
N TRP D 424 -61.28 5.44 -5.72
CA TRP D 424 -60.85 6.58 -4.90
C TRP D 424 -59.68 7.31 -5.57
N ARG D 425 -59.93 7.76 -6.80
CA ARG D 425 -58.96 8.61 -7.47
C ARG D 425 -58.75 9.88 -6.67
N GLY D 426 -57.49 10.23 -6.46
CA GLY D 426 -57.12 11.33 -5.59
C GLY D 426 -56.70 10.91 -4.20
N PHE D 427 -56.90 9.64 -3.84
CA PHE D 427 -56.62 9.14 -2.51
C PHE D 427 -55.49 8.12 -2.54
N ILE D 428 -54.98 7.77 -1.36
CA ILE D 428 -54.00 6.70 -1.27
C ILE D 428 -54.59 5.41 -1.81
N ASP D 429 -55.83 5.10 -1.42
CA ASP D 429 -56.49 3.88 -1.90
C ASP D 429 -56.41 3.82 -3.42
N GLY D 430 -56.64 4.95 -4.09
CA GLY D 430 -56.57 4.96 -5.55
C GLY D 430 -55.21 4.59 -6.07
N ALA D 431 -54.15 5.09 -5.44
CA ALA D 431 -52.81 4.73 -5.85
C ALA D 431 -52.59 3.24 -5.73
N ILE D 432 -52.95 2.67 -4.57
CA ILE D 432 -52.72 1.23 -4.36
C ILE D 432 -53.49 0.42 -5.39
N GLU D 433 -54.77 0.76 -5.58
CA GLU D 433 -55.62 0.03 -6.52
C GLU D 433 -55.07 0.07 -7.93
N ASN D 434 -54.78 1.28 -8.43
CA ASN D 434 -54.32 1.41 -9.81
C ASN D 434 -52.96 0.74 -10.00
N GLY D 435 -52.05 0.91 -9.03
CA GLY D 435 -50.76 0.27 -9.14
C GLY D 435 -50.84 -1.24 -9.17
N ARG D 436 -51.75 -1.81 -8.37
CA ARG D 436 -51.93 -3.26 -8.39
C ARG D 436 -52.39 -3.72 -9.77
N GLU D 437 -53.42 -3.06 -10.31
CA GLU D 437 -53.92 -3.48 -11.62
C GLU D 437 -52.84 -3.39 -12.68
N VAL D 438 -52.12 -2.27 -12.70
CA VAL D 438 -51.14 -2.07 -13.76
C VAL D 438 -49.96 -3.03 -13.59
N GLY D 439 -49.56 -3.30 -12.35
CA GLY D 439 -48.52 -4.30 -12.13
C GLY D 439 -48.92 -5.68 -12.59
N HIS D 440 -50.17 -6.07 -12.32
CA HIS D 440 -50.62 -7.36 -12.83
C HIS D 440 -50.63 -7.38 -14.35
N GLN D 441 -51.05 -6.28 -14.98
CA GLN D 441 -51.05 -6.22 -16.43
C GLN D 441 -49.63 -6.36 -16.99
N VAL D 442 -48.67 -5.70 -16.35
CA VAL D 442 -47.29 -5.79 -16.82
C VAL D 442 -46.76 -7.21 -16.66
N ALA D 443 -47.05 -7.83 -15.51
CA ALA D 443 -46.60 -9.20 -15.31
C ALA D 443 -47.18 -10.13 -16.37
N THR D 444 -48.46 -9.97 -16.69
CA THR D 444 -49.06 -10.78 -17.75
C THR D 444 -48.38 -10.53 -19.08
N TYR D 445 -48.18 -9.26 -19.44
CA TYR D 445 -47.56 -8.93 -20.71
C TYR D 445 -46.18 -9.56 -20.84
N LEU D 446 -45.36 -9.44 -19.79
CA LEU D 446 -44.00 -9.96 -19.87
C LEU D 446 -43.98 -11.48 -19.86
N LYS D 447 -44.88 -12.11 -19.11
CA LYS D 447 -44.95 -13.57 -19.12
C LYS D 447 -45.36 -14.08 -20.50
N ARG D 448 -46.30 -13.39 -21.16
CA ARG D 448 -46.69 -13.78 -22.51
C ARG D 448 -45.49 -13.73 -23.46
N GLU D 449 -44.61 -12.76 -23.27
CA GLU D 449 -43.45 -12.62 -24.16
C GLU D 449 -42.45 -13.75 -23.98
N ASN D 450 -42.54 -14.49 -22.88
CA ASN D 450 -41.71 -15.68 -22.68
C ASN D 450 -42.47 -16.93 -23.11
PA FAD E . 50.95 -26.89 -9.05
O1A FAD E . 51.73 -27.44 -10.19
O2A FAD E . 51.72 -26.11 -8.00
O5B FAD E . 49.77 -26.04 -9.63
C5B FAD E . 49.08 -25.07 -8.82
C4B FAD E . 48.69 -23.91 -9.70
O4B FAD E . 47.86 -22.99 -8.96
C3B FAD E . 49.87 -23.09 -10.22
O3B FAD E . 49.72 -22.85 -11.62
C2B FAD E . 49.75 -21.76 -9.46
O2B FAD E . 50.24 -20.66 -10.24
C1B FAD E . 48.24 -21.68 -9.29
N9A FAD E . 47.77 -20.79 -8.25
C8A FAD E . 48.23 -20.67 -6.97
N7A FAD E . 47.59 -19.76 -6.26
C5A FAD E . 46.64 -19.27 -7.13
C6A FAD E . 45.63 -18.29 -7.00
N6A FAD E . 45.42 -17.61 -5.87
N1A FAD E . 44.85 -18.04 -8.07
C2A FAD E . 45.06 -18.72 -9.20
N3A FAD E . 45.97 -19.67 -9.44
C4A FAD E . 46.73 -19.89 -8.37
N1 FAD E . 57.56 -34.36 -9.79
C2 FAD E . 57.88 -35.50 -10.47
O2 FAD E . 57.05 -36.41 -10.64
N3 FAD E . 59.17 -35.66 -10.96
C4 FAD E . 60.19 -34.74 -10.85
O4 FAD E . 61.30 -34.98 -11.33
C4X FAD E . 59.83 -33.54 -10.13
N5 FAD E . 60.75 -32.61 -9.97
C5X FAD E . 60.41 -31.46 -9.28
C6 FAD E . 61.36 -30.46 -9.11
C7 FAD E . 61.07 -29.30 -8.42
C7M FAD E . 62.13 -28.24 -8.25
C8 FAD E . 59.79 -29.10 -7.89
C8M FAD E . 59.43 -27.84 -7.15
C9 FAD E . 58.83 -30.09 -8.07
C9A FAD E . 59.12 -31.26 -8.76
N10 FAD E . 58.17 -32.28 -8.97
C10 FAD E . 58.49 -33.44 -9.64
C1' FAD E . 56.80 -32.15 -8.44
C2' FAD E . 55.75 -31.73 -9.51
O2' FAD E . 56.23 -30.72 -10.39
C3' FAD E . 54.52 -31.19 -8.77
O3' FAD E . 54.28 -32.08 -7.67
C4' FAD E . 53.22 -31.04 -9.56
O4' FAD E . 53.51 -30.35 -10.76
C5' FAD E . 52.21 -30.27 -8.73
O5' FAD E . 51.04 -30.03 -9.54
P FAD E . 49.72 -29.47 -8.89
O1P FAD E . 48.74 -29.26 -10.03
O2P FAD E . 49.27 -30.35 -7.78
O3P FAD E . 50.15 -28.06 -8.32
H51A FAD E . 49.65 -24.77 -8.13
H52A FAD E . 48.31 -25.45 -8.43
H4B FAD E . 48.20 -24.22 -10.42
H3B FAD E . 50.67 -23.53 -10.02
HO3A FAD E . 48.91 -22.85 -11.82
H2B FAD E . 50.19 -21.79 -8.62
HO2A FAD E . 49.87 -20.67 -10.98
H1B FAD E . 47.85 -21.41 -10.10
H8A FAD E . 48.94 -21.17 -6.63
H61A FAD E . 44.79 -17.01 -5.85
H62A FAD E . 45.89 -17.77 -5.17
H2A FAD E . 44.50 -18.51 -9.91
HN3 FAD E . 59.33 -36.40 -11.39
H6 FAD E . 62.17 -30.72 -9.50
HM71 FAD E . 62.66 -28.45 -7.50
HM72 FAD E . 61.73 -27.41 -8.13
HM73 FAD E . 62.68 -28.22 -9.02
HM81 FAD E . 59.14 -27.19 -7.75
HM82 FAD E . 60.17 -27.54 -6.68
HM83 FAD E . 58.74 -28.04 -6.54
H9 FAD E . 58.20 -29.92 -7.40
H1'1 FAD E . 56.81 -31.51 -7.76
H1'2 FAD E . 56.55 -32.98 -8.09
H2' FAD E . 55.54 -32.49 -10.02
HO2' FAD E . 56.45 -30.05 -9.95
H3' FAD E . 54.73 -30.33 -8.48
HO3' FAD E . 54.23 -32.86 -7.96
H4' FAD E . 52.88 -31.88 -9.78
HO4' FAD E . 53.85 -29.62 -10.58
H5'1 FAD E . 52.59 -29.46 -8.46
H5'2 FAD E . 51.97 -30.77 -7.97
PA FAD F . -19.67 16.41 12.02
O1A FAD F . -19.98 15.48 10.90
O2A FAD F . -19.39 17.87 11.66
O5B FAD F . -20.81 16.43 13.07
C5B FAD F . -21.15 15.26 13.83
C4B FAD F . -22.59 14.83 13.58
O4B FAD F . -23.29 14.79 14.83
C3B FAD F . -23.40 15.73 12.65
O3B FAD F . -23.87 14.96 11.54
C2B FAD F . -24.54 16.24 13.52
O2B FAD F . -25.78 16.39 12.84
C1B FAD F . -24.64 15.13 14.58
N9A FAD F . -25.28 15.52 15.82
C8A FAD F . -25.11 16.69 16.53
N7A FAD F . -25.86 16.75 17.61
C5A FAD F . -26.57 15.57 17.61
C6A FAD F . -27.53 15.02 18.47
N6A FAD F . -27.97 15.64 19.59
N1A FAD F . -28.04 13.81 18.18
C2A FAD F . -27.62 13.18 17.07
N3A FAD F . -26.72 13.59 16.19
C4A FAD F . -26.24 14.79 16.50
N1 FAD F . -12.38 19.96 6.06
C2 FAD F . -11.48 19.64 5.09
O2 FAD F . -10.66 18.71 5.24
N3 FAD F . -11.47 20.35 3.91
C4 FAD F . -12.31 21.40 3.59
O4 FAD F . -12.21 21.98 2.51
C4X FAD F . -13.26 21.74 4.63
N5 FAD F . -14.10 22.72 4.42
C5X FAD F . -15.01 23.03 5.42
C6 FAD F . -15.91 24.08 5.21
C7 FAD F . -16.84 24.43 6.17
C7M FAD F . -17.79 25.56 5.92
C8 FAD F . -16.88 23.71 7.39
C8M FAD F . -17.87 24.07 8.47
C9 FAD F . -15.99 22.68 7.60
C9A FAD F . -15.06 22.33 6.64
N10 FAD F . -14.15 21.26 6.82
C10 FAD F . -13.23 20.94 5.84
C1' FAD F . -14.15 20.49 8.06
C2' FAD F . -14.94 19.17 7.97
O2' FAD F . -16.22 19.37 7.37
C3' FAD F . -15.15 18.61 9.38
O3' FAD F . -13.91 18.70 10.06
C4' FAD F . -15.67 17.19 9.50
O4' FAD F . -16.75 17.00 8.58
C5' FAD F . -16.12 16.91 10.91
O5' FAD F . -16.75 15.62 10.97
P FAD F . -17.20 14.97 12.34
O1P FAD F . -17.73 13.57 12.08
O2P FAD F . -16.08 15.05 13.34
O3P FAD F . -18.40 15.89 12.83
H51A FAD F . -21.04 15.43 14.74
H52A FAD F . -20.58 14.56 13.58
H4B FAD F . -22.59 13.97 13.20
H3B FAD F . -22.89 16.47 12.36
HO3A FAD F . -23.24 14.53 11.21
H2B FAD F . -24.30 17.05 13.91
HO2A FAD F . -26.01 15.67 12.51
H1B FAD F . -25.10 14.39 14.24
H8A FAD F . -24.52 17.36 16.28
H61A FAD F . -27.69 16.44 19.78
H62A FAD F . -28.55 15.24 20.10
H2A FAD F . -28.01 12.35 16.92
HN3 FAD F . -10.89 20.12 3.31
H6 FAD F . -15.77 24.45 4.37
HM71 FAD F . -17.43 26.36 6.25
HM72 FAD F . -18.61 25.38 6.34
HM73 FAD F . -17.94 25.65 4.99
HM81 FAD F . -17.53 23.81 9.30
HM82 FAD F . -18.68 23.64 8.30
HM83 FAD F . -18.02 25.00 8.46
H9 FAD F . -15.98 22.59 8.53
H1'1 FAD F . -14.52 21.02 8.74
H1'2 FAD F . -13.26 20.28 8.27
H2' FAD F . -14.45 18.56 7.45
HO2' FAD F . -16.65 19.92 7.80
H3' FAD F . -15.80 19.16 9.78
HO3' FAD F . -13.80 19.46 10.38
H4' FAD F . -15.00 16.58 9.27
HO4' FAD F . -16.49 17.19 7.82
H5'1 FAD F . -16.74 17.56 11.19
H5'2 FAD F . -15.38 16.92 11.49
PA FAD G . 6.33 -9.98 0.99
O1A FAD G . 6.53 -9.32 2.30
O2A FAD G . 7.59 -10.41 0.23
O5B FAD G . 5.34 -11.17 1.23
C5B FAD G . 5.17 -12.21 0.26
C4B FAD G . 4.85 -13.47 1.03
O4B FAD G . 4.56 -14.55 0.12
C3B FAD G . 5.99 -13.96 1.93
O3B FAD G . 5.50 -14.18 3.25
C2B FAD G . 6.46 -15.26 1.25
O2B FAD G . 6.93 -16.19 2.22
C1B FAD G . 5.16 -15.72 0.60
N9A FAD G . 5.29 -16.65 -0.52
C8A FAD G . 6.06 -16.51 -1.64
N7A FAD G . 5.93 -17.52 -2.48
C5A FAD G . 5.01 -18.35 -1.88
C6A FAD G . 4.44 -19.58 -2.26
N6A FAD G . 4.73 -20.22 -3.40
N1A FAD G . 3.54 -20.14 -1.41
C2A FAD G . 3.24 -19.52 -0.27
N3A FAD G . 3.72 -18.36 0.18
C4A FAD G . 4.59 -17.82 -0.66
N1 FAD G . 10.06 -1.00 3.37
C2 FAD G . 9.89 0.17 4.06
O2 FAD G . 8.84 0.83 3.96
N3 FAD G . 10.90 0.64 4.88
C4 FAD G . 12.12 0.03 5.10
O4 FAD G . 12.94 0.53 5.86
C4X FAD G . 12.29 -1.21 4.35
N5 FAD G . 13.42 -1.85 4.50
C5X FAD G . 13.58 -3.03 3.79
C6 FAD G . 14.77 -3.73 3.92
C7 FAD G . 14.99 -4.92 3.24
C7M FAD G . 16.31 -5.65 3.41
C8 FAD G . 14.00 -5.42 2.39
C8M FAD G . 14.21 -6.71 1.63
C9 FAD G . 12.80 -4.73 2.25
C9A FAD G . 12.59 -3.55 2.94
N10 FAD G . 11.38 -2.82 2.83
C10 FAD G . 11.20 -1.64 3.52
C1' FAD G . 10.30 -3.28 1.97
C2' FAD G . 9.17 -4.05 2.72
O2' FAD G . 9.69 -4.94 3.71
C3' FAD G . 8.38 -4.87 1.71
O3' FAD G . 8.28 -4.10 0.51
C4' FAD G . 6.98 -5.34 2.08
O4' FAD G . 7.04 -6.12 3.27
C5' FAD G . 6.40 -6.12 0.93
O5' FAD G . 5.37 -7.01 1.42
P FAD G . 4.52 -7.87 0.44
O1P FAD G . 3.35 -8.45 1.24
O2P FAD G . 4.24 -7.01 -0.75
O3P FAD G . 5.47 -9.05 0.04
H51A FAD G . 5.96 -12.32 -0.24
H52A FAD G . 4.47 -12.00 -0.32
H4B FAD G . 4.09 -13.34 1.55
H3B FAD G . 6.70 -13.35 1.93
HO3A FAD G . 4.74 -14.53 3.22
H2B FAD G . 7.11 -15.09 0.60
HO2A FAD G . 6.27 -16.58 2.56
H1B FAD G . 4.63 -16.14 1.26
H8A FAD G . 6.63 -15.80 -1.79
H61A FAD G . 4.24 -20.88 -3.65
H62A FAD G . 5.40 -19.96 -3.88
H2A FAD G . 2.62 -19.95 0.27
HN3 FAD G . 10.74 1.38 5.31
H6 FAD G . 15.34 -3.28 4.51
HM71 FAD G . 16.22 -6.29 4.08
HM72 FAD G . 16.98 -5.03 3.65
HM73 FAD G . 16.55 -6.06 2.60
HM81 FAD G . 13.38 -7.16 1.54
HM82 FAD G . 14.81 -7.25 2.09
HM83 FAD G . 14.55 -6.51 0.77
H9 FAD G . 12.45 -5.05 1.45
H1'1 FAD G . 10.66 -3.86 1.31
H1'2 FAD G . 9.92 -2.54 1.54
H2' FAD G . 8.62 -3.41 3.14
HO2' FAD G . 10.08 -4.49 4.30
H3' FAD G . 8.88 -5.66 1.57
HO3' FAD G . 8.11 -4.58 -0.15
H4' FAD G . 6.42 -4.60 2.28
HO4' FAD G . 7.44 -6.82 3.10
H5'1 FAD G . 7.08 -6.64 0.53
H5'2 FAD G . 6.02 -5.54 0.30
PA FAD H . -47.35 10.18 -5.95
O1A FAD H . -47.64 11.63 -6.04
O2A FAD H . -47.50 9.63 -4.52
O5B FAD H . -45.83 9.93 -6.30
C5B FAD H . -45.37 9.83 -7.66
C4B FAD H . -43.86 9.73 -7.54
O4B FAD H . -43.23 10.04 -8.80
C3B FAD H . -43.24 10.67 -6.50
O3B FAD H . -42.48 9.95 -5.53
C2B FAD H . -42.33 11.59 -7.32
O2B FAD H . -41.14 11.99 -6.68
C1B FAD H . -42.01 10.69 -8.51
N9A FAD H . -41.53 11.37 -9.70
C8A FAD H . -42.06 12.47 -10.33
N7A FAD H . -41.38 12.87 -11.38
C5A FAD H . -40.31 11.97 -11.44
C6A FAD H . -39.23 11.84 -12.32
N6A FAD H . -39.02 12.64 -13.37
N1A FAD H . -38.36 10.84 -12.10
C2A FAD H . -38.56 10.02 -11.06
N3A FAD H . -39.55 10.05 -10.16
C4A FAD H . -40.40 11.05 -10.41
N1 FAD H . -55.13 10.71 0.06
C2 FAD H . -55.88 10.03 0.97
O2 FAD H . -56.33 8.89 0.73
N3 FAD H . -56.16 10.59 2.21
C4 FAD H . -55.74 11.84 2.64
O4 FAD H . -56.05 12.25 3.75
C4X FAD H . -54.94 12.55 1.65
N5 FAD H . -54.50 13.75 1.99
C5X FAD H . -53.75 14.43 1.05
C6 FAD H . -53.28 15.70 1.39
C7 FAD H . -52.52 16.44 0.49
C7M FAD H . -52.03 17.80 0.90
C8 FAD H . -52.21 15.90 -0.77
C8M FAD H . -51.38 16.67 -1.75
C9 FAD H . -52.67 14.64 -1.10
C9A FAD H . -53.44 13.90 -0.20
N10 FAD H . -53.93 12.60 -0.51
C10 FAD H . -54.69 11.91 0.40
C1' FAD H . -53.65 11.99 -1.81
C2' FAD H . -52.48 10.97 -1.78
O2' FAD H . -51.35 11.48 -1.05
C3' FAD H . -52.04 10.70 -3.22
O3' FAD H . -53.21 10.68 -4.03
C4' FAD H . -51.26 9.42 -3.49
O4' FAD H . -50.10 9.42 -2.65
C5' FAD H . -50.90 9.31 -4.94
O5' FAD H . -49.74 8.46 -5.08
P FAD H . -49.15 8.07 -6.49
O1P FAD H . -48.17 6.92 -6.27
O2P FAD H . -50.24 7.84 -7.49
O3P FAD H . -48.31 9.36 -6.92
H51A FAD H . -45.61 10.60 -8.15
H52A FAD H . -45.72 9.08 -8.08
H4B FAD H . -43.62 8.84 -7.33
H3B FAD H . -43.94 11.16 -6.09
HO3A FAD H . -43.00 9.50 -5.05
H2B FAD H . -42.82 12.36 -7.57
HO2A FAD H . -40.93 11.41 -6.11
H1B FAD H . -41.37 10.06 -8.28
H8A FAD H . -42.84 12.89 -10.04
H61A FAD H . -39.46 13.39 -13.44
H62A FAD H . -38.43 12.43 -13.97
H2A FAD H . -37.93 9.34 -10.95
HN3 FAD H . -56.64 10.11 2.76
H6 FAD H . -53.56 15.92 2.25
HM71 FAD H . -51.17 17.94 0.54
HM72 FAD H . -51.98 17.86 1.83
HM73 FAD H . -52.61 18.46 0.57
HM81 FAD H . -51.58 17.59 -1.67
HM82 FAD H . -51.58 16.39 -2.62
HM83 FAD H . -50.48 16.53 -1.58
H9 FAD H . -52.64 14.63 -2.03
H1'1 FAD H . -53.44 12.67 -2.42
H1'2 FAD H . -54.42 11.54 -2.09
H2' FAD H . -52.76 10.19 -1.36
HO2' FAD H . -51.62 11.80 -0.33
H3' FAD H . -51.47 11.41 -3.47
HO3' FAD H . -53.61 9.97 -3.92
H4' FAD H . -51.76 8.66 -3.25
HO4' FAD H . -49.77 10.18 -2.63
H5'1 FAD H . -51.62 8.93 -5.43
H5'2 FAD H . -50.71 10.17 -5.29
#